data_2Y4Q
#
_entry.id   2Y4Q
#
_cell.length_a   1.000
_cell.length_b   1.000
_cell.length_c   1.000
_cell.angle_alpha   90.00
_cell.angle_beta   90.00
_cell.angle_gamma   90.00
#
_symmetry.space_group_name_H-M   'P 1'
#
loop_
_entity.id
_entity.type
_entity.pdbx_description
1 polymer POLYCYSTIN-2
2 non-polymer 'CALCIUM ION'
#
_entity_poly.entity_id   1
_entity_poly.type   'polypeptide(L)'
_entity_poly.pdbx_seq_one_letter_code
;GGSLKKNTVDDISESLRQGGGKLNFDELRQDLKGKGHTDAEIEAIFTKYDQDGDQELTEHEHQQMRDDLEKEREDLDLD
;
_entity_poly.pdbx_strand_id   A
#
# COMPACT_ATOMS: atom_id res chain seq x y z
N GLY A 1 8.01 11.62 5.70
CA GLY A 1 8.56 12.01 7.02
C GLY A 1 9.57 11.01 7.54
N GLY A 2 9.16 9.74 7.60
CA GLY A 2 10.05 8.70 8.09
C GLY A 2 10.32 7.63 7.05
N SER A 3 9.34 6.75 6.85
CA SER A 3 9.48 5.67 5.87
C SER A 3 8.25 5.61 4.96
N LEU A 4 7.07 5.54 5.57
CA LEU A 4 5.82 5.48 4.82
C LEU A 4 4.83 6.51 5.35
N LYS A 5 3.95 6.99 4.48
CA LYS A 5 2.95 7.97 4.86
C LYS A 5 1.57 7.33 5.00
N LYS A 6 0.91 7.61 6.12
CA LYS A 6 -0.41 7.07 6.39
C LYS A 6 -1.40 7.44 5.27
N ASN A 7 -1.14 8.56 4.61
CA ASN A 7 -1.98 9.03 3.53
C ASN A 7 -1.95 8.06 2.34
N THR A 8 -0.76 7.54 2.04
CA THR A 8 -0.60 6.61 0.94
C THR A 8 -1.41 5.34 1.17
N VAL A 9 -1.26 4.77 2.36
CA VAL A 9 -1.97 3.55 2.72
C VAL A 9 -3.48 3.70 2.53
N ASP A 10 -3.99 4.87 2.86
CA ASP A 10 -5.41 5.14 2.72
C ASP A 10 -5.85 5.00 1.26
N ASP A 11 -5.00 5.47 0.35
CA ASP A 11 -5.30 5.41 -1.08
C ASP A 11 -5.26 3.96 -1.56
N ILE A 12 -4.24 3.23 -1.14
CA ILE A 12 -4.08 1.83 -1.53
C ILE A 12 -5.14 0.95 -0.85
N SER A 13 -5.43 1.28 0.41
CA SER A 13 -6.41 0.52 1.18
C SER A 13 -7.80 0.59 0.55
N GLU A 14 -8.23 1.79 0.20
CA GLU A 14 -9.54 1.98 -0.40
C GLU A 14 -9.67 1.22 -1.71
N SER A 15 -8.67 1.36 -2.58
CA SER A 15 -8.68 0.67 -3.87
C SER A 15 -8.64 -0.84 -3.69
N LEU A 16 -7.96 -1.30 -2.65
CA LEU A 16 -7.86 -2.73 -2.38
C LEU A 16 -9.19 -3.30 -1.93
N ARG A 17 -9.92 -2.52 -1.15
CA ARG A 17 -11.23 -2.95 -0.65
C ARG A 17 -12.24 -3.06 -1.78
N GLN A 18 -12.09 -2.22 -2.79
CA GLN A 18 -12.99 -2.23 -3.94
C GLN A 18 -12.79 -3.48 -4.80
N GLY A 19 -11.54 -3.96 -4.84
CA GLY A 19 -11.24 -5.14 -5.62
C GLY A 19 -11.49 -6.44 -4.87
N GLY A 20 -11.74 -6.34 -3.56
CA GLY A 20 -12.00 -7.52 -2.76
C GLY A 20 -10.78 -7.95 -1.97
N GLY A 21 -10.06 -6.98 -1.40
CA GLY A 21 -8.89 -7.29 -0.60
C GLY A 21 -7.77 -7.95 -1.41
N LYS A 22 -7.92 -7.95 -2.74
CA LYS A 22 -6.91 -8.55 -3.60
C LYS A 22 -6.91 -7.91 -4.99
N LEU A 23 -5.73 -7.51 -5.45
CA LEU A 23 -5.59 -6.88 -6.76
C LEU A 23 -4.18 -7.05 -7.29
N ASN A 24 -4.04 -7.00 -8.62
CA ASN A 24 -2.74 -7.14 -9.26
C ASN A 24 -2.13 -5.79 -9.57
N PHE A 25 -0.84 -5.80 -9.92
CA PHE A 25 -0.12 -4.57 -10.24
C PHE A 25 -0.89 -3.69 -11.21
N ASP A 26 -1.43 -4.30 -12.25
CA ASP A 26 -2.17 -3.57 -13.28
C ASP A 26 -3.47 -2.96 -12.76
N GLU A 27 -4.24 -3.74 -12.03
CA GLU A 27 -5.53 -3.25 -11.52
C GLU A 27 -5.39 -2.20 -10.44
N LEU A 28 -4.50 -2.44 -9.48
CA LEU A 28 -4.28 -1.48 -8.41
C LEU A 28 -3.68 -0.20 -8.96
N ARG A 29 -2.73 -0.36 -9.88
CA ARG A 29 -2.07 0.78 -10.49
C ARG A 29 -3.06 1.66 -11.24
N GLN A 30 -3.96 1.03 -12.02
CA GLN A 30 -4.95 1.81 -12.77
C GLN A 30 -5.84 2.56 -11.80
N ASP A 31 -6.22 1.88 -10.71
CA ASP A 31 -7.06 2.48 -9.68
C ASP A 31 -6.28 3.59 -8.96
N LEU A 32 -4.97 3.40 -8.88
CA LEU A 32 -4.08 4.36 -8.23
C LEU A 32 -3.83 5.56 -9.16
N LYS A 33 -3.61 5.26 -10.44
CA LYS A 33 -3.34 6.31 -11.41
C LYS A 33 -4.55 7.23 -11.55
N GLY A 34 -5.75 6.65 -11.51
CA GLY A 34 -6.96 7.44 -11.62
C GLY A 34 -7.17 8.36 -10.43
N LYS A 35 -6.39 8.14 -9.36
CA LYS A 35 -6.50 8.95 -8.15
C LYS A 35 -5.43 10.04 -8.12
N GLY A 36 -4.45 9.94 -9.03
CA GLY A 36 -3.39 10.93 -9.07
C GLY A 36 -2.04 10.39 -8.64
N HIS A 37 -1.99 9.09 -8.36
CA HIS A 37 -0.75 8.46 -7.92
C HIS A 37 0.17 8.21 -9.11
N THR A 38 1.43 8.58 -8.96
CA THR A 38 2.42 8.40 -10.02
C THR A 38 2.91 6.96 -10.08
N ASP A 39 3.31 6.52 -11.26
CA ASP A 39 3.81 5.15 -11.45
C ASP A 39 5.00 4.88 -10.55
N ALA A 40 5.88 5.86 -10.42
CA ALA A 40 7.08 5.72 -9.58
C ALA A 40 6.70 5.44 -8.14
N GLU A 41 5.77 6.23 -7.62
CA GLU A 41 5.32 6.06 -6.24
C GLU A 41 4.65 4.71 -6.04
N ILE A 42 3.81 4.32 -7.00
CA ILE A 42 3.11 3.05 -6.94
C ILE A 42 4.08 1.88 -7.04
N GLU A 43 5.07 2.01 -7.92
CA GLU A 43 6.06 0.95 -8.10
C GLU A 43 6.90 0.76 -6.85
N ALA A 44 7.19 1.86 -6.15
CA ALA A 44 7.98 1.78 -4.93
C ALA A 44 7.18 1.05 -3.85
N ILE A 45 5.94 1.49 -3.67
CA ILE A 45 5.05 0.89 -2.69
C ILE A 45 4.81 -0.58 -3.02
N PHE A 46 4.55 -0.85 -4.30
CA PHE A 46 4.29 -2.20 -4.77
C PHE A 46 5.52 -3.09 -4.64
N THR A 47 6.69 -2.56 -5.02
CA THR A 47 7.92 -3.32 -4.92
C THR A 47 8.29 -3.55 -3.47
N LYS A 48 8.15 -2.48 -2.69
CA LYS A 48 8.46 -2.52 -1.27
C LYS A 48 7.68 -3.60 -0.54
N TYR A 49 6.38 -3.66 -0.79
CA TYR A 49 5.53 -4.63 -0.13
C TYR A 49 5.50 -5.97 -0.88
N ASP A 50 5.52 -5.93 -2.22
CA ASP A 50 5.48 -7.17 -3.02
C ASP A 50 6.80 -7.95 -2.87
N GLN A 51 7.09 -8.38 -1.65
CA GLN A 51 8.32 -9.14 -1.38
C GLN A 51 8.33 -10.46 -2.13
N ASP A 52 7.14 -11.00 -2.42
CA ASP A 52 7.03 -12.27 -3.13
C ASP A 52 7.29 -12.10 -4.63
N GLY A 53 7.34 -10.84 -5.08
CA GLY A 53 7.58 -10.57 -6.49
C GLY A 53 6.58 -11.25 -7.40
N ASP A 54 5.36 -11.43 -6.90
CA ASP A 54 4.30 -12.08 -7.70
C ASP A 54 3.49 -11.04 -8.47
N GLN A 55 3.98 -9.80 -8.50
CA GLN A 55 3.29 -8.72 -9.20
C GLN A 55 1.84 -8.60 -8.76
N GLU A 56 1.56 -8.96 -7.52
CA GLU A 56 0.20 -8.89 -6.99
C GLU A 56 0.20 -8.49 -5.51
N LEU A 57 -0.69 -7.57 -5.16
CA LEU A 57 -0.82 -7.11 -3.78
C LEU A 57 -2.10 -7.67 -3.17
N THR A 58 -1.97 -8.33 -2.03
CA THR A 58 -3.12 -8.93 -1.36
C THR A 58 -3.32 -8.36 0.04
N GLU A 59 -4.46 -8.72 0.63
CA GLU A 59 -4.81 -8.25 1.98
C GLU A 59 -3.65 -8.49 2.95
N HIS A 60 -2.89 -9.56 2.71
CA HIS A 60 -1.75 -9.90 3.57
C HIS A 60 -0.66 -8.84 3.45
N GLU A 61 -0.29 -8.51 2.22
CA GLU A 61 0.75 -7.52 1.96
C GLU A 61 0.31 -6.15 2.49
N HIS A 62 -0.96 -5.82 2.29
CA HIS A 62 -1.48 -4.54 2.75
C HIS A 62 -1.47 -4.46 4.28
N GLN A 63 -1.71 -5.60 4.93
CA GLN A 63 -1.72 -5.66 6.39
C GLN A 63 -0.40 -5.15 6.95
N GLN A 64 0.70 -5.59 6.34
CA GLN A 64 2.03 -5.18 6.79
C GLN A 64 2.19 -3.67 6.68
N MET A 65 1.50 -3.08 5.71
CA MET A 65 1.56 -1.64 5.50
C MET A 65 1.14 -0.88 6.76
N ARG A 66 -0.03 -1.22 7.29
CA ARG A 66 -0.53 -0.57 8.50
C ARG A 66 0.38 -0.84 9.69
N ASP A 67 0.87 -2.07 9.78
CA ASP A 67 1.75 -2.46 10.89
C ASP A 67 3.08 -1.72 10.81
N ASP A 68 3.66 -1.69 9.62
CA ASP A 68 4.94 -1.02 9.40
C ASP A 68 4.82 0.48 9.64
N LEU A 69 3.66 1.04 9.35
CA LEU A 69 3.42 2.46 9.53
C LEU A 69 3.34 2.84 11.01
N GLU A 70 2.74 1.95 11.81
CA GLU A 70 2.58 2.20 13.24
C GLU A 70 3.87 2.01 14.02
N LYS A 71 4.71 1.07 13.61
CA LYS A 71 5.96 0.82 14.32
C LYS A 71 6.91 2.02 14.19
N GLU A 72 6.70 2.81 13.14
CA GLU A 72 7.53 3.99 12.88
C GLU A 72 6.88 5.26 13.40
N ARG A 73 5.64 5.48 12.98
CA ARG A 73 4.90 6.67 13.38
C ARG A 73 4.06 6.45 14.63
N GLU A 74 4.20 5.28 15.26
CA GLU A 74 3.43 4.98 16.47
C GLU A 74 4.28 4.20 17.47
N ASP A 75 3.98 4.41 18.76
CA ASP A 75 4.70 3.75 19.84
C ASP A 75 6.11 4.33 20.04
N LEU A 76 6.48 5.29 19.20
CA LEU A 76 7.80 5.93 19.30
C LEU A 76 7.86 7.21 18.48
N ASP A 77 8.92 7.97 18.68
CA ASP A 77 9.11 9.23 17.96
C ASP A 77 10.57 9.66 17.99
N LEU A 78 10.98 10.27 19.10
CA LEU A 78 12.36 10.74 19.25
C LEU A 78 13.27 9.60 19.72
N ASP A 79 12.67 8.52 20.22
CA ASP A 79 13.43 7.38 20.70
C ASP A 79 14.41 7.80 21.80
N GLY A 1 12.00 11.60 8.81
CA GLY A 1 11.84 10.74 10.03
C GLY A 1 10.67 9.78 9.90
N GLY A 2 10.81 8.79 9.02
CA GLY A 2 9.76 7.82 8.82
C GLY A 2 10.11 6.79 7.77
N SER A 3 9.14 5.94 7.43
CA SER A 3 9.36 4.90 6.43
C SER A 3 8.29 4.96 5.35
N LEU A 4 7.04 5.06 5.78
CA LEU A 4 5.92 5.13 4.85
C LEU A 4 4.95 6.24 5.27
N LYS A 5 4.20 6.74 4.30
CA LYS A 5 3.23 7.81 4.56
C LYS A 5 1.82 7.24 4.65
N LYS A 6 1.11 7.60 5.72
CA LYS A 6 -0.25 7.13 5.93
C LYS A 6 -1.15 7.48 4.73
N ASN A 7 -0.77 8.53 4.01
CA ASN A 7 -1.53 8.97 2.85
C ASN A 7 -1.58 7.87 1.79
N THR A 8 -0.42 7.32 1.47
CA THR A 8 -0.32 6.28 0.46
C THR A 8 -1.18 5.08 0.85
N VAL A 9 -1.06 4.66 2.10
CA VAL A 9 -1.81 3.51 2.58
C VAL A 9 -3.31 3.71 2.36
N ASP A 10 -3.80 4.91 2.63
CA ASP A 10 -5.22 5.20 2.46
C ASP A 10 -5.69 4.99 1.02
N ASP A 11 -4.94 5.49 0.04
CA ASP A 11 -5.33 5.32 -1.36
C ASP A 11 -5.32 3.86 -1.74
N ILE A 12 -4.32 3.14 -1.27
CA ILE A 12 -4.21 1.71 -1.55
C ILE A 12 -5.27 0.94 -0.79
N SER A 13 -5.55 1.37 0.44
CA SER A 13 -6.54 0.71 1.29
C SER A 13 -7.91 0.66 0.63
N GLU A 14 -8.36 1.80 0.10
CA GLU A 14 -9.67 1.84 -0.55
C GLU A 14 -9.68 1.03 -1.84
N SER A 15 -8.68 1.28 -2.68
CA SER A 15 -8.58 0.59 -3.96
C SER A 15 -8.55 -0.93 -3.80
N LEU A 16 -7.89 -1.40 -2.74
CA LEU A 16 -7.79 -2.83 -2.48
C LEU A 16 -9.14 -3.42 -2.09
N ARG A 17 -9.91 -2.64 -1.34
CA ARG A 17 -11.22 -3.07 -0.88
C ARG A 17 -12.21 -3.20 -2.05
N GLN A 18 -12.04 -2.36 -3.06
CA GLN A 18 -12.91 -2.37 -4.22
C GLN A 18 -12.86 -3.72 -4.92
N GLY A 19 -11.68 -4.32 -4.98
CA GLY A 19 -11.51 -5.60 -5.63
C GLY A 19 -11.59 -6.77 -4.67
N GLY A 20 -11.93 -6.50 -3.41
CA GLY A 20 -12.01 -7.56 -2.44
C GLY A 20 -10.69 -7.81 -1.73
N GLY A 21 -10.07 -6.74 -1.25
CA GLY A 21 -8.80 -6.86 -0.55
C GLY A 21 -7.76 -7.63 -1.35
N LYS A 22 -7.93 -7.67 -2.67
CA LYS A 22 -6.99 -8.39 -3.53
C LYS A 22 -6.99 -7.79 -4.94
N LEU A 23 -5.80 -7.42 -5.41
CA LEU A 23 -5.67 -6.85 -6.74
C LEU A 23 -4.24 -7.01 -7.27
N ASN A 24 -4.10 -6.97 -8.58
CA ASN A 24 -2.78 -7.12 -9.22
C ASN A 24 -2.15 -5.76 -9.52
N PHE A 25 -0.88 -5.79 -9.89
CA PHE A 25 -0.14 -4.57 -10.21
C PHE A 25 -0.92 -3.66 -11.15
N ASP A 26 -1.44 -4.26 -12.22
CA ASP A 26 -2.18 -3.51 -13.23
C ASP A 26 -3.50 -2.92 -12.70
N GLU A 27 -4.25 -3.71 -11.95
CA GLU A 27 -5.55 -3.26 -11.43
C GLU A 27 -5.39 -2.20 -10.35
N LEU A 28 -4.49 -2.42 -9.41
CA LEU A 28 -4.28 -1.46 -8.34
C LEU A 28 -3.68 -0.18 -8.91
N ARG A 29 -2.78 -0.35 -9.86
CA ARG A 29 -2.13 0.78 -10.49
C ARG A 29 -3.14 1.67 -11.21
N GLN A 30 -4.04 1.05 -12.00
CA GLN A 30 -5.05 1.82 -12.72
C GLN A 30 -5.93 2.56 -11.71
N ASP A 31 -6.29 1.88 -10.64
CA ASP A 31 -7.10 2.47 -9.58
C ASP A 31 -6.33 3.57 -8.87
N LEU A 32 -5.01 3.40 -8.82
CA LEU A 32 -4.13 4.36 -8.18
C LEU A 32 -3.88 5.55 -9.12
N LYS A 33 -3.74 5.26 -10.40
CA LYS A 33 -3.47 6.30 -11.38
C LYS A 33 -4.66 7.27 -11.45
N GLY A 34 -5.86 6.74 -11.36
CA GLY A 34 -7.04 7.57 -11.41
C GLY A 34 -7.19 8.44 -10.17
N LYS A 35 -6.44 8.12 -9.13
CA LYS A 35 -6.49 8.88 -7.88
C LYS A 35 -5.48 10.02 -7.88
N GLY A 36 -4.55 9.99 -8.82
CA GLY A 36 -3.55 11.04 -8.91
C GLY A 36 -2.16 10.57 -8.48
N HIS A 37 -2.03 9.27 -8.21
CA HIS A 37 -0.75 8.70 -7.80
C HIS A 37 0.11 8.38 -9.03
N THR A 38 1.41 8.65 -8.91
CA THR A 38 2.33 8.40 -10.02
C THR A 38 2.87 6.97 -9.98
N ASP A 39 3.43 6.54 -11.10
CA ASP A 39 3.98 5.19 -11.23
C ASP A 39 5.13 4.98 -10.25
N ALA A 40 5.91 6.03 -10.03
CA ALA A 40 7.05 5.95 -9.12
C ALA A 40 6.62 5.55 -7.71
N GLU A 41 5.59 6.23 -7.21
CA GLU A 41 5.07 5.96 -5.88
C GLU A 41 4.42 4.59 -5.82
N ILE A 42 3.66 4.25 -6.84
CA ILE A 42 2.97 2.96 -6.90
C ILE A 42 3.96 1.81 -7.01
N GLU A 43 4.98 1.99 -7.84
CA GLU A 43 6.00 0.95 -8.04
C GLU A 43 6.84 0.76 -6.80
N ALA A 44 7.14 1.85 -6.10
CA ALA A 44 7.94 1.76 -4.89
C ALA A 44 7.18 0.99 -3.81
N ILE A 45 5.94 1.39 -3.59
CA ILE A 45 5.08 0.74 -2.61
C ILE A 45 4.89 -0.73 -2.97
N PHE A 46 4.62 -0.98 -4.25
CA PHE A 46 4.39 -2.32 -4.73
C PHE A 46 5.64 -3.20 -4.63
N THR A 47 6.79 -2.64 -5.00
CA THR A 47 8.04 -3.40 -4.92
C THR A 47 8.42 -3.66 -3.47
N LYS A 48 8.29 -2.61 -2.66
CA LYS A 48 8.63 -2.69 -1.25
C LYS A 48 7.85 -3.81 -0.55
N TYR A 49 6.54 -3.85 -0.79
CA TYR A 49 5.70 -4.86 -0.16
C TYR A 49 5.66 -6.17 -0.96
N ASP A 50 5.71 -6.09 -2.29
CA ASP A 50 5.66 -7.29 -3.12
C ASP A 50 6.96 -8.10 -2.99
N GLN A 51 7.22 -8.58 -1.77
CA GLN A 51 8.42 -9.36 -1.49
C GLN A 51 8.47 -10.61 -2.38
N ASP A 52 7.32 -11.28 -2.53
CA ASP A 52 7.24 -12.49 -3.34
C ASP A 52 7.37 -12.16 -4.83
N GLY A 53 7.27 -10.88 -5.17
CA GLY A 53 7.38 -10.47 -6.56
C GLY A 53 6.39 -11.18 -7.47
N ASP A 54 5.18 -11.40 -6.97
CA ASP A 54 4.15 -12.07 -7.75
C ASP A 54 3.33 -11.07 -8.57
N GLN A 55 3.80 -9.82 -8.62
CA GLN A 55 3.12 -8.77 -9.36
C GLN A 55 1.68 -8.61 -8.89
N GLU A 56 1.42 -8.93 -7.63
CA GLU A 56 0.08 -8.81 -7.08
C GLU A 56 0.11 -8.42 -5.60
N LEU A 57 -0.75 -7.47 -5.24
CA LEU A 57 -0.85 -7.01 -3.87
C LEU A 57 -2.11 -7.57 -3.23
N THR A 58 -1.96 -8.25 -2.09
CA THR A 58 -3.09 -8.85 -1.40
C THR A 58 -3.27 -8.30 0.00
N GLU A 59 -4.39 -8.65 0.62
CA GLU A 59 -4.72 -8.20 1.96
C GLU A 59 -3.53 -8.42 2.91
N HIS A 60 -2.78 -9.48 2.66
CA HIS A 60 -1.61 -9.80 3.48
C HIS A 60 -0.54 -8.72 3.33
N GLU A 61 -0.23 -8.37 2.10
CA GLU A 61 0.79 -7.35 1.82
C GLU A 61 0.35 -6.00 2.39
N HIS A 62 -0.92 -5.67 2.21
CA HIS A 62 -1.47 -4.41 2.70
C HIS A 62 -1.38 -4.35 4.22
N GLN A 63 -1.58 -5.50 4.87
CA GLN A 63 -1.53 -5.58 6.33
C GLN A 63 -0.18 -5.06 6.84
N GLN A 64 0.87 -5.33 6.08
CA GLN A 64 2.22 -4.89 6.43
C GLN A 64 2.27 -3.37 6.57
N MET A 65 1.52 -2.68 5.71
CA MET A 65 1.47 -1.23 5.73
C MET A 65 1.04 -0.70 7.10
N ARG A 66 -0.11 -1.17 7.57
CA ARG A 66 -0.64 -0.74 8.87
C ARG A 66 0.35 -1.02 9.99
N ASP A 67 0.93 -2.20 9.98
CA ASP A 67 1.90 -2.59 11.00
C ASP A 67 3.16 -1.73 10.93
N ASP A 68 3.67 -1.56 9.73
CA ASP A 68 4.88 -0.76 9.51
C ASP A 68 4.63 0.71 9.84
N LEU A 69 3.41 1.18 9.59
CA LEU A 69 3.06 2.56 9.86
C LEU A 69 2.97 2.85 11.36
N GLU A 70 2.53 1.85 12.12
CA GLU A 70 2.39 2.01 13.56
C GLU A 70 3.73 1.93 14.29
N LYS A 71 4.68 1.21 13.72
CA LYS A 71 6.00 1.08 14.33
C LYS A 71 6.75 2.40 14.27
N GLU A 72 6.48 3.18 13.22
CA GLU A 72 7.11 4.48 13.05
C GLU A 72 6.44 5.52 13.93
N ARG A 73 5.13 5.63 13.79
CA ARG A 73 4.34 6.57 14.56
C ARG A 73 3.48 5.85 15.59
N GLU A 74 4.08 5.53 16.74
CA GLU A 74 3.37 4.85 17.81
C GLU A 74 2.68 5.85 18.73
N ASP A 75 1.43 5.56 19.09
CA ASP A 75 0.66 6.43 19.96
C ASP A 75 -0.05 5.63 21.05
N LEU A 76 0.54 4.49 21.41
CA LEU A 76 -0.03 3.63 22.44
C LEU A 76 -1.42 3.17 22.05
N ASP A 77 -1.89 2.09 22.68
CA ASP A 77 -3.21 1.55 22.38
C ASP A 77 -4.11 1.62 23.61
N LEU A 78 -3.52 1.49 24.79
CA LEU A 78 -4.28 1.55 26.04
C LEU A 78 -4.55 3.00 26.45
N ASP A 79 -3.55 3.85 26.25
CA ASP A 79 -3.68 5.26 26.60
C ASP A 79 -2.95 6.14 25.60
N GLY A 1 14.36 9.73 9.36
CA GLY A 1 13.00 10.35 9.46
C GLY A 1 11.93 9.34 9.83
N GLY A 2 11.07 9.01 8.88
CA GLY A 2 10.01 8.05 9.13
C GLY A 2 10.21 6.75 8.37
N SER A 3 9.20 6.37 7.60
CA SER A 3 9.27 5.14 6.81
C SER A 3 8.23 5.14 5.70
N LEU A 4 6.96 5.24 6.10
CA LEU A 4 5.86 5.27 5.14
C LEU A 4 4.88 6.39 5.48
N LYS A 5 4.14 6.84 4.47
CA LYS A 5 3.16 7.90 4.67
C LYS A 5 1.75 7.34 4.81
N LYS A 6 1.09 7.68 5.90
CA LYS A 6 -0.27 7.21 6.17
C LYS A 6 -1.21 7.58 5.03
N ASN A 7 -0.88 8.66 4.33
CA ASN A 7 -1.70 9.13 3.22
C ASN A 7 -1.73 8.10 2.09
N THR A 8 -0.57 7.49 1.82
CA THR A 8 -0.48 6.49 0.76
C THR A 8 -1.35 5.29 1.08
N VAL A 9 -1.21 4.77 2.29
CA VAL A 9 -1.99 3.61 2.72
C VAL A 9 -3.48 3.85 2.56
N ASP A 10 -3.92 5.05 2.88
CA ASP A 10 -5.34 5.40 2.76
C ASP A 10 -5.79 5.30 1.31
N ASP A 11 -4.94 5.77 0.40
CA ASP A 11 -5.25 5.74 -1.02
C ASP A 11 -5.23 4.31 -1.55
N ILE A 12 -4.22 3.55 -1.15
CA ILE A 12 -4.09 2.15 -1.57
C ILE A 12 -5.14 1.29 -0.91
N SER A 13 -5.44 1.58 0.36
CA SER A 13 -6.42 0.83 1.11
C SER A 13 -7.82 0.96 0.48
N GLU A 14 -8.17 2.19 0.13
CA GLU A 14 -9.48 2.45 -0.49
C GLU A 14 -9.63 1.66 -1.78
N SER A 15 -8.63 1.76 -2.64
CA SER A 15 -8.63 1.04 -3.91
C SER A 15 -8.56 -0.46 -3.68
N LEU A 16 -7.84 -0.84 -2.61
CA LEU A 16 -7.68 -2.24 -2.26
C LEU A 16 -9.01 -2.85 -1.83
N ARG A 17 -9.78 -2.07 -1.07
CA ARG A 17 -11.08 -2.52 -0.58
C ARG A 17 -12.08 -2.66 -1.73
N GLN A 18 -11.93 -1.81 -2.74
CA GLN A 18 -12.82 -1.84 -3.89
C GLN A 18 -12.61 -3.08 -4.74
N GLY A 19 -11.37 -3.56 -4.79
CA GLY A 19 -11.06 -4.74 -5.58
C GLY A 19 -11.43 -6.03 -4.89
N GLY A 20 -11.77 -5.95 -3.61
CA GLY A 20 -12.16 -7.14 -2.87
C GLY A 20 -11.00 -7.77 -2.11
N GLY A 21 -10.10 -6.94 -1.60
CA GLY A 21 -8.97 -7.45 -0.85
C GLY A 21 -7.79 -7.84 -1.72
N LYS A 22 -8.05 -8.57 -2.80
CA LYS A 22 -6.99 -9.00 -3.71
C LYS A 22 -6.95 -8.15 -4.96
N LEU A 23 -5.75 -7.74 -5.37
CA LEU A 23 -5.57 -6.92 -6.56
C LEU A 23 -4.16 -7.10 -7.14
N ASN A 24 -4.06 -7.08 -8.46
CA ASN A 24 -2.79 -7.23 -9.13
C ASN A 24 -2.17 -5.88 -9.46
N PHE A 25 -0.89 -5.89 -9.82
CA PHE A 25 -0.16 -4.67 -10.17
C PHE A 25 -0.95 -3.80 -11.14
N ASP A 26 -1.49 -4.41 -12.18
CA ASP A 26 -2.24 -3.69 -13.20
C ASP A 26 -3.54 -3.08 -12.69
N GLU A 27 -4.32 -3.85 -11.94
CA GLU A 27 -5.60 -3.37 -11.43
C GLU A 27 -5.43 -2.31 -10.35
N LEU A 28 -4.54 -2.56 -9.39
CA LEU A 28 -4.31 -1.61 -8.32
C LEU A 28 -3.72 -0.32 -8.87
N ARG A 29 -2.77 -0.47 -9.78
CA ARG A 29 -2.12 0.68 -10.40
C ARG A 29 -3.14 1.53 -11.13
N GLN A 30 -4.04 0.89 -11.89
CA GLN A 30 -5.06 1.62 -12.62
C GLN A 30 -5.91 2.43 -11.65
N ASP A 31 -6.30 1.79 -10.56
CA ASP A 31 -7.10 2.43 -9.52
C ASP A 31 -6.31 3.54 -8.84
N LEU A 32 -4.99 3.35 -8.78
CA LEU A 32 -4.09 4.32 -8.17
C LEU A 32 -3.83 5.48 -9.12
N LYS A 33 -3.60 5.16 -10.39
CA LYS A 33 -3.31 6.18 -11.38
C LYS A 33 -4.52 7.11 -11.54
N GLY A 34 -5.71 6.53 -11.52
CA GLY A 34 -6.93 7.33 -11.65
C GLY A 34 -7.19 8.20 -10.44
N LYS A 35 -6.41 8.00 -9.37
CA LYS A 35 -6.56 8.77 -8.14
C LYS A 35 -5.55 9.92 -8.10
N GLY A 36 -4.59 9.92 -9.01
CA GLY A 36 -3.59 10.97 -9.04
C GLY A 36 -2.21 10.47 -8.65
N HIS A 37 -2.09 9.18 -8.39
CA HIS A 37 -0.80 8.60 -7.99
C HIS A 37 0.04 8.28 -9.23
N THR A 38 1.33 8.61 -9.15
CA THR A 38 2.24 8.36 -10.25
C THR A 38 2.73 6.91 -10.26
N ASP A 39 3.14 6.43 -11.43
CA ASP A 39 3.62 5.07 -11.58
C ASP A 39 4.83 4.82 -10.68
N ALA A 40 5.69 5.83 -10.57
CA ALA A 40 6.89 5.72 -9.76
C ALA A 40 6.55 5.45 -8.29
N GLU A 41 5.60 6.22 -7.77
CA GLU A 41 5.17 6.07 -6.39
C GLU A 41 4.50 4.72 -6.17
N ILE A 42 3.66 4.33 -7.12
CA ILE A 42 2.96 3.06 -7.04
C ILE A 42 3.93 1.89 -7.15
N GLU A 43 4.93 2.03 -8.03
CA GLU A 43 5.92 0.98 -8.23
C GLU A 43 6.79 0.81 -6.98
N ALA A 44 7.09 1.92 -6.31
CA ALA A 44 7.90 1.87 -5.10
C ALA A 44 7.14 1.14 -3.99
N ILE A 45 5.91 1.57 -3.77
CA ILE A 45 5.06 0.95 -2.76
C ILE A 45 4.84 -0.53 -3.08
N PHE A 46 4.57 -0.81 -4.34
CA PHE A 46 4.34 -2.18 -4.78
C PHE A 46 5.59 -3.04 -4.65
N THR A 47 6.74 -2.48 -5.02
CA THR A 47 8.00 -3.21 -4.92
C THR A 47 8.36 -3.43 -3.46
N LYS A 48 8.21 -2.37 -2.68
CA LYS A 48 8.53 -2.39 -1.26
C LYS A 48 7.75 -3.48 -0.53
N TYR A 49 6.45 -3.56 -0.80
CA TYR A 49 5.61 -4.55 -0.15
C TYR A 49 5.62 -5.90 -0.90
N ASP A 50 5.63 -5.86 -2.24
CA ASP A 50 5.64 -7.09 -3.03
C ASP A 50 6.97 -7.83 -2.90
N GLN A 51 7.29 -8.26 -1.68
CA GLN A 51 8.54 -8.98 -1.41
C GLN A 51 8.58 -10.30 -2.17
N ASP A 52 7.42 -10.88 -2.41
CA ASP A 52 7.33 -12.16 -3.12
C ASP A 52 7.57 -11.99 -4.62
N GLY A 53 7.62 -10.73 -5.08
CA GLY A 53 7.85 -10.47 -6.48
C GLY A 53 6.89 -11.21 -7.39
N ASP A 54 5.66 -11.40 -6.93
CA ASP A 54 4.65 -12.09 -7.73
C ASP A 54 3.73 -11.10 -8.44
N GLN A 55 4.13 -9.83 -8.46
CA GLN A 55 3.34 -8.78 -9.11
C GLN A 55 1.88 -8.82 -8.67
N GLU A 56 1.66 -9.14 -7.40
CA GLU A 56 0.30 -9.22 -6.87
C GLU A 56 0.24 -8.75 -5.42
N LEU A 57 -0.63 -7.80 -5.14
CA LEU A 57 -0.80 -7.28 -3.79
C LEU A 57 -2.10 -7.80 -3.20
N THR A 58 -2.02 -8.44 -2.04
CA THR A 58 -3.19 -9.00 -1.39
C THR A 58 -3.36 -8.48 0.04
N GLU A 59 -4.44 -8.91 0.69
CA GLU A 59 -4.75 -8.50 2.04
C GLU A 59 -3.56 -8.75 2.97
N HIS A 60 -2.78 -9.78 2.67
CA HIS A 60 -1.60 -10.11 3.48
C HIS A 60 -0.54 -9.02 3.35
N GLU A 61 -0.20 -8.67 2.12
CA GLU A 61 0.80 -7.65 1.86
C GLU A 61 0.34 -6.29 2.40
N HIS A 62 -0.95 -6.01 2.25
CA HIS A 62 -1.50 -4.75 2.74
C HIS A 62 -1.51 -4.71 4.26
N GLN A 63 -1.72 -5.86 4.89
CA GLN A 63 -1.74 -5.94 6.34
C GLN A 63 -0.43 -5.43 6.93
N GLN A 64 0.68 -5.80 6.30
CA GLN A 64 2.00 -5.35 6.76
C GLN A 64 2.08 -3.83 6.73
N MET A 65 1.37 -3.23 5.79
CA MET A 65 1.35 -1.77 5.65
C MET A 65 0.92 -1.11 6.95
N ARG A 66 -0.20 -1.58 7.49
CA ARG A 66 -0.73 -1.03 8.74
C ARG A 66 0.23 -1.27 9.89
N ASP A 67 0.81 -2.46 9.95
CA ASP A 67 1.76 -2.81 10.99
C ASP A 67 3.02 -1.97 10.89
N ASP A 68 3.56 -1.86 9.68
CA ASP A 68 4.76 -1.08 9.44
C ASP A 68 4.53 0.39 9.75
N LEU A 69 3.28 0.84 9.57
CA LEU A 69 2.92 2.23 9.83
C LEU A 69 2.92 2.52 11.33
N GLU A 70 2.59 1.52 12.13
CA GLU A 70 2.56 1.67 13.58
C GLU A 70 3.97 1.67 14.16
N LYS A 71 4.89 1.00 13.48
CA LYS A 71 6.29 0.95 13.93
C LYS A 71 6.90 2.34 13.93
N GLU A 72 6.43 3.19 13.02
CA GLU A 72 6.92 4.55 12.91
C GLU A 72 6.36 5.42 14.03
N ARG A 73 5.11 5.16 14.40
CA ARG A 73 4.45 5.90 15.46
C ARG A 73 3.64 4.98 16.36
N GLU A 74 4.30 4.42 17.37
CA GLU A 74 3.64 3.51 18.31
C GLU A 74 3.32 4.22 19.63
N ASP A 75 2.30 5.05 19.62
CA ASP A 75 1.89 5.80 20.81
C ASP A 75 0.72 6.71 20.51
N LEU A 76 0.72 7.29 19.33
CA LEU A 76 -0.36 8.20 18.92
C LEU A 76 -1.54 7.41 18.33
N ASP A 77 -2.47 7.04 19.20
CA ASP A 77 -3.64 6.28 18.77
C ASP A 77 -4.91 7.11 18.93
N LEU A 78 -4.76 8.43 18.97
CA LEU A 78 -5.90 9.33 19.11
C LEU A 78 -6.80 9.26 17.89
N ASP A 79 -6.20 9.08 16.72
CA ASP A 79 -6.96 8.99 15.47
C ASP A 79 -7.02 7.55 14.97
N GLY A 1 14.90 6.88 4.64
CA GLY A 1 14.44 6.67 3.24
C GLY A 1 13.08 5.99 3.17
N GLY A 2 12.05 6.67 3.65
CA GLY A 2 10.72 6.12 3.63
C GLY A 2 9.85 6.63 4.76
N SER A 3 9.79 5.87 5.85
CA SER A 3 8.99 6.24 7.02
C SER A 3 7.50 6.10 6.73
N LEU A 4 7.16 5.49 5.61
CA LEU A 4 5.77 5.27 5.22
C LEU A 4 4.99 6.58 5.18
N LYS A 5 3.84 6.53 4.51
CA LYS A 5 2.96 7.68 4.40
C LYS A 5 1.51 7.26 4.59
N LYS A 6 0.89 7.70 5.68
CA LYS A 6 -0.50 7.35 5.95
C LYS A 6 -1.40 7.73 4.78
N ASN A 7 -1.03 8.81 4.08
CA ASN A 7 -1.80 9.28 2.94
C ASN A 7 -1.88 8.22 1.84
N THR A 8 -0.73 7.66 1.48
CA THR A 8 -0.67 6.65 0.43
C THR A 8 -1.36 5.37 0.89
N VAL A 9 -1.14 5.00 2.15
CA VAL A 9 -1.73 3.79 2.71
C VAL A 9 -3.25 3.82 2.57
N ASP A 10 -3.86 4.94 2.93
CA ASP A 10 -5.31 5.08 2.82
C ASP A 10 -5.75 4.94 1.37
N ASP A 11 -5.01 5.58 0.47
CA ASP A 11 -5.32 5.54 -0.95
C ASP A 11 -5.32 4.10 -1.47
N ILE A 12 -4.31 3.35 -1.05
CA ILE A 12 -4.19 1.96 -1.45
C ILE A 12 -5.27 1.11 -0.77
N SER A 13 -5.55 1.44 0.48
CA SER A 13 -6.55 0.72 1.26
C SER A 13 -7.91 0.68 0.54
N GLU A 14 -8.35 1.84 0.06
CA GLU A 14 -9.63 1.92 -0.63
C GLU A 14 -9.62 1.09 -1.90
N SER A 15 -8.59 1.26 -2.71
CA SER A 15 -8.46 0.54 -3.97
C SER A 15 -8.36 -0.97 -3.74
N LEU A 16 -7.72 -1.35 -2.64
CA LEU A 16 -7.57 -2.76 -2.30
C LEU A 16 -8.90 -3.38 -1.91
N ARG A 17 -9.71 -2.61 -1.19
CA ARG A 17 -11.01 -3.08 -0.74
C ARG A 17 -12.00 -3.14 -1.92
N GLN A 18 -11.83 -2.23 -2.87
CA GLN A 18 -12.71 -2.17 -4.03
C GLN A 18 -12.47 -3.36 -4.96
N GLY A 19 -11.20 -3.76 -5.08
CA GLY A 19 -10.86 -4.87 -5.95
C GLY A 19 -11.19 -6.22 -5.32
N GLY A 20 -11.51 -6.22 -4.03
CA GLY A 20 -11.83 -7.46 -3.35
C GLY A 20 -10.70 -7.98 -2.49
N GLY A 21 -9.97 -7.07 -1.87
CA GLY A 21 -8.86 -7.46 -1.01
C GLY A 21 -7.58 -7.70 -1.78
N LYS A 22 -7.64 -8.53 -2.81
CA LYS A 22 -6.47 -8.84 -3.62
C LYS A 22 -6.48 -8.08 -4.93
N LEU A 23 -5.32 -7.54 -5.32
CA LEU A 23 -5.19 -6.79 -6.55
C LEU A 23 -3.75 -6.81 -7.04
N ASN A 24 -3.57 -6.66 -8.35
CA ASN A 24 -2.23 -6.68 -8.95
C ASN A 24 -1.81 -5.30 -9.42
N PHE A 25 -0.56 -5.20 -9.88
CA PHE A 25 0.00 -3.96 -10.38
C PHE A 25 -0.93 -3.22 -11.34
N ASP A 26 -1.40 -3.91 -12.36
CA ASP A 26 -2.25 -3.29 -13.37
C ASP A 26 -3.59 -2.77 -12.83
N GLU A 27 -4.28 -3.59 -12.05
CA GLU A 27 -5.58 -3.20 -11.51
C GLU A 27 -5.47 -2.12 -10.44
N LEU A 28 -4.55 -2.30 -9.51
CA LEU A 28 -4.37 -1.32 -8.45
C LEU A 28 -3.86 -0.01 -9.01
N ARG A 29 -2.92 -0.12 -9.93
CA ARG A 29 -2.36 1.07 -10.56
C ARG A 29 -3.44 1.85 -11.29
N GLN A 30 -4.29 1.15 -12.04
CA GLN A 30 -5.37 1.82 -12.76
C GLN A 30 -6.25 2.59 -11.79
N ASP A 31 -6.59 1.94 -10.67
CA ASP A 31 -7.42 2.55 -9.64
C ASP A 31 -6.65 3.68 -8.94
N LEU A 32 -5.33 3.52 -8.87
CA LEU A 32 -4.47 4.52 -8.24
C LEU A 32 -4.22 5.69 -9.18
N LYS A 33 -4.05 5.38 -10.45
CA LYS A 33 -3.78 6.41 -11.46
C LYS A 33 -4.95 7.37 -11.55
N GLY A 34 -6.17 6.83 -11.47
CA GLY A 34 -7.35 7.66 -11.54
C GLY A 34 -7.46 8.62 -10.36
N LYS A 35 -6.66 8.38 -9.33
CA LYS A 35 -6.68 9.23 -8.14
C LYS A 35 -5.54 10.26 -8.19
N GLY A 36 -4.58 10.06 -9.09
CA GLY A 36 -3.47 10.99 -9.21
C GLY A 36 -2.15 10.39 -8.74
N HIS A 37 -2.14 9.10 -8.45
CA HIS A 37 -0.94 8.42 -8.00
C HIS A 37 0.01 8.14 -9.15
N THR A 38 1.28 8.47 -8.97
CA THR A 38 2.29 8.26 -10.01
C THR A 38 2.77 6.82 -10.01
N ASP A 39 3.22 6.36 -11.17
CA ASP A 39 3.72 5.00 -11.33
C ASP A 39 4.91 4.74 -10.39
N ALA A 40 5.76 5.75 -10.24
CA ALA A 40 6.93 5.64 -9.38
C ALA A 40 6.52 5.30 -7.95
N GLU A 41 5.51 6.00 -7.46
CA GLU A 41 5.02 5.78 -6.11
C GLU A 41 4.39 4.40 -5.99
N ILE A 42 3.67 3.99 -7.03
CA ILE A 42 3.02 2.68 -7.04
C ILE A 42 4.05 1.55 -7.09
N GLU A 43 5.09 1.75 -7.88
CA GLU A 43 6.14 0.74 -8.02
C GLU A 43 6.94 0.59 -6.74
N ALA A 44 7.15 1.70 -6.04
CA ALA A 44 7.88 1.67 -4.78
C ALA A 44 7.08 0.90 -3.74
N ILE A 45 5.81 1.28 -3.60
CA ILE A 45 4.92 0.63 -2.66
C ILE A 45 4.77 -0.85 -3.00
N PHE A 46 4.52 -1.12 -4.28
CA PHE A 46 4.34 -2.50 -4.73
C PHE A 46 5.62 -3.32 -4.61
N THR A 47 6.76 -2.74 -4.97
CA THR A 47 8.02 -3.47 -4.87
C THR A 47 8.37 -3.69 -3.41
N LYS A 48 8.19 -2.64 -2.62
CA LYS A 48 8.48 -2.68 -1.20
C LYS A 48 7.71 -3.79 -0.51
N TYR A 49 6.41 -3.86 -0.76
CA TYR A 49 5.56 -4.87 -0.15
C TYR A 49 5.55 -6.19 -0.92
N ASP A 50 5.58 -6.13 -2.26
CA ASP A 50 5.58 -7.35 -3.09
C ASP A 50 6.87 -8.13 -2.92
N GLN A 51 7.14 -8.59 -1.70
CA GLN A 51 8.35 -9.35 -1.41
C GLN A 51 8.36 -10.68 -2.14
N ASP A 52 7.17 -11.19 -2.47
CA ASP A 52 7.05 -12.45 -3.18
C ASP A 52 7.40 -12.30 -4.66
N GLY A 53 7.51 -11.06 -5.12
CA GLY A 53 7.85 -10.81 -6.51
C GLY A 53 6.80 -11.33 -7.48
N ASP A 54 5.55 -11.42 -7.01
CA ASP A 54 4.47 -11.92 -7.85
C ASP A 54 3.67 -10.76 -8.46
N GLN A 55 4.25 -9.56 -8.44
CA GLN A 55 3.61 -8.38 -9.00
C GLN A 55 2.14 -8.28 -8.56
N GLU A 56 1.87 -8.71 -7.34
CA GLU A 56 0.51 -8.68 -6.81
C GLU A 56 0.51 -8.38 -5.32
N LEU A 57 -0.43 -7.56 -4.88
CA LEU A 57 -0.55 -7.20 -3.47
C LEU A 57 -1.91 -7.65 -2.95
N THR A 58 -1.92 -8.26 -1.77
CA THR A 58 -3.16 -8.75 -1.19
C THR A 58 -3.42 -8.18 0.21
N GLU A 59 -4.57 -8.54 0.76
CA GLU A 59 -4.97 -8.08 2.09
C GLU A 59 -3.87 -8.37 3.11
N HIS A 60 -3.28 -9.55 3.02
CA HIS A 60 -2.22 -9.96 3.94
C HIS A 60 -1.03 -9.01 3.82
N GLU A 61 -0.56 -8.80 2.60
CA GLU A 61 0.58 -7.93 2.36
C GLU A 61 0.25 -6.50 2.78
N HIS A 62 -0.95 -6.05 2.44
CA HIS A 62 -1.39 -4.70 2.79
C HIS A 62 -1.52 -4.54 4.30
N GLN A 63 -1.94 -5.62 4.97
CA GLN A 63 -2.10 -5.60 6.42
C GLN A 63 -0.80 -5.20 7.10
N GLN A 64 0.32 -5.57 6.48
CA GLN A 64 1.63 -5.24 7.02
C GLN A 64 1.88 -3.74 6.94
N MET A 65 1.31 -3.11 5.92
CA MET A 65 1.46 -1.67 5.72
C MET A 65 1.00 -0.89 6.96
N ARG A 66 -0.16 -1.27 7.49
CA ARG A 66 -0.71 -0.61 8.67
C ARG A 66 0.20 -0.84 9.88
N ASP A 67 0.64 -2.07 10.05
CA ASP A 67 1.51 -2.43 11.18
C ASP A 67 2.86 -1.74 11.05
N ASP A 68 3.44 -1.80 9.86
CA ASP A 68 4.74 -1.20 9.60
C ASP A 68 4.71 0.30 9.91
N LEU A 69 3.62 0.96 9.51
CA LEU A 69 3.48 2.40 9.74
C LEU A 69 3.54 2.72 11.23
N GLU A 70 2.98 1.84 12.04
CA GLU A 70 2.97 2.04 13.49
C GLU A 70 4.38 1.87 14.07
N LYS A 71 5.19 1.07 13.38
CA LYS A 71 6.57 0.84 13.83
C LYS A 71 7.40 2.10 13.66
N GLU A 72 7.03 2.93 12.69
CA GLU A 72 7.73 4.17 12.43
C GLU A 72 7.25 5.28 13.37
N ARG A 73 5.93 5.36 13.52
CA ARG A 73 5.32 6.37 14.38
C ARG A 73 4.39 5.72 15.39
N GLU A 74 4.92 5.45 16.58
CA GLU A 74 4.13 4.82 17.64
C GLU A 74 4.04 5.74 18.86
N ASP A 75 3.90 7.03 18.62
CA ASP A 75 3.80 8.01 19.70
C ASP A 75 3.33 9.35 19.17
N LEU A 76 2.08 9.41 18.73
CA LEU A 76 1.49 10.64 18.20
C LEU A 76 0.13 10.91 18.82
N ASP A 77 0.11 11.67 19.91
CA ASP A 77 -1.14 12.00 20.59
C ASP A 77 -1.82 13.21 19.95
N LEU A 78 -1.21 13.75 18.88
CA LEU A 78 -1.74 14.92 18.17
C LEU A 78 -2.49 15.87 19.10
N ASP A 79 -1.74 16.55 19.97
CA ASP A 79 -2.33 17.49 20.91
C ASP A 79 -2.46 18.87 20.28
N GLY A 1 14.21 -1.35 5.46
CA GLY A 1 13.47 -0.28 6.19
C GLY A 1 13.03 0.84 5.27
N GLY A 2 11.92 1.49 5.63
CA GLY A 2 11.41 2.58 4.83
C GLY A 2 10.18 3.22 5.43
N SER A 3 10.28 4.51 5.72
CA SER A 3 9.16 5.25 6.31
C SER A 3 7.95 5.24 5.38
N LEU A 4 6.75 5.24 5.97
CA LEU A 4 5.52 5.24 5.20
C LEU A 4 4.55 6.29 5.72
N LYS A 5 3.67 6.77 4.85
CA LYS A 5 2.70 7.79 5.23
C LYS A 5 1.30 7.20 5.30
N LYS A 6 0.58 7.52 6.37
CA LYS A 6 -0.78 7.03 6.57
C LYS A 6 -1.68 7.44 5.41
N ASN A 7 -1.29 8.49 4.70
CA ASN A 7 -2.07 8.99 3.57
C ASN A 7 -1.97 8.05 2.38
N THR A 8 -0.84 7.37 2.25
CA THR A 8 -0.63 6.44 1.15
C THR A 8 -1.45 5.17 1.33
N VAL A 9 -1.34 4.58 2.52
CA VAL A 9 -2.06 3.35 2.83
C VAL A 9 -3.56 3.51 2.61
N ASP A 10 -4.07 4.70 2.89
CA ASP A 10 -5.49 4.98 2.72
C ASP A 10 -5.86 4.91 1.23
N ASP A 11 -4.98 5.42 0.39
CA ASP A 11 -5.21 5.43 -1.05
C ASP A 11 -5.21 4.00 -1.60
N ILE A 12 -4.25 3.21 -1.15
CA ILE A 12 -4.15 1.82 -1.60
C ILE A 12 -5.27 0.97 -1.02
N SER A 13 -5.52 1.13 0.27
CA SER A 13 -6.58 0.37 0.94
C SER A 13 -7.93 0.63 0.30
N GLU A 14 -8.17 1.87 -0.12
CA GLU A 14 -9.43 2.24 -0.74
C GLU A 14 -9.63 1.49 -2.06
N SER A 15 -8.61 1.51 -2.91
CA SER A 15 -8.68 0.83 -4.19
C SER A 15 -8.71 -0.68 -3.99
N LEU A 16 -8.03 -1.15 -2.95
CA LEU A 16 -7.99 -2.57 -2.64
C LEU A 16 -9.34 -3.08 -2.17
N ARG A 17 -10.03 -2.23 -1.40
CA ARG A 17 -11.35 -2.59 -0.87
C ARG A 17 -12.36 -2.78 -1.99
N GLN A 18 -12.17 -2.03 -3.08
CA GLN A 18 -13.07 -2.11 -4.23
C GLN A 18 -12.78 -3.34 -5.08
N GLY A 19 -11.52 -3.78 -5.05
CA GLY A 19 -11.14 -4.95 -5.83
C GLY A 19 -11.44 -6.26 -5.13
N GLY A 20 -11.77 -6.19 -3.85
CA GLY A 20 -12.08 -7.39 -3.09
C GLY A 20 -10.92 -7.85 -2.23
N GLY A 21 -10.22 -6.90 -1.62
CA GLY A 21 -9.10 -7.23 -0.77
C GLY A 21 -7.92 -7.84 -1.51
N LYS A 22 -8.01 -7.91 -2.84
CA LYS A 22 -6.93 -8.48 -3.64
C LYS A 22 -6.92 -7.91 -5.05
N LEU A 23 -5.75 -7.49 -5.50
CA LEU A 23 -5.59 -6.92 -6.84
C LEU A 23 -4.16 -7.08 -7.33
N ASN A 24 -3.99 -7.04 -8.65
CA ASN A 24 -2.67 -7.18 -9.25
C ASN A 24 -2.06 -5.82 -9.57
N PHE A 25 -0.77 -5.83 -9.92
CA PHE A 25 -0.05 -4.60 -10.25
C PHE A 25 -0.83 -3.73 -11.23
N ASP A 26 -1.38 -4.35 -12.26
CA ASP A 26 -2.12 -3.63 -13.29
C ASP A 26 -3.44 -3.04 -12.77
N GLU A 27 -4.21 -3.83 -12.05
CA GLU A 27 -5.50 -3.37 -11.54
C GLU A 27 -5.36 -2.32 -10.45
N LEU A 28 -4.47 -2.55 -9.51
CA LEU A 28 -4.26 -1.60 -8.43
C LEU A 28 -3.68 -0.31 -8.98
N ARG A 29 -2.72 -0.45 -9.88
CA ARG A 29 -2.08 0.71 -10.49
C ARG A 29 -3.10 1.56 -11.22
N GLN A 30 -4.00 0.93 -11.98
CA GLN A 30 -5.02 1.68 -12.71
C GLN A 30 -5.92 2.40 -11.72
N ASP A 31 -6.19 1.76 -10.59
CA ASP A 31 -7.01 2.35 -9.55
C ASP A 31 -6.24 3.47 -8.84
N LEU A 32 -4.92 3.31 -8.79
CA LEU A 32 -4.04 4.29 -8.17
C LEU A 32 -3.82 5.48 -9.09
N LYS A 33 -3.58 5.18 -10.36
CA LYS A 33 -3.33 6.22 -11.36
C LYS A 33 -4.56 7.11 -11.50
N GLY A 34 -5.75 6.50 -11.47
CA GLY A 34 -6.96 7.27 -11.59
C GLY A 34 -7.21 8.19 -10.41
N LYS A 35 -6.43 7.99 -9.34
CA LYS A 35 -6.56 8.81 -8.14
C LYS A 35 -5.52 9.94 -8.11
N GLY A 36 -4.55 9.87 -9.03
CA GLY A 36 -3.53 10.90 -9.09
C GLY A 36 -2.16 10.39 -8.66
N HIS A 37 -2.06 9.10 -8.37
CA HIS A 37 -0.80 8.50 -7.95
C HIS A 37 0.11 8.24 -9.15
N THR A 38 1.37 8.63 -9.03
CA THR A 38 2.34 8.44 -10.10
C THR A 38 2.84 7.00 -10.13
N ASP A 39 3.25 6.55 -11.31
CA ASP A 39 3.76 5.19 -11.47
C ASP A 39 4.97 4.93 -10.56
N ALA A 40 5.82 5.94 -10.43
CA ALA A 40 7.00 5.82 -9.59
C ALA A 40 6.63 5.53 -8.14
N GLU A 41 5.69 6.30 -7.62
CA GLU A 41 5.24 6.13 -6.25
C GLU A 41 4.57 4.77 -6.06
N ILE A 42 3.78 4.37 -7.04
CA ILE A 42 3.09 3.08 -6.99
C ILE A 42 4.07 1.93 -7.08
N GLU A 43 5.06 2.06 -7.95
CA GLU A 43 6.06 1.01 -8.12
C GLU A 43 6.90 0.84 -6.86
N ALA A 44 7.18 1.95 -6.18
CA ALA A 44 7.96 1.89 -4.94
C ALA A 44 7.16 1.16 -3.87
N ILE A 45 5.91 1.58 -3.70
CA ILE A 45 5.02 0.97 -2.71
C ILE A 45 4.82 -0.50 -3.04
N PHE A 46 4.56 -0.79 -4.31
CA PHE A 46 4.33 -2.15 -4.76
C PHE A 46 5.58 -3.01 -4.62
N THR A 47 6.74 -2.46 -4.98
CA THR A 47 7.98 -3.21 -4.88
C THR A 47 8.34 -3.41 -3.41
N LYS A 48 8.18 -2.34 -2.64
CA LYS A 48 8.49 -2.36 -1.22
C LYS A 48 7.68 -3.42 -0.49
N TYR A 49 6.39 -3.52 -0.79
CA TYR A 49 5.52 -4.49 -0.16
C TYR A 49 5.55 -5.85 -0.87
N ASP A 50 5.67 -5.83 -2.21
CA ASP A 50 5.69 -7.07 -2.98
C ASP A 50 6.97 -7.86 -2.71
N GLN A 51 7.14 -8.30 -1.46
CA GLN A 51 8.31 -9.07 -1.08
C GLN A 51 8.39 -10.38 -1.87
N ASP A 52 7.25 -11.03 -2.05
CA ASP A 52 7.19 -12.29 -2.78
C ASP A 52 7.39 -12.06 -4.29
N GLY A 53 7.38 -10.80 -4.71
CA GLY A 53 7.57 -10.48 -6.11
C GLY A 53 6.58 -11.20 -7.01
N ASP A 54 5.36 -11.39 -6.53
CA ASP A 54 4.32 -12.05 -7.31
C ASP A 54 3.52 -11.06 -8.15
N GLN A 55 4.00 -9.82 -8.23
CA GLN A 55 3.34 -8.77 -8.98
C GLN A 55 1.87 -8.64 -8.58
N GLU A 56 1.58 -8.96 -7.33
CA GLU A 56 0.21 -8.88 -6.83
C GLU A 56 0.18 -8.44 -5.37
N LEU A 57 -0.72 -7.50 -5.07
CA LEU A 57 -0.87 -7.00 -3.71
C LEU A 57 -2.19 -7.49 -3.13
N THR A 58 -2.13 -8.11 -1.96
CA THR A 58 -3.33 -8.65 -1.32
C THR A 58 -3.47 -8.15 0.11
N GLU A 59 -4.54 -8.60 0.77
CA GLU A 59 -4.82 -8.24 2.15
C GLU A 59 -3.61 -8.48 3.04
N HIS A 60 -2.89 -9.57 2.79
CA HIS A 60 -1.72 -9.91 3.59
C HIS A 60 -0.64 -8.84 3.44
N GLU A 61 -0.32 -8.49 2.20
CA GLU A 61 0.69 -7.48 1.92
C GLU A 61 0.22 -6.11 2.44
N HIS A 62 -1.06 -5.83 2.27
CA HIS A 62 -1.62 -4.57 2.72
C HIS A 62 -1.63 -4.49 4.25
N GLN A 63 -1.85 -5.63 4.90
CA GLN A 63 -1.87 -5.69 6.35
C GLN A 63 -0.53 -5.22 6.93
N GLN A 64 0.55 -5.53 6.22
CA GLN A 64 1.89 -5.14 6.64
C GLN A 64 2.04 -3.63 6.65
N MET A 65 1.32 -2.96 5.73
CA MET A 65 1.38 -1.51 5.63
C MET A 65 1.00 -0.85 6.94
N ARG A 66 -0.10 -1.31 7.55
CA ARG A 66 -0.56 -0.75 8.81
C ARG A 66 0.42 -1.03 9.94
N ASP A 67 0.92 -2.27 10.01
CA ASP A 67 1.87 -2.64 11.04
C ASP A 67 3.18 -1.90 10.89
N ASP A 68 3.70 -1.87 9.66
CA ASP A 68 4.96 -1.20 9.37
C ASP A 68 4.88 0.29 9.70
N LEU A 69 3.75 0.90 9.37
CA LEU A 69 3.55 2.32 9.63
C LEU A 69 3.72 2.65 11.11
N GLU A 70 3.21 1.78 11.97
CA GLU A 70 3.31 1.97 13.41
C GLU A 70 4.75 1.81 13.88
N LYS A 71 5.53 1.01 13.14
CA LYS A 71 6.93 0.79 13.49
C LYS A 71 7.74 2.06 13.27
N GLU A 72 7.33 2.86 12.30
CA GLU A 72 8.02 4.11 12.00
C GLU A 72 7.59 5.21 12.97
N ARG A 73 6.28 5.35 13.13
CA ARG A 73 5.73 6.35 14.03
C ARG A 73 4.94 5.70 15.17
N GLU A 74 5.57 5.61 16.33
CA GLU A 74 4.93 5.00 17.50
C GLU A 74 3.91 5.95 18.12
N ASP A 75 3.20 5.47 19.12
CA ASP A 75 2.19 6.28 19.81
C ASP A 75 2.85 7.40 20.61
N LEU A 76 3.96 7.07 21.26
CA LEU A 76 4.69 8.04 22.07
C LEU A 76 3.82 8.59 23.20
N ASP A 77 3.02 9.60 22.88
CA ASP A 77 2.14 10.21 23.87
C ASP A 77 1.35 11.37 23.25
N LEU A 78 2.08 12.30 22.68
CA LEU A 78 1.48 13.47 22.05
C LEU A 78 0.71 14.31 23.07
N ASP A 79 1.45 14.93 23.99
CA ASP A 79 0.84 15.75 25.02
C ASP A 79 0.62 17.18 24.52
N GLY A 1 13.06 7.15 0.77
CA GLY A 1 11.68 7.68 0.58
C GLY A 1 11.20 8.50 1.76
N GLY A 2 9.89 8.45 2.01
CA GLY A 2 9.32 9.20 3.12
C GLY A 2 8.86 8.30 4.24
N SER A 3 9.65 7.26 4.53
CA SER A 3 9.32 6.31 5.59
C SER A 3 8.02 5.58 5.31
N LEU A 4 6.91 6.32 5.42
CA LEU A 4 5.57 5.81 5.15
C LEU A 4 4.59 6.98 5.17
N LYS A 5 3.45 6.81 4.52
CA LYS A 5 2.44 7.86 4.47
C LYS A 5 1.04 7.30 4.69
N LYS A 6 0.42 7.68 5.80
CA LYS A 6 -0.93 7.21 6.12
C LYS A 6 -1.87 7.45 4.95
N ASN A 7 -1.64 8.55 4.24
CA ASN A 7 -2.46 8.90 3.08
C ASN A 7 -2.28 7.86 1.98
N THR A 8 -1.03 7.50 1.73
CA THR A 8 -0.71 6.50 0.72
C THR A 8 -1.31 5.16 1.10
N VAL A 9 -1.07 4.75 2.33
CA VAL A 9 -1.59 3.47 2.83
C VAL A 9 -3.09 3.42 2.65
N ASP A 10 -3.77 4.51 3.02
CA ASP A 10 -5.22 4.58 2.88
C ASP A 10 -5.61 4.58 1.40
N ASP A 11 -4.73 5.13 0.55
CA ASP A 11 -4.99 5.18 -0.88
C ASP A 11 -5.02 3.78 -1.48
N ILE A 12 -4.05 2.96 -1.07
CA ILE A 12 -3.98 1.59 -1.55
C ILE A 12 -5.09 0.74 -0.95
N SER A 13 -5.40 1.01 0.31
CA SER A 13 -6.44 0.27 1.02
C SER A 13 -7.79 0.39 0.32
N GLU A 14 -8.16 1.62 -0.02
CA GLU A 14 -9.44 1.87 -0.68
C GLU A 14 -9.53 1.11 -2.01
N SER A 15 -8.49 1.23 -2.82
CA SER A 15 -8.46 0.55 -4.10
C SER A 15 -8.47 -0.96 -3.93
N LEU A 16 -7.83 -1.43 -2.86
CA LEU A 16 -7.77 -2.86 -2.57
C LEU A 16 -9.13 -3.41 -2.18
N ARG A 17 -9.85 -2.62 -1.38
CA ARG A 17 -11.19 -3.02 -0.93
C ARG A 17 -12.15 -3.11 -2.10
N GLN A 18 -11.95 -2.26 -3.10
CA GLN A 18 -12.81 -2.24 -4.28
C GLN A 18 -12.68 -3.54 -5.06
N GLY A 19 -11.49 -4.13 -5.05
CA GLY A 19 -11.26 -5.37 -5.76
C GLY A 19 -11.40 -6.60 -4.88
N GLY A 20 -11.85 -6.40 -3.65
CA GLY A 20 -12.01 -7.52 -2.74
C GLY A 20 -10.73 -7.86 -2.00
N GLY A 21 -10.10 -6.83 -1.43
CA GLY A 21 -8.87 -7.03 -0.69
C GLY A 21 -7.80 -7.78 -1.48
N LYS A 22 -7.95 -7.80 -2.81
CA LYS A 22 -6.99 -8.49 -3.66
C LYS A 22 -6.97 -7.88 -5.06
N LEU A 23 -5.78 -7.48 -5.51
CA LEU A 23 -5.64 -6.89 -6.84
C LEU A 23 -4.22 -7.06 -7.35
N ASN A 24 -4.05 -6.93 -8.67
CA ASN A 24 -2.74 -7.08 -9.29
C ASN A 24 -2.12 -5.72 -9.57
N PHE A 25 -0.84 -5.73 -9.95
CA PHE A 25 -0.10 -4.51 -10.26
C PHE A 25 -0.88 -3.59 -11.20
N ASP A 26 -1.34 -4.15 -12.31
CA ASP A 26 -2.07 -3.39 -13.32
C ASP A 26 -3.39 -2.81 -12.81
N GLU A 27 -4.17 -3.63 -12.12
CA GLU A 27 -5.48 -3.19 -11.62
C GLU A 27 -5.36 -2.15 -10.51
N LEU A 28 -4.48 -2.41 -9.56
CA LEU A 28 -4.29 -1.47 -8.45
C LEU A 28 -3.70 -0.17 -8.98
N ARG A 29 -2.78 -0.29 -9.92
CA ARG A 29 -2.15 0.87 -10.51
C ARG A 29 -3.18 1.76 -11.19
N GLN A 30 -4.06 1.16 -11.98
CA GLN A 30 -5.11 1.93 -12.66
C GLN A 30 -5.95 2.68 -11.64
N ASP A 31 -6.34 1.96 -10.58
CA ASP A 31 -7.13 2.54 -9.50
C ASP A 31 -6.32 3.61 -8.78
N LEU A 32 -5.01 3.42 -8.74
CA LEU A 32 -4.09 4.36 -8.10
C LEU A 32 -3.87 5.58 -8.99
N LYS A 33 -3.72 5.35 -10.29
CA LYS A 33 -3.49 6.44 -11.23
C LYS A 33 -4.69 7.37 -11.27
N GLY A 34 -5.89 6.79 -11.20
CA GLY A 34 -7.10 7.60 -11.21
C GLY A 34 -7.22 8.49 -9.98
N LYS A 35 -6.41 8.20 -8.96
CA LYS A 35 -6.44 8.98 -7.73
C LYS A 35 -5.34 10.05 -7.73
N GLY A 36 -4.41 9.95 -8.67
CA GLY A 36 -3.33 10.92 -8.75
C GLY A 36 -1.97 10.32 -8.39
N HIS A 37 -1.93 9.00 -8.21
CA HIS A 37 -0.69 8.33 -7.86
C HIS A 37 0.17 8.09 -9.10
N THR A 38 1.46 8.38 -8.99
CA THR A 38 2.39 8.20 -10.10
C THR A 38 2.91 6.77 -10.15
N ASP A 39 3.40 6.37 -11.31
CA ASP A 39 3.94 5.02 -11.50
C ASP A 39 5.12 4.77 -10.57
N ALA A 40 5.96 5.78 -10.39
CA ALA A 40 7.14 5.67 -9.53
C ALA A 40 6.74 5.37 -8.09
N GLU A 41 5.82 6.17 -7.57
CA GLU A 41 5.35 5.98 -6.20
C GLU A 41 4.70 4.62 -6.02
N ILE A 42 3.83 4.26 -6.96
CA ILE A 42 3.13 2.98 -6.91
C ILE A 42 4.11 1.82 -7.02
N GLU A 43 5.14 1.99 -7.85
CA GLU A 43 6.14 0.95 -8.05
C GLU A 43 6.97 0.73 -6.80
N ALA A 44 7.25 1.81 -6.07
CA ALA A 44 8.02 1.71 -4.84
C ALA A 44 7.23 0.95 -3.79
N ILE A 45 5.99 1.39 -3.60
CA ILE A 45 5.09 0.75 -2.64
C ILE A 45 4.88 -0.71 -2.99
N PHE A 46 4.63 -0.96 -4.27
CA PHE A 46 4.40 -2.31 -4.76
C PHE A 46 5.65 -3.18 -4.65
N THR A 47 6.81 -2.62 -4.96
CA THR A 47 8.05 -3.36 -4.87
C THR A 47 8.39 -3.64 -3.41
N LYS A 48 8.22 -2.60 -2.60
CA LYS A 48 8.51 -2.69 -1.18
C LYS A 48 7.69 -3.77 -0.50
N TYR A 49 6.40 -3.80 -0.78
CA TYR A 49 5.51 -4.78 -0.17
C TYR A 49 5.48 -6.10 -0.96
N ASP A 50 5.48 -6.02 -2.30
CA ASP A 50 5.45 -7.23 -3.12
C ASP A 50 6.77 -8.00 -3.03
N GLN A 51 7.10 -8.46 -1.82
CA GLN A 51 8.33 -9.20 -1.59
C GLN A 51 8.30 -10.55 -2.32
N ASP A 52 7.10 -11.04 -2.58
CA ASP A 52 6.93 -12.33 -3.26
C ASP A 52 7.15 -12.19 -4.77
N GLY A 53 7.29 -10.95 -5.24
CA GLY A 53 7.52 -10.72 -6.65
C GLY A 53 6.45 -11.33 -7.53
N ASP A 54 5.28 -11.58 -6.95
CA ASP A 54 4.17 -12.18 -7.70
C ASP A 54 3.40 -11.12 -8.48
N GLN A 55 3.84 -9.87 -8.37
CA GLN A 55 3.19 -8.76 -9.07
C GLN A 55 1.72 -8.64 -8.66
N GLU A 56 1.43 -9.02 -7.42
CA GLU A 56 0.07 -8.95 -6.92
C GLU A 56 0.03 -8.51 -5.45
N LEU A 57 -0.76 -7.49 -5.17
CA LEU A 57 -0.91 -6.98 -3.82
C LEU A 57 -2.19 -7.52 -3.19
N THR A 58 -2.05 -8.23 -2.07
CA THR A 58 -3.21 -8.81 -1.40
C THR A 58 -3.41 -8.25 0.00
N GLU A 59 -4.57 -8.53 0.57
CA GLU A 59 -4.92 -8.07 1.91
C GLU A 59 -3.78 -8.30 2.89
N HIS A 60 -2.98 -9.33 2.63
CA HIS A 60 -1.85 -9.66 3.49
C HIS A 60 -0.75 -8.61 3.37
N GLU A 61 -0.43 -8.24 2.14
CA GLU A 61 0.60 -7.24 1.89
C GLU A 61 0.19 -5.89 2.48
N HIS A 62 -1.09 -5.53 2.30
CA HIS A 62 -1.59 -4.27 2.81
C HIS A 62 -1.58 -4.26 4.34
N GLN A 63 -1.89 -5.40 4.93
CA GLN A 63 -1.92 -5.52 6.40
C GLN A 63 -0.57 -5.17 7.00
N GLN A 64 0.49 -5.47 6.26
CA GLN A 64 1.85 -5.18 6.71
C GLN A 64 2.10 -3.68 6.76
N MET A 65 1.46 -2.95 5.86
CA MET A 65 1.61 -1.50 5.80
C MET A 65 1.18 -0.84 7.10
N ARG A 66 0.12 -1.38 7.71
CA ARG A 66 -0.40 -0.84 8.96
C ARG A 66 0.62 -0.96 10.10
N ASP A 67 1.25 -2.14 10.20
CA ASP A 67 2.24 -2.37 11.24
C ASP A 67 3.47 -1.48 11.03
N ASP A 68 3.90 -1.39 9.79
CA ASP A 68 5.07 -0.58 9.44
C ASP A 68 4.86 0.89 9.81
N LEU A 69 3.69 1.41 9.47
CA LEU A 69 3.35 2.81 9.76
C LEU A 69 3.36 3.06 11.26
N GLU A 70 2.83 2.11 12.03
CA GLU A 70 2.76 2.24 13.48
C GLU A 70 4.13 1.99 14.11
N LYS A 71 4.95 1.18 13.44
CA LYS A 71 6.28 0.87 13.94
C LYS A 71 7.17 2.11 13.93
N GLU A 72 6.92 3.00 12.98
CA GLU A 72 7.69 4.23 12.84
C GLU A 72 7.22 5.27 13.87
N ARG A 73 5.91 5.35 14.04
CA ARG A 73 5.32 6.29 14.98
C ARG A 73 4.46 5.58 16.01
N GLU A 74 5.03 5.28 17.17
CA GLU A 74 4.31 4.59 18.23
C GLU A 74 3.61 5.60 19.15
N ASP A 75 2.86 6.53 18.55
CA ASP A 75 2.15 7.54 19.30
C ASP A 75 0.72 7.70 18.78
N LEU A 76 0.55 7.57 17.47
CA LEU A 76 -0.77 7.70 16.86
C LEU A 76 -1.72 6.64 17.39
N ASP A 77 -1.24 5.42 17.47
CA ASP A 77 -2.03 4.29 17.95
C ASP A 77 -2.81 4.67 19.22
N LEU A 78 -2.08 4.93 20.29
CA LEU A 78 -2.70 5.30 21.56
C LEU A 78 -2.42 6.76 21.89
N ASP A 79 -1.14 7.13 21.91
CA ASP A 79 -0.75 8.50 22.22
C ASP A 79 0.76 8.67 22.07
N GLY A 1 15.32 1.72 3.68
CA GLY A 1 14.27 2.25 4.59
C GLY A 1 12.88 1.79 4.21
N GLY A 2 11.90 2.11 5.04
CA GLY A 2 10.53 1.72 4.76
C GLY A 2 9.52 2.78 5.19
N SER A 3 9.96 4.02 5.21
CA SER A 3 9.08 5.13 5.61
C SER A 3 7.87 5.21 4.70
N LEU A 4 6.68 5.26 5.31
CA LEU A 4 5.44 5.35 4.56
C LEU A 4 4.51 6.41 5.15
N LYS A 5 3.64 6.95 4.32
CA LYS A 5 2.68 7.96 4.75
C LYS A 5 1.27 7.42 4.77
N LYS A 6 0.49 7.82 5.77
CA LYS A 6 -0.89 7.38 5.90
C LYS A 6 -1.71 7.75 4.66
N ASN A 7 -1.24 8.75 3.92
CA ASN A 7 -1.93 9.19 2.72
C ASN A 7 -1.91 8.10 1.64
N THR A 8 -0.73 7.56 1.38
CA THR A 8 -0.59 6.51 0.38
C THR A 8 -1.33 5.25 0.80
N VAL A 9 -1.10 4.82 2.03
CA VAL A 9 -1.73 3.61 2.56
C VAL A 9 -3.25 3.70 2.45
N ASP A 10 -3.82 4.83 2.82
CA ASP A 10 -5.26 5.02 2.75
C ASP A 10 -5.75 4.91 1.30
N ASP A 11 -4.99 5.51 0.39
CA ASP A 11 -5.33 5.48 -1.03
C ASP A 11 -5.30 4.05 -1.57
N ILE A 12 -4.31 3.29 -1.11
CA ILE A 12 -4.17 1.90 -1.56
C ILE A 12 -5.28 1.03 -0.97
N SER A 13 -5.59 1.26 0.30
CA SER A 13 -6.63 0.50 0.98
C SER A 13 -7.98 0.65 0.29
N GLU A 14 -8.29 1.88 -0.11
CA GLU A 14 -9.55 2.17 -0.78
C GLU A 14 -9.68 1.37 -2.08
N SER A 15 -8.64 1.43 -2.90
CA SER A 15 -8.64 0.72 -4.18
C SER A 15 -8.64 -0.79 -3.96
N LEU A 16 -8.01 -1.22 -2.88
CA LEU A 16 -7.93 -2.63 -2.55
C LEU A 16 -9.30 -3.17 -2.12
N ARG A 17 -10.03 -2.35 -1.39
CA ARG A 17 -11.36 -2.72 -0.91
C ARG A 17 -12.33 -2.91 -2.08
N GLN A 18 -12.12 -2.13 -3.14
CA GLN A 18 -12.99 -2.19 -4.31
C GLN A 18 -12.66 -3.41 -5.18
N GLY A 19 -11.41 -3.87 -5.12
CA GLY A 19 -11.00 -5.01 -5.90
C GLY A 19 -11.35 -6.34 -5.26
N GLY A 20 -11.77 -6.31 -3.99
CA GLY A 20 -12.14 -7.52 -3.31
C GLY A 20 -11.02 -8.08 -2.45
N GLY A 21 -10.26 -7.19 -1.80
CA GLY A 21 -9.18 -7.63 -0.94
C GLY A 21 -7.88 -7.88 -1.67
N LYS A 22 -7.94 -8.65 -2.76
CA LYS A 22 -6.76 -8.96 -3.54
C LYS A 22 -6.72 -8.12 -4.81
N LEU A 23 -5.61 -7.40 -5.00
CA LEU A 23 -5.45 -6.55 -6.19
C LEU A 23 -4.10 -6.78 -6.84
N ASN A 24 -4.10 -6.87 -8.17
CA ASN A 24 -2.87 -7.08 -8.91
C ASN A 24 -2.23 -5.74 -9.26
N PHE A 25 -0.97 -5.77 -9.66
CA PHE A 25 -0.23 -4.56 -10.02
C PHE A 25 -1.04 -3.67 -10.96
N ASP A 26 -1.64 -4.28 -11.96
CA ASP A 26 -2.42 -3.56 -12.96
C ASP A 26 -3.69 -2.91 -12.38
N GLU A 27 -4.44 -3.67 -11.60
CA GLU A 27 -5.69 -3.16 -11.04
C GLU A 27 -5.46 -2.07 -9.99
N LEU A 28 -4.53 -2.30 -9.08
CA LEU A 28 -4.25 -1.32 -8.05
C LEU A 28 -3.66 -0.06 -8.67
N ARG A 29 -2.78 -0.25 -9.64
CA ARG A 29 -2.14 0.87 -10.31
C ARG A 29 -3.18 1.72 -11.03
N GLN A 30 -4.08 1.08 -11.79
CA GLN A 30 -5.11 1.83 -12.51
C GLN A 30 -5.98 2.62 -11.52
N ASP A 31 -6.29 1.98 -10.40
CA ASP A 31 -7.08 2.62 -9.35
C ASP A 31 -6.27 3.73 -8.70
N LEU A 32 -4.95 3.54 -8.66
CA LEU A 32 -4.04 4.52 -8.08
C LEU A 32 -3.81 5.68 -9.05
N LYS A 33 -3.69 5.36 -10.33
CA LYS A 33 -3.45 6.38 -11.34
C LYS A 33 -4.64 7.33 -11.41
N GLY A 34 -5.85 6.78 -11.30
CA GLY A 34 -7.04 7.61 -11.34
C GLY A 34 -7.17 8.53 -10.13
N LYS A 35 -6.36 8.26 -9.10
CA LYS A 35 -6.40 9.06 -7.89
C LYS A 35 -5.32 10.14 -7.91
N GLY A 36 -4.35 10.00 -8.83
CA GLY A 36 -3.28 10.97 -8.92
C GLY A 36 -1.94 10.43 -8.49
N HIS A 37 -1.89 9.12 -8.20
CA HIS A 37 -0.65 8.48 -7.78
C HIS A 37 0.25 8.20 -8.98
N THR A 38 1.52 8.56 -8.85
CA THR A 38 2.48 8.35 -9.94
C THR A 38 2.97 6.90 -9.96
N ASP A 39 3.40 6.45 -11.14
CA ASP A 39 3.88 5.08 -11.29
C ASP A 39 5.08 4.82 -10.40
N ALA A 40 5.92 5.85 -10.23
CA ALA A 40 7.11 5.72 -9.39
C ALA A 40 6.74 5.43 -7.94
N GLU A 41 5.79 6.18 -7.42
CA GLU A 41 5.34 6.00 -6.04
C GLU A 41 4.62 4.67 -5.87
N ILE A 42 3.86 4.29 -6.88
CA ILE A 42 3.12 3.03 -6.84
C ILE A 42 4.07 1.85 -6.94
N GLU A 43 5.07 1.97 -7.81
CA GLU A 43 6.05 0.92 -8.01
C GLU A 43 6.91 0.75 -6.77
N ALA A 44 7.17 1.85 -6.07
CA ALA A 44 7.96 1.80 -4.84
C ALA A 44 7.19 1.05 -3.76
N ILE A 45 5.95 1.45 -3.57
CA ILE A 45 5.09 0.81 -2.56
C ILE A 45 4.86 -0.66 -2.93
N PHE A 46 4.58 -0.90 -4.20
CA PHE A 46 4.34 -2.26 -4.66
C PHE A 46 5.58 -3.14 -4.57
N THR A 47 6.74 -2.60 -4.95
CA THR A 47 7.98 -3.35 -4.87
C THR A 47 8.38 -3.58 -3.42
N LYS A 48 8.24 -2.52 -2.63
CA LYS A 48 8.59 -2.57 -1.22
C LYS A 48 7.83 -3.66 -0.49
N TYR A 49 6.53 -3.75 -0.73
CA TYR A 49 5.70 -4.75 -0.09
C TYR A 49 5.71 -6.08 -0.85
N ASP A 50 5.73 -6.03 -2.19
CA ASP A 50 5.73 -7.25 -3.01
C ASP A 50 7.03 -8.03 -2.84
N GLN A 51 7.30 -8.49 -1.62
CA GLN A 51 8.51 -9.26 -1.34
C GLN A 51 8.59 -10.50 -2.21
N ASP A 52 7.43 -11.04 -2.59
CA ASP A 52 7.38 -12.25 -3.41
C ASP A 52 7.47 -11.91 -4.90
N GLY A 53 7.28 -10.63 -5.22
CA GLY A 53 7.36 -10.20 -6.61
C GLY A 53 6.42 -10.97 -7.52
N ASP A 54 5.20 -11.20 -7.07
CA ASP A 54 4.22 -11.93 -7.86
C ASP A 54 3.32 -10.97 -8.66
N GLN A 55 3.77 -9.72 -8.80
CA GLN A 55 3.03 -8.71 -9.53
C GLN A 55 1.62 -8.54 -8.96
N GLU A 56 1.41 -8.95 -7.71
CA GLU A 56 0.10 -8.84 -7.08
C GLU A 56 0.23 -8.56 -5.59
N LEU A 57 -0.68 -7.76 -5.06
CA LEU A 57 -0.69 -7.43 -3.65
C LEU A 57 -1.91 -8.07 -2.97
N THR A 58 -1.68 -8.74 -1.85
CA THR A 58 -2.75 -9.41 -1.13
C THR A 58 -3.02 -8.76 0.22
N GLU A 59 -4.19 -9.06 0.78
CA GLU A 59 -4.59 -8.53 2.07
C GLU A 59 -3.50 -8.72 3.12
N HIS A 60 -2.73 -9.80 2.96
CA HIS A 60 -1.65 -10.10 3.89
C HIS A 60 -0.53 -9.08 3.76
N GLU A 61 -0.11 -8.81 2.53
CA GLU A 61 0.95 -7.85 2.28
C GLU A 61 0.54 -6.46 2.73
N HIS A 62 -0.72 -6.09 2.46
CA HIS A 62 -1.23 -4.79 2.85
C HIS A 62 -1.34 -4.67 4.37
N GLN A 63 -1.67 -5.79 5.02
CA GLN A 63 -1.81 -5.80 6.47
C GLN A 63 -0.52 -5.32 7.14
N GLN A 64 0.61 -5.65 6.52
CA GLN A 64 1.92 -5.24 7.05
C GLN A 64 2.09 -3.72 6.93
N MET A 65 1.47 -3.15 5.89
CA MET A 65 1.55 -1.71 5.65
C MET A 65 1.06 -0.93 6.87
N ARG A 66 -0.13 -1.28 7.35
CA ARG A 66 -0.71 -0.60 8.51
C ARG A 66 0.21 -0.71 9.73
N ASP A 67 0.73 -1.91 9.96
CA ASP A 67 1.63 -2.15 11.08
C ASP A 67 2.94 -1.37 10.92
N ASP A 68 3.48 -1.40 9.71
CA ASP A 68 4.73 -0.72 9.41
C ASP A 68 4.60 0.78 9.68
N LEU A 69 3.45 1.34 9.33
CA LEU A 69 3.20 2.77 9.52
C LEU A 69 3.32 3.15 10.99
N GLU A 70 2.71 2.34 11.85
CA GLU A 70 2.75 2.60 13.29
C GLU A 70 4.12 2.25 13.86
N LYS A 71 4.67 1.13 13.43
CA LYS A 71 5.98 0.70 13.90
C LYS A 71 7.06 1.68 13.47
N GLU A 72 6.80 2.40 12.38
CA GLU A 72 7.76 3.37 11.86
C GLU A 72 7.89 4.55 12.82
N ARG A 73 6.75 5.03 13.32
CA ARG A 73 6.74 6.16 14.24
C ARG A 73 6.30 5.73 15.63
N GLU A 74 4.99 5.50 15.78
CA GLU A 74 4.43 5.08 17.06
C GLU A 74 5.06 3.78 17.53
N ASP A 75 4.66 3.34 18.72
CA ASP A 75 5.18 2.11 19.30
C ASP A 75 4.45 1.76 20.58
N LEU A 76 4.80 2.45 21.66
CA LEU A 76 4.17 2.21 22.96
C LEU A 76 3.00 3.15 23.17
N ASP A 77 1.86 2.59 23.59
CA ASP A 77 0.65 3.38 23.83
C ASP A 77 0.00 2.98 25.14
N LEU A 78 0.62 3.36 26.25
CA LEU A 78 0.09 3.05 27.58
C LEU A 78 -0.13 4.32 28.39
N ASP A 79 0.87 5.19 28.40
CA ASP A 79 0.79 6.44 29.13
C ASP A 79 0.21 7.55 28.26
N GLY A 1 11.33 1.56 1.25
CA GLY A 1 12.64 1.36 1.94
C GLY A 1 12.51 1.32 3.43
N GLY A 2 11.53 2.06 3.97
CA GLY A 2 11.32 2.09 5.40
C GLY A 2 10.21 3.04 5.79
N SER A 3 10.51 4.33 5.83
CA SER A 3 9.53 5.34 6.20
C SER A 3 8.34 5.32 5.24
N LEU A 4 7.14 5.32 5.81
CA LEU A 4 5.91 5.30 5.01
C LEU A 4 4.92 6.36 5.52
N LYS A 5 4.06 6.84 4.63
CA LYS A 5 3.08 7.84 4.98
C LYS A 5 1.68 7.22 5.11
N LYS A 6 1.02 7.50 6.22
CA LYS A 6 -0.33 6.97 6.46
C LYS A 6 -1.28 7.39 5.35
N ASN A 7 -0.96 8.49 4.69
CA ASN A 7 -1.81 9.00 3.60
C ASN A 7 -1.75 8.08 2.38
N THR A 8 -0.63 7.39 2.21
CA THR A 8 -0.47 6.49 1.07
C THR A 8 -1.31 5.24 1.23
N VAL A 9 -1.20 4.60 2.39
CA VAL A 9 -1.96 3.38 2.67
C VAL A 9 -3.46 3.61 2.50
N ASP A 10 -3.91 4.81 2.85
CA ASP A 10 -5.32 5.16 2.71
C ASP A 10 -5.76 5.05 1.26
N ASP A 11 -4.93 5.58 0.36
CA ASP A 11 -5.23 5.54 -1.07
C ASP A 11 -5.21 4.11 -1.59
N ILE A 12 -4.25 3.32 -1.12
CA ILE A 12 -4.12 1.94 -1.53
C ILE A 12 -5.26 1.08 -0.96
N SER A 13 -5.50 1.24 0.34
CA SER A 13 -6.55 0.48 1.02
C SER A 13 -7.91 0.66 0.36
N GLU A 14 -8.27 1.92 0.10
CA GLU A 14 -9.56 2.22 -0.52
C GLU A 14 -9.73 1.47 -1.83
N SER A 15 -8.73 1.56 -2.70
CA SER A 15 -8.77 0.90 -3.99
C SER A 15 -8.73 -0.62 -3.82
N LEU A 16 -8.04 -1.08 -2.78
CA LEU A 16 -7.92 -2.50 -2.49
C LEU A 16 -9.26 -3.06 -2.02
N ARG A 17 -9.98 -2.27 -1.23
CA ARG A 17 -11.28 -2.68 -0.71
C ARG A 17 -12.29 -2.84 -1.83
N GLN A 18 -12.15 -2.03 -2.87
CA GLN A 18 -13.06 -2.07 -4.01
C GLN A 18 -12.79 -3.29 -4.89
N GLY A 19 -11.54 -3.76 -4.88
CA GLY A 19 -11.18 -4.90 -5.69
C GLY A 19 -11.48 -6.23 -5.01
N GLY A 20 -11.81 -6.17 -3.72
CA GLY A 20 -12.13 -7.38 -2.99
C GLY A 20 -10.94 -7.95 -2.24
N GLY A 21 -10.08 -7.07 -1.72
CA GLY A 21 -8.91 -7.52 -0.97
C GLY A 21 -7.73 -7.88 -1.85
N LYS A 22 -7.98 -8.64 -2.92
CA LYS A 22 -6.92 -9.06 -3.82
C LYS A 22 -6.90 -8.22 -5.10
N LEU A 23 -5.71 -7.80 -5.50
CA LEU A 23 -5.55 -7.00 -6.70
C LEU A 23 -4.14 -7.13 -7.26
N ASN A 24 -4.01 -7.10 -8.58
CA ASN A 24 -2.71 -7.22 -9.23
C ASN A 24 -2.11 -5.85 -9.52
N PHE A 25 -0.82 -5.84 -9.86
CA PHE A 25 -0.09 -4.61 -10.17
C PHE A 25 -0.88 -3.72 -11.13
N ASP A 26 -1.42 -4.33 -12.18
CA ASP A 26 -2.17 -3.60 -13.19
C ASP A 26 -3.48 -3.00 -12.67
N GLU A 27 -4.25 -3.81 -11.94
CA GLU A 27 -5.55 -3.34 -11.44
C GLU A 27 -5.39 -2.29 -10.35
N LEU A 28 -4.50 -2.52 -9.40
CA LEU A 28 -4.28 -1.56 -8.33
C LEU A 28 -3.70 -0.27 -8.88
N ARG A 29 -2.74 -0.40 -9.79
CA ARG A 29 -2.12 0.76 -10.39
C ARG A 29 -3.16 1.60 -11.11
N GLN A 30 -4.05 0.95 -11.86
CA GLN A 30 -5.11 1.67 -12.58
C GLN A 30 -5.95 2.46 -11.59
N ASP A 31 -6.33 1.81 -10.50
CA ASP A 31 -7.12 2.45 -9.45
C ASP A 31 -6.32 3.56 -8.78
N LEU A 32 -5.00 3.38 -8.75
CA LEU A 32 -4.11 4.36 -8.16
C LEU A 32 -3.88 5.53 -9.13
N LYS A 33 -3.74 5.21 -10.40
CA LYS A 33 -3.51 6.23 -11.42
C LYS A 33 -4.71 7.18 -11.50
N GLY A 34 -5.91 6.62 -11.38
CA GLY A 34 -7.11 7.44 -11.42
C GLY A 34 -7.23 8.35 -10.22
N LYS A 35 -6.42 8.10 -9.19
CA LYS A 35 -6.46 8.92 -7.98
C LYS A 35 -5.41 10.02 -8.03
N GLY A 36 -4.46 9.92 -8.96
CA GLY A 36 -3.42 10.91 -9.08
C GLY A 36 -2.05 10.41 -8.66
N HIS A 37 -1.96 9.11 -8.37
CA HIS A 37 -0.71 8.51 -7.94
C HIS A 37 0.19 8.23 -9.15
N THR A 38 1.46 8.61 -9.03
CA THR A 38 2.42 8.39 -10.11
C THR A 38 2.93 6.95 -10.12
N ASP A 39 3.38 6.50 -11.28
CA ASP A 39 3.89 5.14 -11.43
C ASP A 39 5.07 4.90 -10.49
N ALA A 40 5.90 5.92 -10.31
CA ALA A 40 7.06 5.82 -9.43
C ALA A 40 6.65 5.50 -8.00
N GLU A 41 5.65 6.22 -7.51
CA GLU A 41 5.16 6.02 -6.16
C GLU A 41 4.50 4.66 -6.01
N ILE A 42 3.73 4.28 -7.01
CA ILE A 42 3.03 2.99 -7.00
C ILE A 42 4.02 1.83 -7.10
N GLU A 43 5.02 1.99 -7.95
CA GLU A 43 6.03 0.95 -8.14
C GLU A 43 6.89 0.78 -6.89
N ALA A 44 7.16 1.89 -6.20
CA ALA A 44 7.96 1.84 -4.98
C ALA A 44 7.20 1.10 -3.90
N ILE A 45 5.95 1.50 -3.68
CA ILE A 45 5.10 0.87 -2.69
C ILE A 45 4.90 -0.61 -3.02
N PHE A 46 4.62 -0.89 -4.29
CA PHE A 46 4.41 -2.26 -4.73
C PHE A 46 5.68 -3.09 -4.61
N THR A 47 6.82 -2.52 -5.00
CA THR A 47 8.09 -3.25 -4.90
C THR A 47 8.47 -3.46 -3.44
N LYS A 48 8.30 -2.40 -2.66
CA LYS A 48 8.64 -2.43 -1.24
C LYS A 48 7.89 -3.53 -0.52
N TYR A 49 6.59 -3.63 -0.76
CA TYR A 49 5.77 -4.64 -0.11
C TYR A 49 5.77 -5.98 -0.87
N ASP A 50 5.81 -5.93 -2.20
CA ASP A 50 5.81 -7.15 -3.01
C ASP A 50 7.12 -7.92 -2.84
N GLN A 51 7.39 -8.36 -1.63
CA GLN A 51 8.61 -9.12 -1.34
C GLN A 51 8.69 -10.39 -2.17
N ASP A 52 7.53 -10.98 -2.44
CA ASP A 52 7.46 -12.21 -3.22
C ASP A 52 7.56 -11.92 -4.72
N GLY A 53 7.40 -10.65 -5.09
CA GLY A 53 7.48 -10.26 -6.48
C GLY A 53 6.51 -11.02 -7.37
N ASP A 54 5.31 -11.27 -6.87
CA ASP A 54 4.30 -11.99 -7.64
C ASP A 54 3.44 -11.04 -8.46
N GLN A 55 3.89 -9.79 -8.58
CA GLN A 55 3.16 -8.77 -9.35
C GLN A 55 1.71 -8.64 -8.86
N GLU A 56 1.47 -9.01 -7.61
CA GLU A 56 0.13 -8.92 -7.05
C GLU A 56 0.16 -8.58 -5.56
N LEU A 57 -0.77 -7.72 -5.15
CA LEU A 57 -0.87 -7.32 -3.76
C LEU A 57 -2.14 -7.88 -3.13
N THR A 58 -2.00 -8.52 -1.98
CA THR A 58 -3.14 -9.12 -1.29
C THR A 58 -3.36 -8.50 0.08
N GLU A 59 -4.53 -8.80 0.66
CA GLU A 59 -4.88 -8.28 1.98
C GLU A 59 -3.76 -8.54 2.98
N HIS A 60 -3.02 -9.62 2.78
CA HIS A 60 -1.92 -9.98 3.66
C HIS A 60 -0.80 -8.95 3.58
N GLU A 61 -0.38 -8.65 2.36
CA GLU A 61 0.69 -7.68 2.13
C GLU A 61 0.26 -6.29 2.62
N HIS A 62 -1.01 -5.97 2.41
CA HIS A 62 -1.53 -4.68 2.82
C HIS A 62 -1.55 -4.56 4.34
N GLN A 63 -1.84 -5.66 5.01
CA GLN A 63 -1.88 -5.68 6.47
C GLN A 63 -0.56 -5.21 7.06
N GLN A 64 0.53 -5.52 6.36
CA GLN A 64 1.87 -5.13 6.81
C GLN A 64 2.04 -3.62 6.71
N MET A 65 1.36 -3.01 5.75
CA MET A 65 1.45 -1.57 5.54
C MET A 65 1.04 -0.81 6.80
N ARG A 66 -0.15 -1.10 7.30
CA ARG A 66 -0.66 -0.46 8.51
C ARG A 66 0.22 -0.75 9.72
N ASP A 67 0.61 -2.01 9.87
CA ASP A 67 1.45 -2.41 10.99
C ASP A 67 2.82 -1.74 10.94
N ASP A 68 3.43 -1.77 9.77
CA ASP A 68 4.75 -1.16 9.58
C ASP A 68 4.71 0.34 9.80
N LEU A 69 3.66 0.98 9.27
CA LEU A 69 3.50 2.43 9.41
C LEU A 69 3.46 2.85 10.87
N GLU A 70 2.80 2.05 11.70
CA GLU A 70 2.69 2.34 13.12
C GLU A 70 4.03 2.15 13.82
N LYS A 71 4.86 1.28 13.26
CA LYS A 71 6.17 1.01 13.83
C LYS A 71 7.09 2.22 13.63
N GLU A 72 6.72 3.09 12.69
CA GLU A 72 7.51 4.28 12.39
C GLU A 72 6.88 5.52 13.03
N ARG A 73 5.55 5.55 13.05
CA ARG A 73 4.83 6.68 13.62
C ARG A 73 4.35 6.39 15.05
N GLU A 74 4.91 5.35 15.67
CA GLU A 74 4.53 4.99 17.03
C GLU A 74 5.69 4.33 17.77
N ASP A 75 6.91 4.63 17.34
CA ASP A 75 8.11 4.08 17.98
C ASP A 75 8.94 5.18 18.63
N LEU A 76 8.27 6.06 19.38
CA LEU A 76 8.95 7.16 20.05
C LEU A 76 8.29 7.45 21.40
N ASP A 77 9.12 7.80 22.38
CA ASP A 77 8.61 8.11 23.72
C ASP A 77 7.76 9.37 23.70
N LEU A 78 8.41 10.52 23.67
CA LEU A 78 7.72 11.81 23.64
C LEU A 78 6.91 12.00 24.92
N ASP A 79 7.58 12.38 26.00
CA ASP A 79 6.93 12.61 27.28
C ASP A 79 7.29 13.98 27.83
N GLY A 1 10.73 4.71 11.38
CA GLY A 1 11.98 4.92 10.60
C GLY A 1 11.84 5.99 9.55
N GLY A 2 10.64 6.13 9.00
CA GLY A 2 10.39 7.13 7.98
C GLY A 2 10.52 6.56 6.58
N SER A 3 9.39 6.14 6.01
CA SER A 3 9.38 5.57 4.67
C SER A 3 7.98 5.52 4.09
N LEU A 4 6.99 5.35 4.96
CA LEU A 4 5.60 5.29 4.51
C LEU A 4 4.75 6.31 5.25
N LYS A 5 3.80 6.89 4.53
CA LYS A 5 2.91 7.89 5.09
C LYS A 5 1.48 7.35 5.22
N LYS A 6 0.80 7.74 6.29
CA LYS A 6 -0.57 7.29 6.53
C LYS A 6 -1.47 7.62 5.35
N ASN A 7 -1.14 8.68 4.64
CA ASN A 7 -1.94 9.10 3.49
C ASN A 7 -1.85 8.10 2.35
N THR A 8 -0.74 7.36 2.29
CA THR A 8 -0.54 6.37 1.24
C THR A 8 -1.47 5.18 1.44
N VAL A 9 -1.48 4.64 2.65
CA VAL A 9 -2.31 3.49 2.98
C VAL A 9 -3.78 3.78 2.66
N ASP A 10 -4.19 5.02 2.89
CA ASP A 10 -5.58 5.41 2.61
C ASP A 10 -5.90 5.26 1.14
N ASP A 11 -4.96 5.67 0.29
CA ASP A 11 -5.14 5.57 -1.16
C ASP A 11 -5.20 4.12 -1.60
N ILE A 12 -4.27 3.31 -1.08
CA ILE A 12 -4.22 1.90 -1.42
C ILE A 12 -5.39 1.15 -0.78
N SER A 13 -5.73 1.54 0.44
CA SER A 13 -6.83 0.91 1.17
C SER A 13 -8.15 1.02 0.42
N GLU A 14 -8.46 2.22 -0.04
CA GLU A 14 -9.72 2.45 -0.76
C GLU A 14 -9.79 1.61 -2.03
N SER A 15 -8.73 1.67 -2.82
CA SER A 15 -8.66 0.91 -4.06
C SER A 15 -8.60 -0.58 -3.78
N LEU A 16 -7.97 -0.93 -2.66
CA LEU A 16 -7.85 -2.33 -2.24
C LEU A 16 -9.20 -2.89 -1.82
N ARG A 17 -9.94 -2.10 -1.08
CA ARG A 17 -11.26 -2.51 -0.60
C ARG A 17 -12.24 -2.68 -1.76
N GLN A 18 -12.06 -1.89 -2.81
CA GLN A 18 -12.93 -1.95 -3.97
C GLN A 18 -12.58 -3.14 -4.87
N GLY A 19 -11.33 -3.58 -4.82
CA GLY A 19 -10.91 -4.70 -5.65
C GLY A 19 -11.26 -6.04 -5.06
N GLY A 20 -11.69 -6.06 -3.79
CA GLY A 20 -12.06 -7.31 -3.15
C GLY A 20 -10.96 -7.88 -2.28
N GLY A 21 -10.18 -7.00 -1.66
CA GLY A 21 -9.11 -7.46 -0.77
C GLY A 21 -7.80 -7.71 -1.50
N LYS A 22 -7.86 -8.36 -2.65
CA LYS A 22 -6.65 -8.66 -3.42
C LYS A 22 -6.72 -8.07 -4.82
N LEU A 23 -5.60 -7.49 -5.26
CA LEU A 23 -5.52 -6.88 -6.59
C LEU A 23 -4.12 -7.06 -7.18
N ASN A 24 -4.03 -7.06 -8.50
CA ASN A 24 -2.75 -7.22 -9.18
C ASN A 24 -2.14 -5.86 -9.51
N PHE A 25 -0.86 -5.87 -9.88
CA PHE A 25 -0.14 -4.64 -10.22
C PHE A 25 -0.93 -3.77 -11.19
N ASP A 26 -1.49 -4.39 -12.22
CA ASP A 26 -2.25 -3.67 -13.24
C ASP A 26 -3.54 -3.06 -12.71
N GLU A 27 -4.31 -3.83 -11.95
CA GLU A 27 -5.59 -3.35 -11.42
C GLU A 27 -5.41 -2.30 -10.33
N LEU A 28 -4.51 -2.55 -9.39
CA LEU A 28 -4.27 -1.61 -8.32
C LEU A 28 -3.70 -0.32 -8.86
N ARG A 29 -2.72 -0.45 -9.75
CA ARG A 29 -2.09 0.70 -10.37
C ARG A 29 -3.12 1.54 -11.11
N GLN A 30 -4.00 0.89 -11.86
CA GLN A 30 -5.03 1.61 -12.60
C GLN A 30 -5.90 2.41 -11.64
N ASP A 31 -6.25 1.78 -10.52
CA ASP A 31 -7.06 2.44 -9.49
C ASP A 31 -6.25 3.55 -8.82
N LEU A 32 -4.94 3.35 -8.76
CA LEU A 32 -4.04 4.34 -8.17
C LEU A 32 -3.81 5.51 -9.12
N LYS A 33 -3.63 5.19 -10.41
CA LYS A 33 -3.39 6.22 -11.41
C LYS A 33 -4.60 7.13 -11.52
N GLY A 34 -5.80 6.54 -11.43
CA GLY A 34 -7.02 7.33 -11.53
C GLY A 34 -7.18 8.28 -10.34
N LYS A 35 -6.40 8.05 -9.29
CA LYS A 35 -6.45 8.89 -8.10
C LYS A 35 -5.39 9.99 -8.14
N GLY A 36 -4.44 9.87 -9.08
CA GLY A 36 -3.39 10.86 -9.19
C GLY A 36 -2.03 10.34 -8.78
N HIS A 37 -1.94 9.03 -8.52
CA HIS A 37 -0.68 8.42 -8.11
C HIS A 37 0.19 8.12 -9.33
N THR A 38 1.48 8.47 -9.23
CA THR A 38 2.41 8.24 -10.33
C THR A 38 2.94 6.81 -10.30
N ASP A 39 3.42 6.34 -11.45
CA ASP A 39 3.95 4.99 -11.57
C ASP A 39 5.12 4.77 -10.61
N ALA A 40 5.93 5.81 -10.43
CA ALA A 40 7.09 5.74 -9.54
C ALA A 40 6.65 5.45 -8.11
N GLU A 41 5.70 6.23 -7.62
CA GLU A 41 5.21 6.08 -6.26
C GLU A 41 4.53 4.72 -6.09
N ILE A 42 3.73 4.34 -7.07
CA ILE A 42 3.02 3.06 -7.04
C ILE A 42 3.99 1.89 -7.10
N GLU A 43 5.01 2.02 -7.95
CA GLU A 43 6.00 0.96 -8.10
C GLU A 43 6.82 0.79 -6.82
N ALA A 44 7.06 1.90 -6.13
CA ALA A 44 7.82 1.85 -4.87
C ALA A 44 7.01 1.11 -3.81
N ILE A 45 5.75 1.52 -3.67
CA ILE A 45 4.86 0.90 -2.70
C ILE A 45 4.67 -0.59 -3.04
N PHE A 46 4.41 -0.85 -4.31
CA PHE A 46 4.20 -2.22 -4.77
C PHE A 46 5.45 -3.07 -4.65
N THR A 47 6.60 -2.52 -5.02
CA THR A 47 7.86 -3.27 -4.93
C THR A 47 8.22 -3.48 -3.47
N LYS A 48 8.08 -2.42 -2.69
CA LYS A 48 8.40 -2.44 -1.27
C LYS A 48 7.60 -3.52 -0.55
N TYR A 49 6.32 -3.62 -0.86
CA TYR A 49 5.45 -4.60 -0.23
C TYR A 49 5.49 -5.95 -0.94
N ASP A 50 5.53 -5.93 -2.28
CA ASP A 50 5.55 -7.17 -3.07
C ASP A 50 6.89 -7.90 -2.91
N GLN A 51 7.19 -8.31 -1.68
CA GLN A 51 8.43 -9.02 -1.40
C GLN A 51 8.48 -10.36 -2.14
N ASP A 52 7.31 -10.89 -2.46
CA ASP A 52 7.22 -12.18 -3.15
C ASP A 52 7.49 -12.01 -4.65
N GLY A 53 7.51 -10.77 -5.12
CA GLY A 53 7.77 -10.51 -6.52
C GLY A 53 6.78 -11.20 -7.44
N ASP A 54 5.56 -11.41 -6.94
CA ASP A 54 4.52 -12.06 -7.73
C ASP A 54 3.63 -11.04 -8.44
N GLN A 55 4.13 -9.81 -8.55
CA GLN A 55 3.39 -8.73 -9.21
C GLN A 55 1.94 -8.68 -8.74
N GLU A 56 1.69 -9.12 -7.51
CA GLU A 56 0.34 -9.12 -6.96
C GLU A 56 0.33 -8.69 -5.50
N LEU A 57 -0.56 -7.76 -5.18
CA LEU A 57 -0.70 -7.27 -3.81
C LEU A 57 -1.94 -7.90 -3.17
N THR A 58 -1.74 -8.57 -2.05
CA THR A 58 -2.85 -9.23 -1.36
C THR A 58 -3.09 -8.66 0.03
N GLU A 59 -4.22 -9.04 0.62
CA GLU A 59 -4.59 -8.57 1.95
C GLU A 59 -3.42 -8.72 2.93
N HIS A 60 -2.57 -9.71 2.68
CA HIS A 60 -1.42 -9.96 3.54
C HIS A 60 -0.41 -8.82 3.41
N GLU A 61 -0.06 -8.47 2.17
CA GLU A 61 0.89 -7.40 1.92
C GLU A 61 0.36 -6.07 2.43
N HIS A 62 -0.95 -5.85 2.25
CA HIS A 62 -1.58 -4.61 2.71
C HIS A 62 -1.61 -4.55 4.23
N GLN A 63 -1.77 -5.71 4.86
CA GLN A 63 -1.82 -5.79 6.32
C GLN A 63 -0.50 -5.31 6.91
N GLN A 64 0.59 -5.61 6.23
CA GLN A 64 1.92 -5.21 6.69
C GLN A 64 2.05 -3.69 6.72
N MET A 65 1.36 -3.03 5.79
CA MET A 65 1.40 -1.57 5.69
C MET A 65 0.95 -0.94 7.00
N ARG A 66 -0.18 -1.42 7.53
CA ARG A 66 -0.72 -0.88 8.78
C ARG A 66 0.27 -1.07 9.92
N ASP A 67 0.87 -2.26 9.99
CA ASP A 67 1.85 -2.56 11.04
C ASP A 67 3.10 -1.71 10.87
N ASP A 68 3.60 -1.65 9.65
CA ASP A 68 4.78 -0.87 9.33
C ASP A 68 4.57 0.61 9.67
N LEU A 69 3.33 1.05 9.57
CA LEU A 69 2.99 2.44 9.86
C LEU A 69 3.11 2.74 11.35
N GLU A 70 2.78 1.75 12.18
CA GLU A 70 2.84 1.93 13.63
C GLU A 70 4.28 1.85 14.14
N LYS A 71 5.04 0.89 13.64
CA LYS A 71 6.42 0.73 14.06
C LYS A 71 7.23 1.98 13.75
N GLU A 72 6.86 2.67 12.68
CA GLU A 72 7.53 3.90 12.28
C GLU A 72 7.22 5.01 13.29
N ARG A 73 5.99 5.01 13.78
CA ARG A 73 5.54 6.00 14.75
C ARG A 73 4.73 5.34 15.86
N GLU A 74 5.34 5.21 17.04
CA GLU A 74 4.68 4.59 18.18
C GLU A 74 4.50 5.58 19.33
N ASP A 75 3.28 5.68 19.82
CA ASP A 75 2.96 6.58 20.92
C ASP A 75 1.66 6.20 21.59
N LEU A 76 0.64 5.96 20.77
CA LEU A 76 -0.69 5.58 21.28
C LEU A 76 -0.93 4.08 21.09
N ASP A 77 -0.22 3.27 21.87
CA ASP A 77 -0.37 1.82 21.80
C ASP A 77 -0.99 1.26 23.06
N LEU A 78 -0.23 1.31 24.16
CA LEU A 78 -0.70 0.80 25.44
C LEU A 78 -0.08 1.57 26.59
N ASP A 79 -0.71 2.68 26.98
CA ASP A 79 -0.21 3.51 28.07
C ASP A 79 -1.35 3.95 28.98
N GLY A 1 9.08 6.21 -1.23
CA GLY A 1 10.54 6.35 -0.99
C GLY A 1 10.94 6.00 0.43
N GLY A 2 11.20 4.72 0.68
CA GLY A 2 11.58 4.28 2.00
C GLY A 2 10.45 4.40 3.00
N SER A 3 10.45 5.52 3.73
CA SER A 3 9.42 5.77 4.74
C SER A 3 8.03 5.71 4.12
N LEU A 4 7.01 5.55 4.95
CA LEU A 4 5.63 5.49 4.49
C LEU A 4 4.74 6.40 5.32
N LYS A 5 3.66 6.89 4.71
CA LYS A 5 2.73 7.77 5.40
C LYS A 5 1.31 7.20 5.35
N LYS A 6 0.50 7.56 6.35
CA LYS A 6 -0.87 7.09 6.43
C LYS A 6 -1.67 7.53 5.21
N ASN A 7 -1.18 8.55 4.50
CA ASN A 7 -1.86 9.06 3.32
C ASN A 7 -1.82 8.05 2.18
N THR A 8 -0.68 7.41 1.99
CA THR A 8 -0.52 6.41 0.94
C THR A 8 -1.38 5.19 1.21
N VAL A 9 -1.27 4.66 2.43
CA VAL A 9 -2.04 3.48 2.82
C VAL A 9 -3.54 3.70 2.61
N ASP A 10 -4.01 4.90 2.95
CA ASP A 10 -5.42 5.23 2.79
C ASP A 10 -5.84 5.10 1.32
N ASP A 11 -5.00 5.62 0.43
CA ASP A 11 -5.27 5.57 -1.00
C ASP A 11 -5.28 4.12 -1.50
N ILE A 12 -4.33 3.33 -1.00
CA ILE A 12 -4.23 1.94 -1.38
C ILE A 12 -5.38 1.12 -0.79
N SER A 13 -5.65 1.33 0.49
CA SER A 13 -6.72 0.62 1.18
C SER A 13 -8.06 0.77 0.47
N GLU A 14 -8.40 2.00 0.12
CA GLU A 14 -9.67 2.27 -0.55
C GLU A 14 -9.76 1.52 -1.87
N SER A 15 -8.73 1.62 -2.69
CA SER A 15 -8.72 0.95 -3.98
C SER A 15 -8.69 -0.56 -3.81
N LEU A 16 -8.03 -1.02 -2.75
CA LEU A 16 -7.94 -2.45 -2.47
C LEU A 16 -9.29 -3.01 -2.06
N ARG A 17 -10.05 -2.23 -1.31
CA ARG A 17 -11.36 -2.64 -0.84
C ARG A 17 -12.34 -2.78 -2.00
N GLN A 18 -12.15 -1.96 -3.03
CA GLN A 18 -13.02 -1.98 -4.20
C GLN A 18 -12.72 -3.19 -5.10
N GLY A 19 -11.45 -3.57 -5.17
CA GLY A 19 -11.06 -4.70 -6.00
C GLY A 19 -11.39 -6.04 -5.38
N GLY A 20 -11.75 -6.04 -4.10
CA GLY A 20 -12.08 -7.28 -3.42
C GLY A 20 -10.94 -7.82 -2.59
N GLY A 21 -10.17 -6.93 -1.98
CA GLY A 21 -9.07 -7.36 -1.14
C GLY A 21 -7.82 -7.69 -1.93
N LYS A 22 -7.94 -8.58 -2.91
CA LYS A 22 -6.79 -8.99 -3.71
C LYS A 22 -6.80 -8.29 -5.08
N LEU A 23 -5.66 -7.72 -5.44
CA LEU A 23 -5.52 -7.03 -6.71
C LEU A 23 -4.11 -7.16 -7.26
N ASN A 24 -3.98 -7.14 -8.58
CA ASN A 24 -2.67 -7.26 -9.23
C ASN A 24 -2.07 -5.89 -9.52
N PHE A 25 -0.79 -5.88 -9.87
CA PHE A 25 -0.06 -4.65 -10.19
C PHE A 25 -0.85 -3.76 -11.15
N ASP A 26 -1.38 -4.36 -12.19
CA ASP A 26 -2.13 -3.63 -13.23
C ASP A 26 -3.43 -3.03 -12.70
N GLU A 27 -4.21 -3.82 -11.97
CA GLU A 27 -5.50 -3.35 -11.47
C GLU A 27 -5.34 -2.30 -10.37
N LEU A 28 -4.47 -2.56 -9.41
CA LEU A 28 -4.25 -1.61 -8.33
C LEU A 28 -3.67 -0.32 -8.86
N ARG A 29 -2.69 -0.44 -9.76
CA ARG A 29 -2.06 0.72 -10.34
C ARG A 29 -3.09 1.57 -11.09
N GLN A 30 -3.96 0.92 -11.87
CA GLN A 30 -5.00 1.64 -12.61
C GLN A 30 -5.86 2.43 -11.63
N ASP A 31 -6.25 1.77 -10.54
CA ASP A 31 -7.06 2.40 -9.51
C ASP A 31 -6.27 3.52 -8.83
N LEU A 32 -4.96 3.34 -8.77
CA LEU A 32 -4.08 4.33 -8.15
C LEU A 32 -3.86 5.51 -9.09
N LYS A 33 -3.69 5.21 -10.37
CA LYS A 33 -3.47 6.25 -11.36
C LYS A 33 -4.68 7.18 -11.45
N GLY A 34 -5.87 6.59 -11.36
CA GLY A 34 -7.08 7.38 -11.43
C GLY A 34 -7.25 8.31 -10.24
N LYS A 35 -6.44 8.10 -9.20
CA LYS A 35 -6.50 8.93 -8.00
C LYS A 35 -5.44 10.03 -8.03
N GLY A 36 -4.49 9.91 -8.96
CA GLY A 36 -3.44 10.91 -9.05
C GLY A 36 -2.08 10.39 -8.62
N HIS A 37 -2.00 9.09 -8.35
CA HIS A 37 -0.75 8.48 -7.91
C HIS A 37 0.16 8.21 -9.11
N THR A 38 1.44 8.58 -8.98
CA THR A 38 2.40 8.38 -10.05
C THR A 38 2.92 6.94 -10.06
N ASP A 39 3.38 6.49 -11.22
CA ASP A 39 3.90 5.13 -11.38
C ASP A 39 5.08 4.90 -10.44
N ALA A 40 5.89 5.93 -10.24
CA ALA A 40 7.06 5.82 -9.36
C ALA A 40 6.64 5.51 -7.93
N GLU A 41 5.63 6.23 -7.45
CA GLU A 41 5.13 6.04 -6.09
C GLU A 41 4.47 4.67 -5.95
N ILE A 42 3.69 4.30 -6.96
CA ILE A 42 3.00 3.01 -6.95
C ILE A 42 3.98 1.85 -7.04
N GLU A 43 5.00 2.01 -7.88
CA GLU A 43 6.00 0.97 -8.07
C GLU A 43 6.85 0.80 -6.81
N ALA A 44 7.12 1.91 -6.12
CA ALA A 44 7.90 1.85 -4.89
C ALA A 44 7.13 1.11 -3.81
N ILE A 45 5.88 1.50 -3.61
CA ILE A 45 5.02 0.86 -2.63
C ILE A 45 4.83 -0.62 -2.97
N PHE A 46 4.57 -0.88 -4.25
CA PHE A 46 4.36 -2.24 -4.71
C PHE A 46 5.63 -3.08 -4.60
N THR A 47 6.77 -2.51 -4.95
CA THR A 47 8.03 -3.23 -4.87
C THR A 47 8.40 -3.47 -3.41
N LYS A 48 8.23 -2.42 -2.61
CA LYS A 48 8.54 -2.46 -1.19
C LYS A 48 7.77 -3.57 -0.48
N TYR A 49 6.47 -3.65 -0.74
CA TYR A 49 5.63 -4.66 -0.11
C TYR A 49 5.63 -5.98 -0.87
N ASP A 50 5.63 -5.93 -2.21
CA ASP A 50 5.62 -7.15 -3.02
C ASP A 50 6.94 -7.91 -2.90
N GLN A 51 7.25 -8.36 -1.69
CA GLN A 51 8.48 -9.11 -1.44
C GLN A 51 8.46 -10.46 -2.14
N ASP A 52 7.26 -10.93 -2.50
CA ASP A 52 7.11 -12.21 -3.18
C ASP A 52 7.35 -12.08 -4.68
N GLY A 53 7.39 -10.84 -5.17
CA GLY A 53 7.63 -10.61 -6.58
C GLY A 53 6.59 -11.28 -7.47
N ASP A 54 5.40 -11.53 -6.90
CA ASP A 54 4.33 -12.16 -7.66
C ASP A 54 3.54 -11.14 -8.48
N GLN A 55 3.97 -9.88 -8.43
CA GLN A 55 3.31 -8.81 -9.18
C GLN A 55 1.85 -8.65 -8.74
N GLU A 56 1.57 -9.02 -7.49
CA GLU A 56 0.22 -8.91 -6.96
C GLU A 56 0.23 -8.57 -5.47
N LEU A 57 -0.70 -7.71 -5.07
CA LEU A 57 -0.80 -7.31 -3.66
C LEU A 57 -2.07 -7.89 -3.05
N THR A 58 -1.92 -8.54 -1.91
CA THR A 58 -3.06 -9.16 -1.24
C THR A 58 -3.31 -8.56 0.14
N GLU A 59 -4.47 -8.89 0.71
CA GLU A 59 -4.85 -8.40 2.04
C GLU A 59 -3.73 -8.62 3.04
N HIS A 60 -2.96 -9.70 2.85
CA HIS A 60 -1.85 -10.02 3.74
C HIS A 60 -0.76 -8.97 3.62
N GLU A 61 -0.36 -8.66 2.39
CA GLU A 61 0.69 -7.67 2.15
C GLU A 61 0.25 -6.30 2.64
N HIS A 62 -1.00 -5.96 2.40
CA HIS A 62 -1.53 -4.67 2.83
C HIS A 62 -1.54 -4.56 4.35
N GLN A 63 -1.82 -5.68 5.02
CA GLN A 63 -1.85 -5.71 6.47
C GLN A 63 -0.52 -5.25 7.06
N GLN A 64 0.56 -5.55 6.34
CA GLN A 64 1.89 -5.17 6.78
C GLN A 64 2.05 -3.65 6.74
N MET A 65 1.37 -3.01 5.80
CA MET A 65 1.44 -1.57 5.64
C MET A 65 1.05 -0.86 6.93
N ARG A 66 -0.02 -1.33 7.57
CA ARG A 66 -0.50 -0.74 8.81
C ARG A 66 0.51 -0.93 9.94
N ASP A 67 1.05 -2.14 10.04
CA ASP A 67 2.03 -2.45 11.09
C ASP A 67 3.30 -1.65 10.90
N ASP A 68 3.80 -1.62 9.67
CA ASP A 68 5.02 -0.90 9.35
C ASP A 68 4.86 0.60 9.65
N LEU A 69 3.71 1.15 9.29
CA LEU A 69 3.44 2.56 9.51
C LEU A 69 3.44 2.89 11.00
N GLU A 70 2.96 1.95 11.81
CA GLU A 70 2.92 2.15 13.26
C GLU A 70 4.30 1.99 13.88
N LYS A 71 5.15 1.20 13.22
CA LYS A 71 6.50 0.96 13.72
C LYS A 71 7.36 2.21 13.54
N GLU A 72 7.06 2.99 12.50
CA GLU A 72 7.79 4.21 12.21
C GLU A 72 7.33 5.34 13.12
N ARG A 73 6.01 5.46 13.28
CA ARG A 73 5.42 6.50 14.11
C ARG A 73 4.58 5.88 15.22
N GLU A 74 5.15 5.79 16.42
CA GLU A 74 4.43 5.23 17.56
C GLU A 74 3.73 6.32 18.37
N ASP A 75 2.42 6.38 18.24
CA ASP A 75 1.63 7.38 18.96
C ASP A 75 0.15 7.28 18.61
N LEU A 76 -0.13 6.97 17.35
CA LEU A 76 -1.50 6.83 16.88
C LEU A 76 -2.11 5.51 17.31
N ASP A 77 -3.33 5.54 17.80
CA ASP A 77 -4.02 4.34 18.25
C ASP A 77 -4.88 3.76 17.13
N LEU A 78 -4.25 3.40 16.03
CA LEU A 78 -4.96 2.84 14.87
C LEU A 78 -6.03 3.80 14.38
N ASP A 79 -5.59 4.94 13.84
CA ASP A 79 -6.51 5.95 13.33
C ASP A 79 -7.41 6.48 14.43
N GLY A 1 13.90 9.76 6.88
CA GLY A 1 14.14 9.96 5.43
C GLY A 1 13.11 9.27 4.56
N GLY A 2 12.90 7.98 4.82
CA GLY A 2 11.93 7.22 4.05
C GLY A 2 10.60 7.08 4.76
N SER A 3 10.41 5.95 5.46
CA SER A 3 9.18 5.70 6.19
C SER A 3 7.99 5.64 5.24
N LEU A 4 6.78 5.59 5.80
CA LEU A 4 5.57 5.52 5.01
C LEU A 4 4.55 6.56 5.48
N LYS A 5 3.70 7.01 4.57
CA LYS A 5 2.68 7.99 4.91
C LYS A 5 1.30 7.34 4.99
N LYS A 6 0.59 7.62 6.08
CA LYS A 6 -0.74 7.06 6.28
C LYS A 6 -1.67 7.45 5.14
N ASN A 7 -1.34 8.53 4.43
CA ASN A 7 -2.14 9.01 3.32
C ASN A 7 -2.08 8.04 2.15
N THR A 8 -0.89 7.52 1.87
CA THR A 8 -0.71 6.58 0.76
C THR A 8 -1.44 5.27 1.04
N VAL A 9 -1.21 4.71 2.23
CA VAL A 9 -1.83 3.45 2.61
C VAL A 9 -3.34 3.52 2.48
N ASP A 10 -3.91 4.66 2.84
CA ASP A 10 -5.36 4.84 2.75
C ASP A 10 -5.83 4.76 1.30
N ASP A 11 -4.98 5.26 0.39
CA ASP A 11 -5.30 5.25 -1.04
C ASP A 11 -5.29 3.82 -1.57
N ILE A 12 -4.28 3.06 -1.18
CA ILE A 12 -4.15 1.68 -1.62
C ILE A 12 -5.21 0.80 -0.96
N SER A 13 -5.49 1.09 0.31
CA SER A 13 -6.49 0.32 1.06
C SER A 13 -7.87 0.44 0.45
N GLU A 14 -8.28 1.65 0.12
CA GLU A 14 -9.59 1.88 -0.47
C GLU A 14 -9.75 1.11 -1.78
N SER A 15 -8.74 1.21 -2.64
CA SER A 15 -8.76 0.54 -3.92
C SER A 15 -8.73 -0.97 -3.74
N LEU A 16 -8.04 -1.43 -2.69
CA LEU A 16 -7.94 -2.86 -2.41
C LEU A 16 -9.29 -3.42 -1.96
N ARG A 17 -10.02 -2.63 -1.18
CA ARG A 17 -11.32 -3.04 -0.68
C ARG A 17 -12.33 -3.21 -1.82
N GLN A 18 -12.17 -2.39 -2.86
CA GLN A 18 -13.07 -2.44 -4.00
C GLN A 18 -12.84 -3.70 -4.84
N GLY A 19 -11.60 -4.20 -4.82
CA GLY A 19 -11.29 -5.40 -5.58
C GLY A 19 -11.37 -6.66 -4.75
N GLY A 20 -11.85 -6.54 -3.51
CA GLY A 20 -11.97 -7.70 -2.64
C GLY A 20 -10.68 -7.98 -1.88
N GLY A 21 -10.07 -6.92 -1.35
CA GLY A 21 -8.84 -7.08 -0.59
C GLY A 21 -7.74 -7.77 -1.38
N LYS A 22 -7.88 -7.83 -2.70
CA LYS A 22 -6.88 -8.46 -3.55
C LYS A 22 -6.91 -7.89 -4.95
N LEU A 23 -5.75 -7.41 -5.41
CA LEU A 23 -5.63 -6.84 -6.76
C LEU A 23 -4.20 -6.99 -7.28
N ASN A 24 -4.06 -6.94 -8.60
CA ASN A 24 -2.75 -7.08 -9.23
C ASN A 24 -2.12 -5.72 -9.54
N PHE A 25 -0.84 -5.74 -9.87
CA PHE A 25 -0.09 -4.53 -10.19
C PHE A 25 -0.84 -3.63 -11.17
N ASP A 26 -1.38 -4.23 -12.22
CA ASP A 26 -2.09 -3.47 -13.26
C ASP A 26 -3.41 -2.87 -12.76
N GLU A 27 -4.21 -3.65 -12.06
CA GLU A 27 -5.49 -3.18 -11.56
C GLU A 27 -5.34 -2.14 -10.45
N LEU A 28 -4.48 -2.42 -9.49
CA LEU A 28 -4.26 -1.50 -8.39
C LEU A 28 -3.67 -0.20 -8.90
N ARG A 29 -2.67 -0.33 -9.76
CA ARG A 29 -2.01 0.84 -10.34
C ARG A 29 -3.02 1.70 -11.08
N GLN A 30 -3.90 1.07 -11.86
CA GLN A 30 -4.93 1.80 -12.58
C GLN A 30 -5.78 2.61 -11.61
N ASP A 31 -6.17 1.96 -10.52
CA ASP A 31 -6.97 2.60 -9.49
C ASP A 31 -6.16 3.70 -8.80
N LEU A 32 -4.84 3.49 -8.74
CA LEU A 32 -3.93 4.45 -8.13
C LEU A 32 -3.72 5.65 -9.06
N LYS A 33 -3.50 5.35 -10.34
CA LYS A 33 -3.26 6.40 -11.33
C LYS A 33 -4.49 7.29 -11.45
N GLY A 34 -5.67 6.68 -11.40
CA GLY A 34 -6.91 7.44 -11.49
C GLY A 34 -7.13 8.34 -10.29
N LYS A 35 -6.36 8.12 -9.24
CA LYS A 35 -6.48 8.92 -8.02
C LYS A 35 -5.42 10.03 -7.98
N GLY A 36 -4.44 9.95 -8.88
CA GLY A 36 -3.38 10.95 -8.91
C GLY A 36 -2.03 10.42 -8.48
N HIS A 37 -1.97 9.11 -8.19
CA HIS A 37 -0.73 8.49 -7.77
C HIS A 37 0.20 8.26 -8.96
N THR A 38 1.45 8.67 -8.81
CA THR A 38 2.43 8.50 -9.88
C THR A 38 2.95 7.07 -9.93
N ASP A 39 3.35 6.63 -11.12
CA ASP A 39 3.86 5.27 -11.31
C ASP A 39 5.06 5.00 -10.40
N ALA A 40 5.92 6.00 -10.25
CA ALA A 40 7.11 5.86 -9.42
C ALA A 40 6.73 5.52 -7.98
N GLU A 41 5.78 6.25 -7.43
CA GLU A 41 5.33 6.04 -6.07
C GLU A 41 4.66 4.67 -5.93
N ILE A 42 3.89 4.30 -6.94
CA ILE A 42 3.19 3.01 -6.93
C ILE A 42 4.17 1.85 -7.03
N GLU A 43 5.16 1.98 -7.90
CA GLU A 43 6.16 0.94 -8.09
C GLU A 43 7.00 0.75 -6.83
N ALA A 44 7.31 1.85 -6.15
CA ALA A 44 8.09 1.78 -4.92
C ALA A 44 7.30 1.04 -3.85
N ILE A 45 6.06 1.46 -3.66
CA ILE A 45 5.18 0.86 -2.68
C ILE A 45 4.94 -0.61 -3.02
N PHE A 46 4.64 -0.87 -4.28
CA PHE A 46 4.38 -2.22 -4.75
C PHE A 46 5.61 -3.12 -4.67
N THR A 47 6.76 -2.60 -5.06
CA THR A 47 8.00 -3.37 -5.00
C THR A 47 8.39 -3.61 -3.54
N LYS A 48 8.30 -2.54 -2.77
CA LYS A 48 8.65 -2.57 -1.35
C LYS A 48 7.89 -3.66 -0.60
N TYR A 49 6.58 -3.70 -0.80
CA TYR A 49 5.74 -4.67 -0.13
C TYR A 49 5.67 -6.02 -0.88
N ASP A 50 5.67 -5.97 -2.21
CA ASP A 50 5.60 -7.20 -3.01
C ASP A 50 6.87 -8.03 -2.87
N GLN A 51 7.16 -8.48 -1.66
CA GLN A 51 8.35 -9.29 -1.41
C GLN A 51 8.27 -10.64 -2.11
N ASP A 52 7.05 -11.06 -2.46
CA ASP A 52 6.85 -12.34 -3.13
C ASP A 52 7.13 -12.22 -4.63
N GLY A 53 7.25 -11.00 -5.12
CA GLY A 53 7.52 -10.78 -6.54
C GLY A 53 6.47 -11.40 -7.44
N ASP A 54 5.27 -11.58 -6.91
CA ASP A 54 4.18 -12.17 -7.68
C ASP A 54 3.37 -11.10 -8.42
N GLN A 55 3.89 -9.87 -8.44
CA GLN A 55 3.23 -8.75 -9.11
C GLN A 55 1.77 -8.63 -8.67
N GLU A 56 1.50 -8.96 -7.41
CA GLU A 56 0.15 -8.88 -6.88
C GLU A 56 0.14 -8.46 -5.41
N LEU A 57 -0.74 -7.52 -5.09
CA LEU A 57 -0.86 -7.03 -3.72
C LEU A 57 -2.14 -7.57 -3.10
N THR A 58 -2.01 -8.23 -1.96
CA THR A 58 -3.18 -8.82 -1.29
C THR A 58 -3.38 -8.23 0.11
N GLU A 59 -4.52 -8.57 0.71
CA GLU A 59 -4.87 -8.09 2.04
C GLU A 59 -3.71 -8.32 3.02
N HIS A 60 -2.98 -9.41 2.82
CA HIS A 60 -1.85 -9.73 3.68
C HIS A 60 -0.74 -8.68 3.53
N GLU A 61 -0.40 -8.37 2.29
CA GLU A 61 0.64 -7.38 2.01
C GLU A 61 0.23 -6.01 2.53
N HIS A 62 -1.04 -5.65 2.35
CA HIS A 62 -1.53 -4.37 2.82
C HIS A 62 -1.44 -4.27 4.34
N GLN A 63 -1.72 -5.38 5.01
CA GLN A 63 -1.66 -5.42 6.47
C GLN A 63 -0.29 -4.99 6.96
N GLN A 64 0.74 -5.36 6.21
CA GLN A 64 2.11 -5.01 6.57
C GLN A 64 2.34 -3.51 6.44
N MET A 65 1.64 -2.90 5.49
CA MET A 65 1.76 -1.46 5.27
C MET A 65 1.32 -0.67 6.49
N ARG A 66 0.08 -0.93 6.93
CA ARG A 66 -0.47 -0.26 8.09
C ARG A 66 0.28 -0.61 9.36
N ASP A 67 0.62 -1.88 9.51
CA ASP A 67 1.35 -2.34 10.69
C ASP A 67 2.73 -1.70 10.75
N ASP A 68 3.43 -1.74 9.63
CA ASP A 68 4.77 -1.17 9.54
C ASP A 68 4.74 0.35 9.71
N LEU A 69 3.66 0.97 9.25
CA LEU A 69 3.51 2.41 9.36
C LEU A 69 3.51 2.85 10.82
N GLU A 70 2.72 2.15 11.64
CA GLU A 70 2.63 2.47 13.05
C GLU A 70 3.94 2.12 13.77
N LYS A 71 4.69 1.18 13.22
CA LYS A 71 5.95 0.75 13.81
C LYS A 71 6.98 1.87 13.71
N GLU A 72 6.93 2.62 12.62
CA GLU A 72 7.85 3.72 12.39
C GLU A 72 7.61 4.84 13.41
N ARG A 73 6.35 5.13 13.66
CA ARG A 73 5.97 6.17 14.61
C ARG A 73 5.13 5.60 15.74
N GLU A 74 5.71 5.52 16.93
CA GLU A 74 5.01 4.97 18.09
C GLU A 74 4.15 6.05 18.76
N ASP A 75 2.95 5.66 19.16
CA ASP A 75 2.02 6.58 19.82
C ASP A 75 0.97 5.82 20.61
N LEU A 76 1.41 4.84 21.38
CA LEU A 76 0.51 4.03 22.19
C LEU A 76 0.47 4.55 23.63
N ASP A 77 -0.51 5.40 23.92
CA ASP A 77 -0.67 5.97 25.25
C ASP A 77 -2.14 6.03 25.65
N LEU A 78 -2.75 4.87 25.82
CA LEU A 78 -4.16 4.78 26.21
C LEU A 78 -4.31 4.29 27.63
N ASP A 79 -3.34 3.51 28.10
CA ASP A 79 -3.37 2.96 29.45
C ASP A 79 -2.54 3.83 30.39
N GLY A 1 14.09 -0.19 6.83
CA GLY A 1 13.10 0.57 7.63
C GLY A 1 12.40 1.64 6.80
N GLY A 2 11.25 1.30 6.24
CA GLY A 2 10.51 2.26 5.43
C GLY A 2 9.37 2.90 6.20
N SER A 3 8.63 2.10 6.96
CA SER A 3 7.51 2.59 7.76
C SER A 3 6.35 2.98 6.85
N LEU A 4 6.58 3.99 6.01
CA LEU A 4 5.57 4.50 5.06
C LEU A 4 4.75 5.62 5.68
N LYS A 5 3.87 6.22 4.88
CA LYS A 5 3.02 7.31 5.36
C LYS A 5 1.54 6.93 5.25
N LYS A 6 0.74 7.44 6.19
CA LYS A 6 -0.68 7.16 6.22
C LYS A 6 -1.36 7.64 4.94
N ASN A 7 -0.71 8.54 4.20
CA ASN A 7 -1.27 9.07 2.97
C ASN A 7 -1.35 8.00 1.89
N THR A 8 -0.32 7.17 1.81
CA THR A 8 -0.27 6.10 0.81
C THR A 8 -1.22 4.97 1.18
N VAL A 9 -1.14 4.51 2.42
CA VAL A 9 -1.99 3.42 2.89
C VAL A 9 -3.46 3.74 2.69
N ASP A 10 -3.84 4.98 2.96
CA ASP A 10 -5.23 5.40 2.81
C ASP A 10 -5.67 5.27 1.35
N ASP A 11 -4.82 5.70 0.44
CA ASP A 11 -5.11 5.63 -0.99
C ASP A 11 -5.13 4.18 -1.48
N ILE A 12 -4.15 3.41 -1.05
CA ILE A 12 -4.05 2.01 -1.44
C ILE A 12 -5.13 1.18 -0.76
N SER A 13 -5.43 1.51 0.49
CA SER A 13 -6.43 0.80 1.27
C SER A 13 -7.82 0.94 0.66
N GLU A 14 -8.20 2.17 0.32
CA GLU A 14 -9.50 2.42 -0.27
C GLU A 14 -9.67 1.64 -1.57
N SER A 15 -8.69 1.74 -2.45
CA SER A 15 -8.73 1.04 -3.72
C SER A 15 -8.63 -0.47 -3.50
N LEU A 16 -7.90 -0.84 -2.45
CA LEU A 16 -7.72 -2.25 -2.12
C LEU A 16 -9.02 -2.86 -1.60
N ARG A 17 -9.73 -2.10 -0.79
CA ARG A 17 -10.99 -2.55 -0.22
C ARG A 17 -12.06 -2.68 -1.31
N GLN A 18 -11.98 -1.82 -2.32
CA GLN A 18 -12.95 -1.83 -3.41
C GLN A 18 -12.60 -2.88 -4.45
N GLY A 19 -11.32 -3.24 -4.54
CA GLY A 19 -10.89 -4.23 -5.51
C GLY A 19 -11.21 -5.65 -5.10
N GLY A 20 -11.61 -5.84 -3.84
CA GLY A 20 -11.94 -7.17 -3.37
C GLY A 20 -10.88 -7.77 -2.46
N GLY A 21 -10.08 -6.91 -1.83
CA GLY A 21 -9.05 -7.40 -0.93
C GLY A 21 -7.74 -7.72 -1.62
N LYS A 22 -7.81 -8.39 -2.77
CA LYS A 22 -6.61 -8.75 -3.51
C LYS A 22 -6.57 -8.06 -4.87
N LEU A 23 -5.44 -7.41 -5.16
CA LEU A 23 -5.26 -6.71 -6.42
C LEU A 23 -3.80 -6.79 -6.88
N ASN A 24 -3.58 -6.67 -8.18
CA ASN A 24 -2.24 -6.73 -8.74
C ASN A 24 -1.80 -5.37 -9.25
N PHE A 25 -0.56 -5.30 -9.76
CA PHE A 25 0.00 -4.07 -10.27
C PHE A 25 -0.95 -3.34 -11.23
N ASP A 26 -1.45 -4.04 -12.22
CA ASP A 26 -2.31 -3.44 -13.23
C ASP A 26 -3.64 -2.90 -12.65
N GLU A 27 -4.30 -3.69 -11.83
CA GLU A 27 -5.58 -3.28 -11.27
C GLU A 27 -5.43 -2.17 -10.23
N LEU A 28 -4.48 -2.33 -9.32
CA LEU A 28 -4.26 -1.32 -8.30
C LEU A 28 -3.76 -0.04 -8.94
N ARG A 29 -2.87 -0.17 -9.91
CA ARG A 29 -2.33 0.98 -10.61
C ARG A 29 -3.44 1.76 -11.28
N GLN A 30 -4.35 1.07 -11.97
CA GLN A 30 -5.46 1.75 -12.63
C GLN A 30 -6.28 2.53 -11.62
N ASP A 31 -6.57 1.90 -10.49
CA ASP A 31 -7.34 2.53 -9.42
C ASP A 31 -6.53 3.66 -8.79
N LEU A 32 -5.21 3.51 -8.79
CA LEU A 32 -4.30 4.50 -8.22
C LEU A 32 -4.13 5.67 -9.18
N LYS A 33 -4.02 5.36 -10.46
CA LYS A 33 -3.83 6.38 -11.49
C LYS A 33 -5.03 7.32 -11.53
N GLY A 34 -6.23 6.75 -11.37
CA GLY A 34 -7.43 7.55 -11.38
C GLY A 34 -7.46 8.55 -10.23
N LYS A 35 -6.61 8.34 -9.24
CA LYS A 35 -6.54 9.23 -8.08
C LYS A 35 -5.40 10.25 -8.23
N GLY A 36 -4.50 10.00 -9.19
CA GLY A 36 -3.39 10.91 -9.41
C GLY A 36 -2.07 10.36 -8.92
N HIS A 37 -2.05 9.07 -8.56
CA HIS A 37 -0.83 8.44 -8.07
C HIS A 37 0.13 8.14 -9.23
N THR A 38 1.40 8.51 -9.04
CA THR A 38 2.42 8.29 -10.06
C THR A 38 2.92 6.86 -10.05
N ASP A 39 3.35 6.38 -11.22
CA ASP A 39 3.86 5.02 -11.35
C ASP A 39 5.03 4.78 -10.39
N ALA A 40 5.87 5.79 -10.21
CA ALA A 40 7.02 5.68 -9.32
C ALA A 40 6.58 5.31 -7.91
N GLU A 41 5.55 5.99 -7.42
CA GLU A 41 5.03 5.72 -6.09
C GLU A 41 4.42 4.34 -6.02
N ILE A 42 3.73 3.95 -7.08
CA ILE A 42 3.09 2.63 -7.15
C ILE A 42 4.13 1.53 -7.17
N GLU A 43 5.19 1.72 -7.94
CA GLU A 43 6.25 0.72 -8.06
C GLU A 43 7.00 0.57 -6.74
N ALA A 44 7.21 1.68 -6.04
CA ALA A 44 7.91 1.63 -4.76
C ALA A 44 7.09 0.84 -3.75
N ILE A 45 5.81 1.19 -3.65
CA ILE A 45 4.91 0.51 -2.73
C ILE A 45 4.78 -0.96 -3.09
N PHE A 46 4.57 -1.24 -4.36
CA PHE A 46 4.41 -2.61 -4.83
C PHE A 46 5.70 -3.41 -4.67
N THR A 47 6.84 -2.81 -5.01
CA THR A 47 8.11 -3.50 -4.89
C THR A 47 8.42 -3.72 -3.42
N LYS A 48 8.20 -2.67 -2.64
CA LYS A 48 8.44 -2.69 -1.21
C LYS A 48 7.68 -3.82 -0.54
N TYR A 49 6.39 -3.93 -0.83
CA TYR A 49 5.55 -4.96 -0.23
C TYR A 49 5.60 -6.28 -1.00
N ASP A 50 5.62 -6.22 -2.34
CA ASP A 50 5.66 -7.44 -3.16
C ASP A 50 7.02 -8.12 -3.04
N GLN A 51 7.37 -8.54 -1.83
CA GLN A 51 8.66 -9.19 -1.59
C GLN A 51 8.81 -10.45 -2.45
N ASP A 52 7.71 -11.18 -2.61
CA ASP A 52 7.71 -12.40 -3.41
C ASP A 52 7.85 -12.09 -4.90
N GLY A 53 7.76 -10.82 -5.26
CA GLY A 53 7.88 -10.41 -6.64
C GLY A 53 6.85 -11.09 -7.54
N ASP A 54 5.63 -11.23 -7.05
CA ASP A 54 4.56 -11.85 -7.81
C ASP A 54 3.69 -10.80 -8.51
N GLN A 55 4.18 -9.56 -8.54
CA GLN A 55 3.44 -8.47 -9.16
C GLN A 55 1.99 -8.44 -8.68
N GLU A 56 1.77 -8.94 -7.47
CA GLU A 56 0.42 -8.97 -6.90
C GLU A 56 0.45 -8.67 -5.42
N LEU A 57 -0.49 -7.84 -4.98
CA LEU A 57 -0.58 -7.47 -3.57
C LEU A 57 -1.92 -7.94 -3.00
N THR A 58 -1.88 -8.57 -1.83
CA THR A 58 -3.10 -9.09 -1.21
C THR A 58 -3.28 -8.56 0.21
N GLU A 59 -4.37 -9.00 0.84
CA GLU A 59 -4.69 -8.59 2.20
C GLU A 59 -3.53 -8.89 3.15
N HIS A 60 -2.85 -10.01 2.93
CA HIS A 60 -1.72 -10.39 3.77
C HIS A 60 -0.57 -9.39 3.63
N GLU A 61 -0.19 -9.11 2.38
CA GLU A 61 0.89 -8.17 2.12
C GLU A 61 0.49 -6.76 2.52
N HIS A 62 -0.76 -6.41 2.24
CA HIS A 62 -1.28 -5.09 2.58
C HIS A 62 -1.39 -4.93 4.10
N GLN A 63 -1.73 -6.03 4.77
CA GLN A 63 -1.87 -6.01 6.22
C GLN A 63 -0.57 -5.55 6.88
N GLN A 64 0.55 -5.90 6.27
CA GLN A 64 1.86 -5.51 6.78
C GLN A 64 2.06 -4.00 6.65
N MET A 65 1.46 -3.42 5.62
CA MET A 65 1.57 -1.99 5.38
C MET A 65 1.08 -1.19 6.58
N ARG A 66 -0.12 -1.53 7.06
CA ARG A 66 -0.69 -0.85 8.21
C ARG A 66 0.20 -1.00 9.43
N ASP A 67 0.80 -2.18 9.57
CA ASP A 67 1.69 -2.46 10.70
C ASP A 67 2.95 -1.60 10.60
N ASP A 68 3.50 -1.49 9.41
CA ASP A 68 4.70 -0.70 9.19
C ASP A 68 4.42 0.78 9.38
N LEU A 69 3.18 1.19 9.11
CA LEU A 69 2.78 2.58 9.25
C LEU A 69 2.71 2.99 10.71
N GLU A 70 2.20 2.10 11.55
CA GLU A 70 2.08 2.36 12.98
C GLU A 70 3.46 2.45 13.62
N LYS A 71 4.45 1.79 13.01
CA LYS A 71 5.81 1.81 13.54
C LYS A 71 6.39 3.21 13.42
N GLU A 72 5.95 3.94 12.41
CA GLU A 72 6.42 5.30 12.18
C GLU A 72 5.83 6.25 13.23
N ARG A 73 4.51 6.21 13.36
CA ARG A 73 3.82 7.05 14.32
C ARG A 73 3.17 6.22 15.42
N GLU A 74 3.90 6.03 16.52
CA GLU A 74 3.40 5.25 17.64
C GLU A 74 2.89 6.17 18.74
N ASP A 75 2.33 7.31 18.34
CA ASP A 75 1.80 8.27 19.29
C ASP A 75 0.55 8.96 18.74
N LEU A 76 0.55 9.24 17.45
CA LEU A 76 -0.59 9.90 16.79
C LEU A 76 -1.92 9.34 17.29
N ASP A 77 -2.51 10.04 18.25
CA ASP A 77 -3.80 9.63 18.81
C ASP A 77 -4.51 10.80 19.46
N LEU A 78 -3.77 11.58 20.25
CA LEU A 78 -4.33 12.73 20.93
C LEU A 78 -5.01 13.69 19.96
N ASP A 79 -4.21 14.32 19.11
CA ASP A 79 -4.72 15.25 18.11
C ASP A 79 -4.91 14.57 16.77
N GLY A 1 13.63 4.43 0.50
CA GLY A 1 12.28 4.65 1.10
C GLY A 1 12.35 5.39 2.42
N GLY A 2 11.84 6.62 2.43
CA GLY A 2 11.85 7.41 3.65
C GLY A 2 10.56 7.29 4.43
N SER A 3 10.41 6.19 5.16
CA SER A 3 9.21 5.95 5.96
C SER A 3 7.98 5.88 5.08
N LEU A 4 6.81 5.76 5.71
CA LEU A 4 5.55 5.69 4.98
C LEU A 4 4.53 6.67 5.55
N LYS A 5 3.63 7.14 4.71
CA LYS A 5 2.60 8.09 5.14
C LYS A 5 1.22 7.43 5.14
N LYS A 6 0.41 7.81 6.12
CA LYS A 6 -0.94 7.26 6.26
C LYS A 6 -1.72 7.38 4.95
N ASN A 7 -1.34 8.33 4.10
CA ASN A 7 -2.01 8.53 2.82
C ASN A 7 -1.82 7.32 1.93
N THR A 8 -0.56 6.88 1.80
CA THR A 8 -0.24 5.72 0.97
C THR A 8 -0.98 4.50 1.47
N VAL A 9 -1.18 4.44 2.78
CA VAL A 9 -1.90 3.34 3.41
C VAL A 9 -3.37 3.39 3.02
N ASP A 10 -3.98 4.56 3.18
CA ASP A 10 -5.39 4.74 2.86
C ASP A 10 -5.61 4.71 1.36
N ASP A 11 -4.61 5.15 0.59
CA ASP A 11 -4.69 5.16 -0.86
C ASP A 11 -4.77 3.74 -1.41
N ILE A 12 -3.87 2.88 -0.93
CA ILE A 12 -3.84 1.50 -1.36
C ILE A 12 -5.02 0.72 -0.79
N SER A 13 -5.37 1.02 0.45
CA SER A 13 -6.47 0.34 1.13
C SER A 13 -7.79 0.50 0.38
N GLU A 14 -8.11 1.72 -0.01
CA GLU A 14 -9.36 1.99 -0.71
C GLU A 14 -9.45 1.20 -2.01
N SER A 15 -8.40 1.25 -2.81
CA SER A 15 -8.38 0.54 -4.08
C SER A 15 -8.41 -0.97 -3.87
N LEU A 16 -7.80 -1.43 -2.77
CA LEU A 16 -7.77 -2.85 -2.45
C LEU A 16 -9.16 -3.34 -2.04
N ARG A 17 -9.86 -2.51 -1.29
CA ARG A 17 -11.21 -2.85 -0.83
C ARG A 17 -12.17 -3.03 -2.00
N GLN A 18 -11.92 -2.27 -3.07
CA GLN A 18 -12.77 -2.35 -4.26
C GLN A 18 -12.60 -3.68 -4.98
N GLY A 19 -11.39 -4.22 -4.92
CA GLY A 19 -11.12 -5.49 -5.57
C GLY A 19 -11.46 -6.69 -4.71
N GLY A 20 -11.74 -6.44 -3.44
CA GLY A 20 -12.07 -7.52 -2.53
C GLY A 20 -10.87 -8.05 -1.78
N GLY A 21 -10.09 -7.14 -1.20
CA GLY A 21 -8.91 -7.54 -0.45
C GLY A 21 -7.83 -8.16 -1.32
N LYS A 22 -7.99 -8.04 -2.65
CA LYS A 22 -7.01 -8.61 -3.57
C LYS A 22 -7.02 -7.84 -4.89
N LEU A 23 -5.83 -7.48 -5.35
CA LEU A 23 -5.68 -6.74 -6.61
C LEU A 23 -4.28 -6.92 -7.18
N ASN A 24 -4.17 -6.86 -8.51
CA ASN A 24 -2.88 -7.03 -9.17
C ASN A 24 -2.24 -5.68 -9.50
N PHE A 25 -0.96 -5.73 -9.87
CA PHE A 25 -0.20 -4.52 -10.20
C PHE A 25 -0.96 -3.62 -11.16
N ASP A 26 -1.43 -4.20 -12.27
CA ASP A 26 -2.14 -3.44 -13.30
C ASP A 26 -3.45 -2.83 -12.81
N GLU A 27 -4.24 -3.60 -12.09
CA GLU A 27 -5.53 -3.12 -11.61
C GLU A 27 -5.38 -2.09 -10.49
N LEU A 28 -4.52 -2.37 -9.54
CA LEU A 28 -4.30 -1.45 -8.43
C LEU A 28 -3.68 -0.16 -8.94
N ARG A 29 -2.73 -0.31 -9.86
CA ARG A 29 -2.05 0.84 -10.43
C ARG A 29 -3.02 1.76 -11.16
N GLN A 30 -3.91 1.18 -11.98
CA GLN A 30 -4.88 1.98 -12.71
C GLN A 30 -5.79 2.71 -11.72
N ASP A 31 -6.17 2.00 -10.66
CA ASP A 31 -7.01 2.58 -9.61
C ASP A 31 -6.22 3.65 -8.84
N LEU A 32 -4.91 3.45 -8.77
CA LEU A 32 -4.01 4.38 -8.09
C LEU A 32 -3.76 5.59 -8.97
N LYS A 33 -3.52 5.35 -10.25
CA LYS A 33 -3.24 6.42 -11.19
C LYS A 33 -4.46 7.34 -11.31
N GLY A 34 -5.64 6.75 -11.31
CA GLY A 34 -6.85 7.54 -11.40
C GLY A 34 -7.06 8.44 -10.19
N LYS A 35 -6.29 8.19 -9.13
CA LYS A 35 -6.38 8.98 -7.91
C LYS A 35 -5.29 10.06 -7.88
N GLY A 36 -4.36 10.00 -8.82
CA GLY A 36 -3.29 10.98 -8.86
C GLY A 36 -1.93 10.40 -8.50
N HIS A 37 -1.89 9.08 -8.30
CA HIS A 37 -0.64 8.41 -7.95
C HIS A 37 0.22 8.18 -9.19
N THR A 38 1.50 8.52 -9.07
CA THR A 38 2.43 8.35 -10.19
C THR A 38 2.92 6.91 -10.28
N ASP A 39 3.34 6.50 -11.47
CA ASP A 39 3.84 5.14 -11.68
C ASP A 39 5.04 4.85 -10.78
N ALA A 40 5.92 5.83 -10.64
CA ALA A 40 7.11 5.67 -9.81
C ALA A 40 6.74 5.42 -8.35
N GLU A 41 5.81 6.21 -7.85
CA GLU A 41 5.35 6.07 -6.47
C GLU A 41 4.68 4.72 -6.25
N ILE A 42 3.84 4.33 -7.20
CA ILE A 42 3.13 3.06 -7.11
C ILE A 42 4.09 1.88 -7.22
N GLU A 43 5.10 2.03 -8.08
CA GLU A 43 6.08 0.97 -8.27
C GLU A 43 6.94 0.78 -7.03
N ALA A 44 7.24 1.87 -6.35
CA ALA A 44 8.04 1.80 -5.13
C ALA A 44 7.26 1.08 -4.04
N ILE A 45 6.03 1.54 -3.85
CA ILE A 45 5.14 0.94 -2.85
C ILE A 45 4.93 -0.54 -3.15
N PHE A 46 4.64 -0.84 -4.40
CA PHE A 46 4.40 -2.20 -4.84
C PHE A 46 5.66 -3.07 -4.72
N THR A 47 6.81 -2.52 -5.09
CA THR A 47 8.06 -3.26 -5.00
C THR A 47 8.42 -3.49 -3.54
N LYS A 48 8.28 -2.45 -2.75
CA LYS A 48 8.61 -2.49 -1.33
C LYS A 48 7.82 -3.56 -0.60
N TYR A 49 6.51 -3.59 -0.83
CA TYR A 49 5.66 -4.57 -0.17
C TYR A 49 5.60 -5.90 -0.93
N ASP A 50 5.61 -5.86 -2.27
CA ASP A 50 5.55 -7.09 -3.07
C ASP A 50 6.84 -7.89 -2.93
N GLN A 51 7.14 -8.32 -1.72
CA GLN A 51 8.37 -9.10 -1.45
C GLN A 51 8.40 -10.37 -2.29
N ASP A 52 7.25 -11.03 -2.41
CA ASP A 52 7.16 -12.26 -3.18
C ASP A 52 7.27 -11.99 -4.68
N GLY A 53 7.20 -10.71 -5.06
CA GLY A 53 7.31 -10.35 -6.47
C GLY A 53 6.33 -11.08 -7.36
N ASP A 54 5.13 -11.34 -6.84
CA ASP A 54 4.10 -12.03 -7.60
C ASP A 54 3.27 -11.05 -8.43
N GLN A 55 3.70 -9.79 -8.48
CA GLN A 55 2.99 -8.77 -9.23
C GLN A 55 1.55 -8.63 -8.77
N GLU A 56 1.30 -8.96 -7.51
CA GLU A 56 -0.05 -8.87 -6.96
C GLU A 56 -0.02 -8.48 -5.49
N LEU A 57 -0.85 -7.52 -5.13
CA LEU A 57 -0.95 -7.05 -3.76
C LEU A 57 -2.23 -7.59 -3.12
N THR A 58 -2.09 -8.29 -2.00
CA THR A 58 -3.24 -8.87 -1.32
C THR A 58 -3.42 -8.32 0.09
N GLU A 59 -4.57 -8.62 0.68
CA GLU A 59 -4.88 -8.16 2.03
C GLU A 59 -3.72 -8.43 2.98
N HIS A 60 -2.99 -9.50 2.72
CA HIS A 60 -1.84 -9.87 3.55
C HIS A 60 -0.74 -8.82 3.44
N GLU A 61 -0.39 -8.47 2.20
CA GLU A 61 0.65 -7.47 1.96
C GLU A 61 0.23 -6.11 2.51
N HIS A 62 -1.05 -5.77 2.33
CA HIS A 62 -1.57 -4.50 2.81
C HIS A 62 -1.53 -4.45 4.34
N GLN A 63 -1.73 -5.60 4.97
CA GLN A 63 -1.72 -5.67 6.43
C GLN A 63 -0.40 -5.15 6.99
N GLN A 64 0.67 -5.33 6.20
CA GLN A 64 1.99 -4.87 6.61
C GLN A 64 2.06 -3.35 6.68
N MET A 65 1.28 -2.68 5.82
CA MET A 65 1.25 -1.22 5.78
C MET A 65 0.89 -0.64 7.15
N ARG A 66 -0.24 -1.08 7.69
CA ARG A 66 -0.71 -0.60 8.99
C ARG A 66 0.35 -0.84 10.06
N ASP A 67 0.95 -2.04 10.06
CA ASP A 67 1.98 -2.38 11.03
C ASP A 67 3.22 -1.53 10.83
N ASP A 68 3.65 -1.42 9.59
CA ASP A 68 4.84 -0.64 9.24
C ASP A 68 4.63 0.84 9.56
N LEU A 69 3.41 1.31 9.37
CA LEU A 69 3.08 2.71 9.63
C LEU A 69 3.07 3.01 11.13
N GLU A 70 2.52 2.09 11.91
CA GLU A 70 2.44 2.26 13.36
C GLU A 70 3.77 2.00 14.06
N LYS A 71 4.59 1.13 13.49
CA LYS A 71 5.88 0.82 14.09
C LYS A 71 6.87 1.95 13.85
N GLU A 72 6.70 2.63 12.71
CA GLU A 72 7.57 3.75 12.36
C GLU A 72 7.39 4.90 13.34
N ARG A 73 6.17 5.06 13.84
CA ARG A 73 5.86 6.12 14.80
C ARG A 73 5.24 5.54 16.07
N GLU A 74 3.94 5.26 16.01
CA GLU A 74 3.23 4.71 17.16
C GLU A 74 2.96 5.78 18.21
N ASP A 75 1.77 6.37 18.17
CA ASP A 75 1.39 7.41 19.11
C ASP A 75 0.05 7.10 19.76
N LEU A 76 -0.15 5.84 20.12
CA LEU A 76 -1.40 5.41 20.75
C LEU A 76 -1.21 4.09 21.49
N ASP A 77 -1.04 4.16 22.81
CA ASP A 77 -0.85 2.96 23.62
C ASP A 77 -1.78 2.98 24.83
N LEU A 78 -1.38 3.69 25.88
CA LEU A 78 -2.17 3.79 27.08
C LEU A 78 -2.83 5.16 27.21
N ASP A 79 -1.99 6.19 27.37
CA ASP A 79 -2.48 7.55 27.50
C ASP A 79 -2.79 8.15 26.13
N GLY A 1 14.42 0.26 6.48
CA GLY A 1 13.23 0.82 7.18
C GLY A 1 11.92 0.30 6.61
N GLY A 2 10.82 0.87 7.06
CA GLY A 2 9.52 0.45 6.59
C GLY A 2 8.38 1.27 7.18
N SER A 3 8.64 2.56 7.38
CA SER A 3 7.64 3.46 7.92
C SER A 3 6.50 3.71 6.93
N LEU A 4 6.74 4.61 5.98
CA LEU A 4 5.76 4.96 4.95
C LEU A 4 4.82 6.05 5.46
N LYS A 5 3.98 6.57 4.57
CA LYS A 5 3.04 7.62 4.94
C LYS A 5 1.62 7.06 5.11
N LYS A 6 0.95 7.47 6.18
CA LYS A 6 -0.41 7.01 6.47
C LYS A 6 -1.35 7.37 5.33
N ASN A 7 -1.03 8.45 4.60
CA ASN A 7 -1.86 8.89 3.49
C ASN A 7 -1.80 7.90 2.33
N THR A 8 -0.68 7.19 2.21
CA THR A 8 -0.50 6.22 1.14
C THR A 8 -1.39 5.01 1.36
N VAL A 9 -1.35 4.46 2.56
CA VAL A 9 -2.15 3.29 2.90
C VAL A 9 -3.63 3.52 2.64
N ASP A 10 -4.08 4.74 2.87
CA ASP A 10 -5.47 5.10 2.65
C ASP A 10 -5.82 5.00 1.16
N ASP A 11 -4.86 5.39 0.31
CA ASP A 11 -5.05 5.35 -1.13
C ASP A 11 -5.04 3.92 -1.65
N ILE A 12 -4.08 3.13 -1.18
CA ILE A 12 -3.96 1.75 -1.59
C ILE A 12 -5.09 0.90 -1.01
N SER A 13 -5.39 1.14 0.27
CA SER A 13 -6.44 0.40 0.96
C SER A 13 -7.81 0.63 0.34
N GLU A 14 -8.13 1.90 0.10
CA GLU A 14 -9.43 2.26 -0.48
C GLU A 14 -9.65 1.56 -1.81
N SER A 15 -8.61 1.50 -2.63
CA SER A 15 -8.71 0.85 -3.93
C SER A 15 -8.75 -0.67 -3.76
N LEU A 16 -8.05 -1.16 -2.73
CA LEU A 16 -8.01 -2.59 -2.45
C LEU A 16 -9.37 -3.08 -1.95
N ARG A 17 -10.03 -2.24 -1.16
CA ARG A 17 -11.34 -2.59 -0.61
C ARG A 17 -12.37 -2.76 -1.71
N GLN A 18 -12.21 -2.01 -2.80
CA GLN A 18 -13.13 -2.07 -3.92
C GLN A 18 -12.88 -3.31 -4.77
N GLY A 19 -11.63 -3.76 -4.81
CA GLY A 19 -11.30 -4.94 -5.59
C GLY A 19 -11.56 -6.24 -4.85
N GLY A 20 -11.81 -6.15 -3.56
CA GLY A 20 -12.07 -7.35 -2.77
C GLY A 20 -10.88 -7.76 -1.94
N GLY A 21 -10.19 -6.80 -1.34
CA GLY A 21 -9.05 -7.09 -0.51
C GLY A 21 -7.88 -7.71 -1.27
N LYS A 22 -7.98 -7.79 -2.60
CA LYS A 22 -6.92 -8.38 -3.40
C LYS A 22 -6.94 -7.81 -4.82
N LEU A 23 -5.76 -7.42 -5.31
CA LEU A 23 -5.64 -6.88 -6.66
C LEU A 23 -4.22 -7.05 -7.20
N ASN A 24 -4.09 -7.06 -8.51
CA ASN A 24 -2.79 -7.21 -9.15
C ASN A 24 -2.17 -5.86 -9.47
N PHE A 25 -0.89 -5.87 -9.83
CA PHE A 25 -0.16 -4.64 -10.17
C PHE A 25 -0.96 -3.75 -11.13
N ASP A 26 -1.52 -4.36 -12.15
CA ASP A 26 -2.29 -3.64 -13.17
C ASP A 26 -3.57 -3.02 -12.63
N GLU A 27 -4.33 -3.80 -11.87
CA GLU A 27 -5.61 -3.31 -11.33
C GLU A 27 -5.43 -2.25 -10.26
N LEU A 28 -4.52 -2.49 -9.32
CA LEU A 28 -4.28 -1.54 -8.25
C LEU A 28 -3.69 -0.26 -8.82
N ARG A 29 -2.74 -0.43 -9.74
CA ARG A 29 -2.08 0.72 -10.35
C ARG A 29 -3.08 1.58 -11.10
N GLN A 30 -4.00 0.97 -11.86
CA GLN A 30 -4.99 1.74 -12.59
C GLN A 30 -5.88 2.49 -11.62
N ASP A 31 -6.22 1.83 -10.51
CA ASP A 31 -7.04 2.44 -9.46
C ASP A 31 -6.25 3.55 -8.77
N LEU A 32 -4.93 3.37 -8.72
CA LEU A 32 -4.04 4.34 -8.10
C LEU A 32 -3.79 5.51 -9.06
N LYS A 33 -3.62 5.19 -10.33
CA LYS A 33 -3.36 6.21 -11.34
C LYS A 33 -4.56 7.16 -11.45
N GLY A 34 -5.76 6.60 -11.36
CA GLY A 34 -6.95 7.42 -11.44
C GLY A 34 -7.12 8.34 -10.23
N LYS A 35 -6.32 8.09 -9.20
CA LYS A 35 -6.37 8.89 -7.98
C LYS A 35 -5.32 10.00 -8.00
N GLY A 36 -4.37 9.90 -8.93
CA GLY A 36 -3.33 10.91 -9.03
C GLY A 36 -1.96 10.37 -8.63
N HIS A 37 -1.88 9.08 -8.34
CA HIS A 37 -0.61 8.48 -7.93
C HIS A 37 0.26 8.19 -9.15
N THR A 38 1.54 8.55 -9.06
CA THR A 38 2.47 8.32 -10.15
C THR A 38 2.97 6.88 -10.16
N ASP A 39 3.36 6.41 -11.34
CA ASP A 39 3.86 5.05 -11.48
C ASP A 39 5.06 4.79 -10.57
N ALA A 40 5.89 5.81 -10.41
CA ALA A 40 7.08 5.70 -9.56
C ALA A 40 6.69 5.42 -8.12
N GLU A 41 5.73 6.19 -7.62
CA GLU A 41 5.26 6.04 -6.25
C GLU A 41 4.59 4.68 -6.06
N ILE A 42 3.78 4.29 -7.04
CA ILE A 42 3.07 3.02 -6.99
C ILE A 42 4.05 1.85 -7.08
N GLU A 43 5.06 2.00 -7.93
CA GLU A 43 6.06 0.95 -8.10
C GLU A 43 6.91 0.80 -6.85
N ALA A 44 7.15 1.90 -6.15
CA ALA A 44 7.92 1.87 -4.92
C ALA A 44 7.15 1.11 -3.85
N ILE A 45 5.88 1.48 -3.68
CA ILE A 45 5.01 0.84 -2.70
C ILE A 45 4.84 -0.63 -3.04
N PHE A 46 4.55 -0.91 -4.30
CA PHE A 46 4.35 -2.28 -4.76
C PHE A 46 5.62 -3.11 -4.67
N THR A 47 6.75 -2.54 -5.07
CA THR A 47 8.02 -3.25 -5.01
C THR A 47 8.42 -3.46 -3.56
N LYS A 48 8.28 -2.41 -2.78
CA LYS A 48 8.63 -2.42 -1.37
C LYS A 48 7.86 -3.50 -0.61
N TYR A 49 6.57 -3.61 -0.90
CA TYR A 49 5.72 -4.61 -0.24
C TYR A 49 5.77 -5.96 -0.95
N ASP A 50 5.77 -5.93 -2.28
CA ASP A 50 5.80 -7.17 -3.08
C ASP A 50 7.13 -7.90 -2.92
N GLN A 51 7.44 -8.32 -1.70
CA GLN A 51 8.70 -9.03 -1.43
C GLN A 51 8.80 -10.29 -2.28
N ASP A 52 7.67 -10.92 -2.55
CA ASP A 52 7.64 -12.13 -3.36
C ASP A 52 7.67 -11.81 -4.85
N GLY A 53 7.45 -10.54 -5.18
CA GLY A 53 7.47 -10.12 -6.58
C GLY A 53 6.52 -10.92 -7.45
N ASP A 54 5.31 -11.17 -6.94
CA ASP A 54 4.31 -11.93 -7.69
C ASP A 54 3.43 -11.00 -8.53
N GLN A 55 3.86 -9.75 -8.69
CA GLN A 55 3.12 -8.78 -9.47
C GLN A 55 1.69 -8.61 -8.95
N GLU A 56 1.46 -8.99 -7.69
CA GLU A 56 0.13 -8.87 -7.10
C GLU A 56 0.20 -8.53 -5.63
N LEU A 57 -0.73 -7.70 -5.18
CA LEU A 57 -0.80 -7.29 -3.78
C LEU A 57 -2.06 -7.86 -3.14
N THR A 58 -1.89 -8.50 -1.98
CA THR A 58 -3.03 -9.12 -1.30
C THR A 58 -3.22 -8.52 0.10
N GLU A 59 -4.34 -8.89 0.72
CA GLU A 59 -4.68 -8.42 2.06
C GLU A 59 -3.52 -8.64 3.03
N HIS A 60 -2.77 -9.73 2.82
CA HIS A 60 -1.65 -10.06 3.67
C HIS A 60 -0.56 -9.00 3.55
N GLU A 61 -0.17 -8.70 2.31
CA GLU A 61 0.86 -7.71 2.05
C GLU A 61 0.41 -6.32 2.51
N HIS A 62 -0.85 -6.02 2.30
CA HIS A 62 -1.41 -4.73 2.70
C HIS A 62 -1.48 -4.62 4.22
N GLN A 63 -1.77 -5.75 4.87
CA GLN A 63 -1.86 -5.78 6.33
C GLN A 63 -0.58 -5.27 6.98
N GLN A 64 0.55 -5.63 6.38
CA GLN A 64 1.86 -5.22 6.89
C GLN A 64 2.07 -3.72 6.72
N MET A 65 1.48 -3.16 5.66
CA MET A 65 1.62 -1.74 5.36
C MET A 65 1.16 -0.86 6.53
N ARG A 66 -0.07 -1.05 6.98
CA ARG A 66 -0.60 -0.28 8.08
C ARG A 66 0.21 -0.52 9.35
N ASP A 67 0.63 -1.77 9.54
CA ASP A 67 1.42 -2.14 10.70
C ASP A 67 2.79 -1.47 10.67
N ASP A 68 3.42 -1.50 9.51
CA ASP A 68 4.75 -0.89 9.34
C ASP A 68 4.70 0.62 9.55
N LEU A 69 3.58 1.23 9.18
CA LEU A 69 3.44 2.68 9.32
C LEU A 69 3.29 3.08 10.78
N GLU A 70 2.62 2.26 11.57
CA GLU A 70 2.42 2.54 12.99
C GLU A 70 3.70 2.24 13.77
N LYS A 71 4.46 1.26 13.30
CA LYS A 71 5.71 0.89 13.94
C LYS A 71 6.66 2.07 13.99
N GLU A 72 6.42 3.06 13.14
CA GLU A 72 7.25 4.25 13.07
C GLU A 72 6.59 5.42 13.81
N ARG A 73 5.26 5.48 13.76
CA ARG A 73 4.52 6.56 14.40
C ARG A 73 3.93 6.14 15.74
N GLU A 74 4.37 4.99 16.26
CA GLU A 74 3.86 4.51 17.55
C GLU A 74 4.92 3.70 18.28
N ASP A 75 6.19 3.95 17.97
CA ASP A 75 7.29 3.25 18.63
C ASP A 75 8.12 4.20 19.47
N LEU A 76 7.48 4.86 20.42
CA LEU A 76 8.17 5.80 21.30
C LEU A 76 7.34 6.09 22.55
N ASP A 77 6.23 6.79 22.36
CA ASP A 77 5.35 7.14 23.46
C ASP A 77 4.14 7.93 22.95
N LEU A 78 4.42 9.07 22.34
CA LEU A 78 3.36 9.93 21.81
C LEU A 78 3.87 10.75 20.64
N ASP A 79 4.17 10.08 19.52
CA ASP A 79 4.67 10.75 18.34
C ASP A 79 5.96 11.51 18.63
N GLY A 1 11.04 2.31 0.04
CA GLY A 1 12.39 2.17 0.65
C GLY A 1 12.33 1.89 2.13
N GLY A 2 11.60 2.73 2.86
CA GLY A 2 11.48 2.54 4.29
C GLY A 2 10.32 3.33 4.88
N SER A 3 10.55 4.61 5.14
CA SER A 3 9.52 5.48 5.71
C SER A 3 8.26 5.47 4.85
N LEU A 4 7.10 5.44 5.51
CA LEU A 4 5.83 5.44 4.80
C LEU A 4 4.86 6.44 5.45
N LYS A 5 3.91 6.92 4.65
CA LYS A 5 2.92 7.89 5.15
C LYS A 5 1.53 7.28 5.19
N LYS A 6 0.79 7.58 6.26
CA LYS A 6 -0.56 7.07 6.42
C LYS A 6 -1.45 7.42 5.23
N ASN A 7 -1.07 8.48 4.51
CA ASN A 7 -1.82 8.91 3.34
C ASN A 7 -1.73 7.89 2.21
N THR A 8 -0.61 7.17 2.16
CA THR A 8 -0.41 6.16 1.13
C THR A 8 -1.38 5.00 1.32
N VAL A 9 -1.44 4.50 2.55
CA VAL A 9 -2.33 3.38 2.86
C VAL A 9 -3.76 3.70 2.47
N ASP A 10 -4.15 4.96 2.63
CA ASP A 10 -5.50 5.40 2.29
C ASP A 10 -5.83 5.13 0.82
N ASP A 11 -4.90 5.47 -0.07
CA ASP A 11 -5.13 5.26 -1.50
C ASP A 11 -5.08 3.78 -1.85
N ILE A 12 -4.06 3.09 -1.35
CA ILE A 12 -3.91 1.66 -1.62
C ILE A 12 -5.06 0.87 -0.99
N SER A 13 -5.34 1.17 0.27
CA SER A 13 -6.41 0.48 0.99
C SER A 13 -7.75 0.63 0.28
N GLU A 14 -8.06 1.85 -0.13
CA GLU A 14 -9.32 2.11 -0.82
C GLU A 14 -9.43 1.29 -2.11
N SER A 15 -8.38 1.32 -2.92
CA SER A 15 -8.36 0.57 -4.16
C SER A 15 -8.38 -0.93 -3.90
N LEU A 16 -7.76 -1.34 -2.81
CA LEU A 16 -7.71 -2.75 -2.45
C LEU A 16 -9.08 -3.26 -2.03
N ARG A 17 -9.81 -2.41 -1.30
CA ARG A 17 -11.14 -2.76 -0.83
C ARG A 17 -12.12 -2.91 -2.00
N GLN A 18 -11.89 -2.14 -3.06
CA GLN A 18 -12.74 -2.19 -4.23
C GLN A 18 -12.62 -3.53 -4.94
N GLY A 19 -11.44 -4.14 -4.86
CA GLY A 19 -11.22 -5.42 -5.51
C GLY A 19 -11.51 -6.61 -4.59
N GLY A 20 -11.70 -6.32 -3.31
CA GLY A 20 -11.97 -7.39 -2.36
C GLY A 20 -10.74 -7.82 -1.59
N GLY A 21 -10.01 -6.85 -1.06
CA GLY A 21 -8.80 -7.15 -0.30
C GLY A 21 -7.71 -7.79 -1.14
N LYS A 22 -7.88 -7.79 -2.45
CA LYS A 22 -6.89 -8.39 -3.35
C LYS A 22 -6.94 -7.74 -4.74
N LEU A 23 -5.78 -7.36 -5.25
CA LEU A 23 -5.69 -6.73 -6.56
C LEU A 23 -4.29 -6.90 -7.15
N ASN A 24 -4.21 -6.88 -8.48
CA ASN A 24 -2.93 -7.04 -9.16
C ASN A 24 -2.29 -5.70 -9.49
N PHE A 25 -1.01 -5.74 -9.82
CA PHE A 25 -0.24 -4.54 -10.15
C PHE A 25 -0.98 -3.64 -11.15
N ASP A 26 -1.50 -4.25 -12.21
CA ASP A 26 -2.21 -3.50 -13.25
C ASP A 26 -3.50 -2.87 -12.77
N GLU A 27 -4.32 -3.63 -12.05
CA GLU A 27 -5.60 -3.13 -11.58
C GLU A 27 -5.45 -2.08 -10.48
N LEU A 28 -4.60 -2.35 -9.51
CA LEU A 28 -4.37 -1.42 -8.42
C LEU A 28 -3.77 -0.13 -8.95
N ARG A 29 -2.77 -0.26 -9.81
CA ARG A 29 -2.11 0.89 -10.38
C ARG A 29 -3.11 1.75 -11.16
N GLN A 30 -3.98 1.10 -11.95
CA GLN A 30 -4.98 1.83 -12.70
C GLN A 30 -5.86 2.64 -11.75
N ASP A 31 -6.22 2.02 -10.65
CA ASP A 31 -7.04 2.66 -9.62
C ASP A 31 -6.24 3.77 -8.94
N LEU A 32 -4.94 3.57 -8.85
CA LEU A 32 -4.05 4.54 -8.23
C LEU A 32 -3.80 5.72 -9.17
N LYS A 33 -3.57 5.41 -10.45
CA LYS A 33 -3.30 6.44 -11.43
C LYS A 33 -4.52 7.35 -11.59
N GLY A 34 -5.71 6.76 -11.55
CA GLY A 34 -6.92 7.54 -11.68
C GLY A 34 -7.15 8.48 -10.50
N LYS A 35 -6.37 8.30 -9.43
CA LYS A 35 -6.48 9.13 -8.24
C LYS A 35 -5.42 10.22 -8.22
N GLY A 36 -4.45 10.12 -9.12
CA GLY A 36 -3.39 11.11 -9.18
C GLY A 36 -2.05 10.57 -8.72
N HIS A 37 -1.99 9.28 -8.40
CA HIS A 37 -0.75 8.66 -7.96
C HIS A 37 0.17 8.36 -9.14
N THR A 38 1.44 8.71 -8.99
CA THR A 38 2.42 8.49 -10.04
C THR A 38 2.86 7.02 -10.08
N ASP A 39 3.24 6.56 -11.26
CA ASP A 39 3.68 5.18 -11.43
C ASP A 39 4.90 4.89 -10.56
N ALA A 40 5.79 5.86 -10.45
CA ALA A 40 6.99 5.69 -9.63
C ALA A 40 6.64 5.41 -8.18
N GLU A 41 5.72 6.19 -7.65
CA GLU A 41 5.28 6.03 -6.26
C GLU A 41 4.60 4.68 -6.06
N ILE A 42 3.79 4.29 -7.05
CA ILE A 42 3.07 3.03 -6.98
C ILE A 42 4.03 1.85 -7.08
N GLU A 43 5.02 1.98 -7.95
CA GLU A 43 6.00 0.92 -8.14
C GLU A 43 6.85 0.73 -6.89
N ALA A 44 7.17 1.84 -6.22
CA ALA A 44 7.96 1.76 -4.99
C ALA A 44 7.18 1.06 -3.90
N ILE A 45 5.93 1.50 -3.71
CA ILE A 45 5.05 0.90 -2.72
C ILE A 45 4.83 -0.57 -3.03
N PHE A 46 4.55 -0.86 -4.29
CA PHE A 46 4.30 -2.22 -4.73
C PHE A 46 5.55 -3.10 -4.62
N THR A 47 6.70 -2.56 -5.01
CA THR A 47 7.94 -3.31 -4.93
C THR A 47 8.33 -3.54 -3.47
N LYS A 48 8.20 -2.48 -2.69
CA LYS A 48 8.54 -2.51 -1.28
C LYS A 48 7.76 -3.58 -0.54
N TYR A 49 6.45 -3.64 -0.78
CA TYR A 49 5.59 -4.61 -0.13
C TYR A 49 5.56 -5.96 -0.86
N ASP A 50 5.55 -5.92 -2.20
CA ASP A 50 5.51 -7.16 -3.00
C ASP A 50 6.83 -7.92 -2.90
N GLN A 51 7.17 -8.35 -1.69
CA GLN A 51 8.40 -9.10 -1.47
C GLN A 51 8.38 -10.45 -2.20
N ASP A 52 7.19 -10.91 -2.55
CA ASP A 52 7.04 -12.18 -3.26
C ASP A 52 7.24 -12.01 -4.76
N GLY A 53 7.23 -10.77 -5.23
CA GLY A 53 7.43 -10.50 -6.64
C GLY A 53 6.40 -11.19 -7.52
N ASP A 54 5.20 -11.41 -6.98
CA ASP A 54 4.13 -12.06 -7.73
C ASP A 54 3.28 -11.05 -8.49
N GLN A 55 3.76 -9.80 -8.55
CA GLN A 55 3.05 -8.74 -9.25
C GLN A 55 1.61 -8.60 -8.75
N GLU A 56 1.39 -8.96 -7.49
CA GLU A 56 0.05 -8.88 -6.92
C GLU A 56 0.10 -8.51 -5.44
N LEU A 57 -0.79 -7.62 -5.02
CA LEU A 57 -0.87 -7.20 -3.64
C LEU A 57 -2.12 -7.77 -2.99
N THR A 58 -1.97 -8.43 -1.85
CA THR A 58 -3.10 -9.04 -1.17
C THR A 58 -3.24 -8.55 0.26
N GLU A 59 -4.28 -9.04 0.94
CA GLU A 59 -4.56 -8.68 2.32
C GLU A 59 -3.34 -8.89 3.21
N HIS A 60 -2.56 -9.92 2.91
CA HIS A 60 -1.37 -10.21 3.69
C HIS A 60 -0.33 -9.10 3.55
N GLU A 61 -0.03 -8.73 2.32
CA GLU A 61 0.93 -7.67 2.04
C GLU A 61 0.44 -6.34 2.60
N HIS A 62 -0.86 -6.09 2.45
CA HIS A 62 -1.45 -4.85 2.94
C HIS A 62 -1.41 -4.79 4.46
N GLN A 63 -1.57 -5.94 5.11
CA GLN A 63 -1.55 -6.02 6.56
C GLN A 63 -0.24 -5.45 7.12
N GLN A 64 0.85 -5.70 6.42
CA GLN A 64 2.15 -5.21 6.84
C GLN A 64 2.23 -3.69 6.70
N MET A 65 1.52 -3.16 5.73
CA MET A 65 1.51 -1.72 5.47
C MET A 65 1.08 -0.92 6.71
N ARG A 66 -0.10 -1.26 7.24
CA ARG A 66 -0.61 -0.56 8.42
C ARG A 66 0.26 -0.84 9.64
N ASP A 67 0.75 -2.07 9.75
CA ASP A 67 1.60 -2.44 10.88
C ASP A 67 2.93 -1.70 10.83
N ASP A 68 3.53 -1.68 9.65
CA ASP A 68 4.82 -1.01 9.47
C ASP A 68 4.68 0.49 9.68
N LEU A 69 3.53 1.03 9.33
CA LEU A 69 3.26 2.46 9.49
C LEU A 69 3.10 2.83 10.96
N GLU A 70 2.62 1.87 11.75
CA GLU A 70 2.40 2.10 13.17
C GLU A 70 3.72 2.10 13.94
N LYS A 71 4.59 1.15 13.63
CA LYS A 71 5.88 1.04 14.31
C LYS A 71 6.68 2.33 14.15
N GLU A 72 6.49 3.02 13.04
CA GLU A 72 7.18 4.27 12.78
C GLU A 72 6.85 5.31 13.84
N ARG A 73 5.57 5.38 14.20
CA ARG A 73 5.11 6.32 15.21
C ARG A 73 4.70 5.60 16.49
N GLU A 74 5.27 4.41 16.71
CA GLU A 74 4.98 3.62 17.90
C GLU A 74 3.48 3.57 18.18
N ASP A 75 2.69 3.38 17.12
CA ASP A 75 1.23 3.31 17.23
C ASP A 75 0.60 4.70 17.33
N LEU A 76 1.15 5.53 18.19
CA LEU A 76 0.65 6.89 18.37
C LEU A 76 1.60 7.71 19.24
N ASP A 77 1.21 8.96 19.53
CA ASP A 77 2.04 9.83 20.35
C ASP A 77 1.21 10.98 20.91
N LEU A 78 0.03 10.65 21.45
CA LEU A 78 -0.86 11.66 22.02
C LEU A 78 -0.10 12.62 22.93
N ASP A 79 0.85 12.09 23.69
CA ASP A 79 1.65 12.91 24.60
C ASP A 79 3.08 13.04 24.08
N GLY A 1 11.83 9.49 10.92
CA GLY A 1 12.11 8.04 10.77
C GLY A 1 10.94 7.27 10.20
N GLY A 2 11.03 6.93 8.92
CA GLY A 2 9.95 6.20 8.27
C GLY A 2 9.44 6.88 7.02
N SER A 3 9.53 6.20 5.89
CA SER A 3 9.07 6.75 4.63
C SER A 3 7.54 6.77 4.55
N LEU A 4 6.96 5.64 4.15
CA LEU A 4 5.50 5.51 4.03
C LEU A 4 4.76 6.34 5.07
N LYS A 5 3.57 6.80 4.70
CA LYS A 5 2.75 7.61 5.59
C LYS A 5 1.32 7.08 5.63
N LYS A 6 0.59 7.45 6.68
CA LYS A 6 -0.79 7.02 6.85
C LYS A 6 -1.66 7.48 5.68
N ASN A 7 -1.25 8.56 5.04
CA ASN A 7 -1.99 9.11 3.90
C ASN A 7 -1.92 8.18 2.70
N THR A 8 -0.78 7.51 2.54
CA THR A 8 -0.59 6.59 1.42
C THR A 8 -1.47 5.36 1.56
N VAL A 9 -1.45 4.75 2.73
CA VAL A 9 -2.25 3.56 3.00
C VAL A 9 -3.72 3.81 2.73
N ASP A 10 -4.18 5.03 3.00
CA ASP A 10 -5.57 5.38 2.77
C ASP A 10 -5.94 5.23 1.30
N ASP A 11 -5.01 5.64 0.43
CA ASP A 11 -5.23 5.55 -1.01
C ASP A 11 -5.18 4.10 -1.49
N ILE A 12 -4.19 3.36 -1.00
CA ILE A 12 -4.03 1.97 -1.38
C ILE A 12 -5.13 1.10 -0.75
N SER A 13 -5.50 1.43 0.48
CA SER A 13 -6.52 0.68 1.20
C SER A 13 -7.88 0.84 0.54
N GLU A 14 -8.26 2.08 0.23
CA GLU A 14 -9.55 2.34 -0.40
C GLU A 14 -9.68 1.59 -1.72
N SER A 15 -8.65 1.70 -2.56
CA SER A 15 -8.65 1.03 -3.85
C SER A 15 -8.57 -0.49 -3.65
N LEU A 16 -7.88 -0.90 -2.60
CA LEU A 16 -7.74 -2.31 -2.28
C LEU A 16 -9.05 -2.91 -1.82
N ARG A 17 -9.77 -2.14 -1.00
CA ARG A 17 -11.06 -2.57 -0.47
C ARG A 17 -12.09 -2.68 -1.59
N GLN A 18 -11.96 -1.82 -2.60
CA GLN A 18 -12.88 -1.81 -3.73
C GLN A 18 -12.55 -2.95 -4.70
N GLY A 19 -11.29 -3.37 -4.72
CA GLY A 19 -10.88 -4.44 -5.61
C GLY A 19 -11.26 -5.81 -5.09
N GLY A 20 -11.69 -5.89 -3.84
CA GLY A 20 -12.09 -7.16 -3.27
C GLY A 20 -11.03 -7.76 -2.35
N GLY A 21 -10.24 -6.90 -1.71
CA GLY A 21 -9.21 -7.39 -0.81
C GLY A 21 -7.88 -7.65 -1.49
N LYS A 22 -7.93 -8.22 -2.69
CA LYS A 22 -6.71 -8.53 -3.43
C LYS A 22 -6.76 -7.96 -4.84
N LEU A 23 -5.60 -7.56 -5.36
CA LEU A 23 -5.51 -7.00 -6.70
C LEU A 23 -4.10 -7.15 -7.26
N ASN A 24 -3.99 -7.16 -8.59
CA ASN A 24 -2.70 -7.30 -9.25
C ASN A 24 -2.09 -5.94 -9.55
N PHE A 25 -0.80 -5.93 -9.88
CA PHE A 25 -0.07 -4.70 -10.17
C PHE A 25 -0.85 -3.83 -11.17
N ASP A 26 -1.38 -4.45 -12.20
CA ASP A 26 -2.12 -3.74 -13.24
C ASP A 26 -3.42 -3.12 -12.74
N GLU A 27 -4.21 -3.91 -12.01
CA GLU A 27 -5.50 -3.43 -11.51
C GLU A 27 -5.37 -2.38 -10.42
N LEU A 28 -4.49 -2.62 -9.46
CA LEU A 28 -4.29 -1.67 -8.38
C LEU A 28 -3.69 -0.38 -8.92
N ARG A 29 -2.71 -0.53 -9.80
CA ARG A 29 -2.04 0.62 -10.39
C ARG A 29 -3.04 1.48 -11.18
N GLN A 30 -3.91 0.85 -11.96
CA GLN A 30 -4.89 1.61 -12.73
C GLN A 30 -5.83 2.35 -11.78
N ASP A 31 -6.17 1.68 -10.69
CA ASP A 31 -7.05 2.27 -9.67
C ASP A 31 -6.31 3.38 -8.93
N LEU A 32 -5.00 3.23 -8.82
CA LEU A 32 -4.16 4.21 -8.15
C LEU A 32 -3.88 5.39 -9.08
N LYS A 33 -3.61 5.08 -10.34
CA LYS A 33 -3.31 6.12 -11.32
C LYS A 33 -4.52 7.04 -11.51
N GLY A 34 -5.71 6.45 -11.51
CA GLY A 34 -6.93 7.23 -11.68
C GLY A 34 -7.17 8.17 -10.51
N LYS A 35 -6.42 7.99 -9.42
CA LYS A 35 -6.56 8.84 -8.25
C LYS A 35 -5.52 9.96 -8.24
N GLY A 36 -4.54 9.87 -9.13
CA GLY A 36 -3.50 10.88 -9.20
C GLY A 36 -2.15 10.39 -8.71
N HIS A 37 -2.06 9.09 -8.42
CA HIS A 37 -0.81 8.51 -7.95
C HIS A 37 0.14 8.23 -9.11
N THR A 38 1.41 8.59 -8.94
CA THR A 38 2.41 8.37 -9.97
C THR A 38 2.87 6.92 -10.00
N ASP A 39 3.26 6.46 -11.18
CA ASP A 39 3.72 5.08 -11.34
C ASP A 39 4.92 4.79 -10.45
N ALA A 40 5.82 5.77 -10.33
CA ALA A 40 7.02 5.63 -9.52
C ALA A 40 6.66 5.34 -8.06
N GLU A 41 5.77 6.16 -7.51
CA GLU A 41 5.34 6.00 -6.13
C GLU A 41 4.66 4.65 -5.93
N ILE A 42 3.81 4.27 -6.87
CA ILE A 42 3.09 3.01 -6.81
C ILE A 42 4.05 1.83 -6.89
N GLU A 43 5.06 1.96 -7.76
CA GLU A 43 6.04 0.90 -7.92
C GLU A 43 6.87 0.70 -6.66
N ALA A 44 7.17 1.80 -5.97
CA ALA A 44 7.94 1.72 -4.73
C ALA A 44 7.13 0.99 -3.67
N ILE A 45 5.88 1.43 -3.50
CA ILE A 45 4.99 0.82 -2.52
C ILE A 45 4.76 -0.65 -2.87
N PHE A 46 4.49 -0.92 -4.14
CA PHE A 46 4.24 -2.28 -4.61
C PHE A 46 5.48 -3.15 -4.48
N THR A 47 6.64 -2.62 -4.85
CA THR A 47 7.88 -3.38 -4.74
C THR A 47 8.23 -3.61 -3.28
N LYS A 48 8.08 -2.54 -2.50
CA LYS A 48 8.38 -2.58 -1.09
C LYS A 48 7.58 -3.64 -0.37
N TYR A 49 6.29 -3.73 -0.68
CA TYR A 49 5.41 -4.70 -0.07
C TYR A 49 5.44 -6.04 -0.79
N ASP A 50 5.49 -6.01 -2.13
CA ASP A 50 5.52 -7.24 -2.92
C ASP A 50 6.85 -7.98 -2.75
N GLN A 51 7.15 -8.40 -1.54
CA GLN A 51 8.40 -9.11 -1.25
C GLN A 51 8.53 -10.34 -2.15
N ASP A 52 7.42 -11.03 -2.40
CA ASP A 52 7.42 -12.22 -3.24
C ASP A 52 7.54 -11.85 -4.72
N GLY A 53 7.33 -10.58 -5.04
CA GLY A 53 7.43 -10.13 -6.41
C GLY A 53 6.57 -10.94 -7.36
N ASP A 54 5.31 -11.16 -6.99
CA ASP A 54 4.39 -11.92 -7.84
C ASP A 54 3.51 -11.00 -8.66
N GLN A 55 3.96 -9.75 -8.83
CA GLN A 55 3.22 -8.76 -9.61
C GLN A 55 1.80 -8.59 -9.09
N GLU A 56 1.56 -8.99 -7.84
CA GLU A 56 0.23 -8.86 -7.25
C GLU A 56 0.30 -8.56 -5.77
N LEU A 57 -0.61 -7.71 -5.30
CA LEU A 57 -0.68 -7.33 -3.89
C LEU A 57 -1.87 -8.01 -3.25
N THR A 58 -1.62 -8.71 -2.14
CA THR A 58 -2.69 -9.41 -1.44
C THR A 58 -3.01 -8.78 -0.09
N GLU A 59 -4.20 -9.08 0.42
CA GLU A 59 -4.65 -8.54 1.71
C GLU A 59 -3.57 -8.71 2.78
N HIS A 60 -2.78 -9.76 2.65
CA HIS A 60 -1.69 -10.03 3.59
C HIS A 60 -0.61 -8.97 3.49
N GLU A 61 -0.21 -8.66 2.25
CA GLU A 61 0.83 -7.66 2.01
C GLU A 61 0.35 -6.29 2.49
N HIS A 62 -0.91 -5.98 2.23
CA HIS A 62 -1.48 -4.70 2.64
C HIS A 62 -1.55 -4.60 4.17
N GLN A 63 -1.80 -5.72 4.81
CA GLN A 63 -1.90 -5.77 6.27
C GLN A 63 -0.60 -5.29 6.90
N GLN A 64 0.51 -5.62 6.27
CA GLN A 64 1.83 -5.22 6.76
C GLN A 64 2.02 -3.71 6.64
N MET A 65 1.40 -3.12 5.63
CA MET A 65 1.49 -1.69 5.40
C MET A 65 1.04 -0.90 6.62
N ARG A 66 -0.10 -1.29 7.19
CA ARG A 66 -0.63 -0.62 8.37
C ARG A 66 0.28 -0.81 9.57
N ASP A 67 0.75 -2.04 9.76
CA ASP A 67 1.63 -2.36 10.89
C ASP A 67 2.97 -1.65 10.75
N ASP A 68 3.56 -1.73 9.56
CA ASP A 68 4.86 -1.10 9.31
C ASP A 68 4.80 0.40 9.55
N LEU A 69 3.79 1.05 9.01
CA LEU A 69 3.63 2.50 9.16
C LEU A 69 3.51 2.89 10.63
N GLU A 70 2.87 2.04 11.42
CA GLU A 70 2.68 2.31 12.84
C GLU A 70 3.99 2.13 13.61
N LYS A 71 4.87 1.29 13.07
CA LYS A 71 6.16 1.04 13.70
C LYS A 71 7.07 2.26 13.59
N GLU A 72 6.84 3.07 12.56
CA GLU A 72 7.65 4.27 12.33
C GLU A 72 7.04 5.46 13.07
N ARG A 73 5.76 5.71 12.83
CA ARG A 73 5.06 6.81 13.46
C ARG A 73 4.16 6.32 14.59
N GLU A 74 4.65 6.44 15.83
CA GLU A 74 3.90 6.01 17.00
C GLU A 74 3.55 7.20 17.88
N ASP A 75 2.29 7.63 17.82
CA ASP A 75 1.83 8.76 18.61
C ASP A 75 0.57 8.39 19.41
N LEU A 76 0.57 7.18 19.97
CA LEU A 76 -0.55 6.70 20.76
C LEU A 76 -0.54 7.32 22.16
N ASP A 77 -1.60 8.05 22.48
CA ASP A 77 -1.70 8.69 23.79
C ASP A 77 -2.71 7.97 24.67
N LEU A 78 -3.81 7.52 24.05
CA LEU A 78 -4.86 6.80 24.77
C LEU A 78 -5.51 5.76 23.88
N ASP A 79 -6.53 6.17 23.13
CA ASP A 79 -7.24 5.27 22.23
C ASP A 79 -6.70 5.37 20.82
N GLY A 1 14.11 1.01 4.55
CA GLY A 1 14.46 2.34 3.99
C GLY A 1 13.35 2.91 3.13
N GLY A 2 12.44 3.65 3.74
CA GLY A 2 11.34 4.25 3.01
C GLY A 2 10.12 4.48 3.88
N SER A 3 10.06 5.65 4.51
CA SER A 3 8.94 6.00 5.37
C SER A 3 7.62 5.95 4.60
N LEU A 4 6.51 5.79 5.32
CA LEU A 4 5.20 5.73 4.71
C LEU A 4 4.22 6.67 5.41
N LYS A 5 3.25 7.17 4.65
CA LYS A 5 2.25 8.09 5.20
C LYS A 5 0.87 7.46 5.16
N LYS A 6 0.01 7.89 6.08
CA LYS A 6 -1.36 7.36 6.17
C LYS A 6 -2.07 7.44 4.83
N ASN A 7 -1.62 8.35 3.96
CA ASN A 7 -2.23 8.51 2.64
C ASN A 7 -1.93 7.31 1.76
N THR A 8 -0.68 6.84 1.80
CA THR A 8 -0.27 5.68 1.01
C THR A 8 -0.99 4.42 1.49
N VAL A 9 -1.25 4.37 2.79
CA VAL A 9 -1.96 3.24 3.38
C VAL A 9 -3.43 3.27 2.96
N ASP A 10 -4.04 4.44 3.11
CA ASP A 10 -5.43 4.61 2.73
C ASP A 10 -5.59 4.56 1.21
N ASP A 11 -4.55 4.98 0.50
CA ASP A 11 -4.56 4.99 -0.96
C ASP A 11 -4.63 3.56 -1.49
N ILE A 12 -3.77 2.69 -0.97
CA ILE A 12 -3.75 1.30 -1.38
C ILE A 12 -4.97 0.54 -0.88
N SER A 13 -5.31 0.76 0.39
CA SER A 13 -6.44 0.08 1.02
C SER A 13 -7.75 0.32 0.27
N GLU A 14 -8.02 1.58 -0.06
CA GLU A 14 -9.26 1.91 -0.77
C GLU A 14 -9.39 1.16 -2.08
N SER A 15 -8.34 1.18 -2.88
CA SER A 15 -8.36 0.49 -4.17
C SER A 15 -8.42 -1.02 -3.96
N LEU A 16 -7.79 -1.50 -2.90
CA LEU A 16 -7.79 -2.92 -2.59
C LEU A 16 -9.17 -3.39 -2.17
N ARG A 17 -9.86 -2.56 -1.40
CA ARG A 17 -11.20 -2.88 -0.93
C ARG A 17 -12.19 -2.95 -2.09
N GLN A 18 -11.95 -2.14 -3.11
CA GLN A 18 -12.83 -2.11 -4.28
C GLN A 18 -12.75 -3.43 -5.05
N GLY A 19 -11.58 -4.05 -5.04
CA GLY A 19 -11.40 -5.31 -5.75
C GLY A 19 -11.56 -6.52 -4.85
N GLY A 20 -11.97 -6.30 -3.60
CA GLY A 20 -12.16 -7.40 -2.67
C GLY A 20 -10.89 -7.74 -1.92
N GLY A 21 -10.23 -6.72 -1.38
CA GLY A 21 -9.00 -6.93 -0.62
C GLY A 21 -7.95 -7.70 -1.40
N LYS A 22 -8.09 -7.74 -2.72
CA LYS A 22 -7.13 -8.45 -3.57
C LYS A 22 -7.09 -7.85 -4.97
N LEU A 23 -5.90 -7.46 -5.42
CA LEU A 23 -5.74 -6.87 -6.75
C LEU A 23 -4.31 -7.03 -7.25
N ASN A 24 -4.13 -6.92 -8.55
CA ASN A 24 -2.81 -7.05 -9.16
C ASN A 24 -2.20 -5.69 -9.48
N PHE A 25 -0.93 -5.70 -9.86
CA PHE A 25 -0.19 -4.48 -10.19
C PHE A 25 -0.99 -3.59 -11.14
N ASP A 26 -1.45 -4.17 -12.24
CA ASP A 26 -2.19 -3.43 -13.26
C ASP A 26 -3.49 -2.83 -12.74
N GLU A 27 -4.27 -3.61 -12.01
CA GLU A 27 -5.56 -3.14 -11.50
C GLU A 27 -5.40 -2.08 -10.41
N LEU A 28 -4.51 -2.33 -9.46
CA LEU A 28 -4.30 -1.38 -8.38
C LEU A 28 -3.69 -0.10 -8.92
N ARG A 29 -2.76 -0.27 -9.87
CA ARG A 29 -2.09 0.87 -10.48
C ARG A 29 -3.09 1.74 -11.22
N GLN A 30 -3.96 1.14 -12.04
CA GLN A 30 -4.96 1.92 -12.77
C GLN A 30 -5.84 2.68 -11.79
N ASP A 31 -6.22 2.01 -10.71
CA ASP A 31 -7.04 2.61 -9.67
C ASP A 31 -6.23 3.70 -8.96
N LEU A 32 -4.92 3.49 -8.89
CA LEU A 32 -4.02 4.43 -8.25
C LEU A 32 -3.75 5.64 -9.15
N LYS A 33 -3.57 5.37 -10.44
CA LYS A 33 -3.28 6.43 -11.39
C LYS A 33 -4.47 7.39 -11.49
N GLY A 34 -5.68 6.84 -11.44
CA GLY A 34 -6.87 7.68 -11.51
C GLY A 34 -7.04 8.56 -10.29
N LYS A 35 -6.25 8.30 -9.24
CA LYS A 35 -6.32 9.08 -8.02
C LYS A 35 -5.29 10.20 -8.01
N GLY A 36 -4.36 10.16 -8.96
CA GLY A 36 -3.34 11.19 -9.04
C GLY A 36 -1.96 10.70 -8.62
N HIS A 37 -1.85 9.39 -8.37
CA HIS A 37 -0.58 8.81 -7.96
C HIS A 37 0.28 8.47 -9.18
N THR A 38 1.59 8.71 -9.07
CA THR A 38 2.50 8.44 -10.17
C THR A 38 2.96 6.98 -10.18
N ASP A 39 3.42 6.53 -11.34
CA ASP A 39 3.88 5.16 -11.50
C ASP A 39 5.07 4.86 -10.58
N ALA A 40 5.94 5.85 -10.41
CA ALA A 40 7.11 5.69 -9.56
C ALA A 40 6.69 5.39 -8.13
N GLU A 41 5.75 6.16 -7.62
CA GLU A 41 5.24 5.98 -6.26
C GLU A 41 4.57 4.62 -6.11
N ILE A 42 3.81 4.23 -7.11
CA ILE A 42 3.11 2.95 -7.09
C ILE A 42 4.08 1.78 -7.13
N GLU A 43 5.01 1.82 -8.09
CA GLU A 43 6.00 0.75 -8.23
C GLU A 43 6.85 0.60 -6.98
N ALA A 44 7.14 1.72 -6.32
CA ALA A 44 7.95 1.68 -5.10
C ALA A 44 7.17 0.99 -3.99
N ILE A 45 5.94 1.44 -3.78
CA ILE A 45 5.07 0.86 -2.77
C ILE A 45 4.84 -0.61 -3.06
N PHE A 46 4.56 -0.91 -4.32
CA PHE A 46 4.31 -2.27 -4.75
C PHE A 46 5.55 -3.15 -4.63
N THR A 47 6.71 -2.62 -4.98
CA THR A 47 7.94 -3.37 -4.89
C THR A 47 8.30 -3.59 -3.43
N LYS A 48 8.16 -2.54 -2.64
CA LYS A 48 8.47 -2.57 -1.22
C LYS A 48 7.67 -3.65 -0.50
N TYR A 49 6.37 -3.68 -0.73
CA TYR A 49 5.50 -4.65 -0.08
C TYR A 49 5.44 -5.98 -0.82
N ASP A 50 5.43 -5.94 -2.17
CA ASP A 50 5.38 -7.17 -2.95
C ASP A 50 6.69 -7.95 -2.85
N GLN A 51 7.03 -8.39 -1.65
CA GLN A 51 8.26 -9.13 -1.41
C GLN A 51 8.27 -10.43 -2.22
N ASP A 52 7.10 -11.01 -2.42
CA ASP A 52 6.97 -12.25 -3.18
C ASP A 52 7.19 -12.02 -4.68
N GLY A 53 7.22 -10.76 -5.08
CA GLY A 53 7.44 -10.44 -6.49
C GLY A 53 6.43 -11.13 -7.40
N ASP A 54 5.22 -11.34 -6.90
CA ASP A 54 4.18 -12.00 -7.68
C ASP A 54 3.37 -10.98 -8.48
N GLN A 55 3.82 -9.73 -8.49
CA GLN A 55 3.13 -8.67 -9.21
C GLN A 55 1.67 -8.54 -8.77
N GLU A 56 1.40 -8.89 -7.52
CA GLU A 56 0.04 -8.82 -7.00
C GLU A 56 0.04 -8.44 -5.52
N LEU A 57 -0.82 -7.48 -5.17
CA LEU A 57 -0.93 -7.03 -3.79
C LEU A 57 -2.22 -7.57 -3.17
N THR A 58 -2.09 -8.27 -2.05
CA THR A 58 -3.25 -8.85 -1.37
C THR A 58 -3.40 -8.33 0.06
N GLU A 59 -4.50 -8.73 0.69
CA GLU A 59 -4.80 -8.33 2.06
C GLU A 59 -3.61 -8.57 2.98
N HIS A 60 -2.85 -9.63 2.69
CA HIS A 60 -1.69 -9.98 3.50
C HIS A 60 -0.62 -8.90 3.40
N GLU A 61 -0.28 -8.51 2.18
CA GLU A 61 0.74 -7.49 1.96
C GLU A 61 0.31 -6.15 2.56
N HIS A 62 -0.98 -5.82 2.42
CA HIS A 62 -1.51 -4.58 2.96
C HIS A 62 -1.45 -4.57 4.48
N GLN A 63 -1.66 -5.74 5.08
CA GLN A 63 -1.62 -5.85 6.54
C GLN A 63 -0.30 -5.35 7.10
N GLN A 64 0.76 -5.52 6.30
CA GLN A 64 2.10 -5.08 6.69
C GLN A 64 2.15 -3.55 6.76
N MET A 65 1.36 -2.90 5.91
CA MET A 65 1.33 -1.44 5.85
C MET A 65 0.97 -0.85 7.22
N ARG A 66 -0.07 -1.38 7.84
CA ARG A 66 -0.52 -0.89 9.15
C ARG A 66 0.58 -1.05 10.19
N ASP A 67 1.23 -2.21 10.19
CA ASP A 67 2.31 -2.48 11.14
C ASP A 67 3.51 -1.57 10.89
N ASP A 68 3.87 -1.43 9.63
CA ASP A 68 5.00 -0.59 9.24
C ASP A 68 4.79 0.86 9.66
N LEU A 69 3.55 1.32 9.59
CA LEU A 69 3.22 2.69 9.96
C LEU A 69 3.32 2.90 11.46
N GLU A 70 2.95 1.88 12.23
CA GLU A 70 2.99 1.97 13.69
C GLU A 70 4.42 1.93 14.22
N LYS A 71 5.32 1.30 13.48
CA LYS A 71 6.72 1.21 13.91
C LYS A 71 7.41 2.56 13.78
N GLU A 72 6.95 3.35 12.81
CA GLU A 72 7.51 4.68 12.58
C GLU A 72 6.98 5.68 13.61
N ARG A 73 5.68 5.57 13.90
CA ARG A 73 5.03 6.46 14.86
C ARG A 73 4.38 5.66 15.98
N GLU A 74 5.02 5.65 17.14
CA GLU A 74 4.50 4.92 18.30
C GLU A 74 3.42 5.72 19.00
N ASP A 75 2.17 5.47 18.62
CA ASP A 75 1.02 6.15 19.21
C ASP A 75 0.86 7.56 18.63
N LEU A 76 1.91 8.35 18.75
CA LEU A 76 1.90 9.72 18.24
C LEU A 76 0.82 10.54 18.94
N ASP A 77 1.21 11.23 20.02
CA ASP A 77 0.27 12.05 20.76
C ASP A 77 1.02 13.03 21.67
N LEU A 78 2.04 12.53 22.36
CA LEU A 78 2.84 13.34 23.26
C LEU A 78 3.89 12.50 23.98
N ASP A 79 3.43 11.51 24.72
CA ASP A 79 4.32 10.62 25.46
C ASP A 79 5.18 11.42 26.45
N GLY A 1 9.94 6.55 -0.75
CA GLY A 1 9.23 7.33 0.30
C GLY A 1 9.99 7.37 1.61
N GLY A 2 9.86 6.30 2.39
CA GLY A 2 10.55 6.25 3.67
C GLY A 2 9.68 6.71 4.82
N SER A 3 9.64 5.92 5.89
CA SER A 3 8.84 6.25 7.06
C SER A 3 7.35 6.10 6.79
N LEU A 4 7.02 5.49 5.64
CA LEU A 4 5.64 5.27 5.25
C LEU A 4 4.84 6.58 5.22
N LYS A 5 3.70 6.51 4.55
CA LYS A 5 2.82 7.67 4.43
C LYS A 5 1.37 7.24 4.64
N LYS A 6 0.78 7.65 5.76
CA LYS A 6 -0.61 7.30 6.06
C LYS A 6 -1.54 7.75 4.94
N ASN A 7 -1.18 8.84 4.27
CA ASN A 7 -1.98 9.37 3.18
C ASN A 7 -1.96 8.44 1.98
N THR A 8 -0.80 7.85 1.70
CA THR A 8 -0.66 6.95 0.57
C THR A 8 -1.32 5.61 0.84
N VAL A 9 -1.03 5.03 2.00
CA VAL A 9 -1.59 3.74 2.39
C VAL A 9 -3.11 3.78 2.33
N ASP A 10 -3.69 4.89 2.79
CA ASP A 10 -5.14 5.03 2.78
C ASP A 10 -5.68 4.92 1.36
N ASP A 11 -4.97 5.55 0.42
CA ASP A 11 -5.37 5.51 -0.99
C ASP A 11 -5.32 4.09 -1.52
N ILE A 12 -4.28 3.36 -1.15
CA ILE A 12 -4.12 1.98 -1.57
C ILE A 12 -5.14 1.09 -0.87
N SER A 13 -5.39 1.38 0.41
CA SER A 13 -6.34 0.62 1.20
C SER A 13 -7.73 0.61 0.56
N GLU A 14 -8.16 1.78 0.11
CA GLU A 14 -9.48 1.91 -0.52
C GLU A 14 -9.53 1.11 -1.82
N SER A 15 -8.54 1.28 -2.67
CA SER A 15 -8.48 0.59 -3.94
C SER A 15 -8.39 -0.92 -3.73
N LEU A 16 -7.73 -1.34 -2.66
CA LEU A 16 -7.57 -2.75 -2.36
C LEU A 16 -8.91 -3.38 -1.96
N ARG A 17 -9.69 -2.62 -1.21
CA ARG A 17 -11.01 -3.08 -0.76
C ARG A 17 -12.00 -3.15 -1.92
N GLN A 18 -11.83 -2.26 -2.88
CA GLN A 18 -12.71 -2.22 -4.04
C GLN A 18 -12.59 -3.49 -4.88
N GLY A 19 -11.37 -3.97 -5.03
CA GLY A 19 -11.14 -5.17 -5.81
C GLY A 19 -11.48 -6.45 -5.05
N GLY A 20 -11.71 -6.32 -3.75
CA GLY A 20 -12.04 -7.48 -2.94
C GLY A 20 -10.85 -8.02 -2.16
N GLY A 21 -10.05 -7.12 -1.61
CA GLY A 21 -8.90 -7.53 -0.83
C GLY A 21 -7.67 -7.80 -1.69
N LYS A 22 -7.83 -8.61 -2.73
CA LYS A 22 -6.72 -8.95 -3.61
C LYS A 22 -6.79 -8.17 -4.92
N LEU A 23 -5.63 -7.75 -5.41
CA LEU A 23 -5.55 -6.99 -6.66
C LEU A 23 -4.15 -7.12 -7.26
N ASN A 24 -4.08 -7.07 -8.59
CA ASN A 24 -2.80 -7.19 -9.29
C ASN A 24 -2.18 -5.82 -9.57
N PHE A 25 -0.89 -5.84 -9.91
CA PHE A 25 -0.15 -4.62 -10.20
C PHE A 25 -0.91 -3.71 -11.17
N ASP A 26 -1.42 -4.30 -12.23
CA ASP A 26 -2.14 -3.55 -13.26
C ASP A 26 -3.45 -2.94 -12.77
N GLU A 27 -4.25 -3.74 -12.06
CA GLU A 27 -5.54 -3.26 -11.58
C GLU A 27 -5.39 -2.22 -10.47
N LEU A 28 -4.52 -2.50 -9.51
CA LEU A 28 -4.31 -1.57 -8.41
C LEU A 28 -3.72 -0.27 -8.93
N ARG A 29 -2.75 -0.39 -9.82
CA ARG A 29 -2.10 0.77 -10.39
C ARG A 29 -3.11 1.64 -11.12
N GLN A 30 -4.00 1.01 -11.90
CA GLN A 30 -5.03 1.75 -12.62
C GLN A 30 -5.88 2.54 -11.64
N ASP A 31 -6.26 1.87 -10.55
CA ASP A 31 -7.06 2.50 -9.50
C ASP A 31 -6.26 3.60 -8.82
N LEU A 32 -4.95 3.41 -8.77
CA LEU A 32 -4.04 4.38 -8.15
C LEU A 32 -3.82 5.56 -9.10
N LYS A 33 -3.66 5.25 -10.38
CA LYS A 33 -3.42 6.29 -11.37
C LYS A 33 -4.61 7.24 -11.45
N GLY A 34 -5.81 6.68 -11.36
CA GLY A 34 -7.01 7.48 -11.41
C GLY A 34 -7.18 8.36 -10.17
N LYS A 35 -6.42 8.05 -9.13
CA LYS A 35 -6.50 8.80 -7.88
C LYS A 35 -5.48 9.93 -7.86
N GLY A 36 -4.52 9.89 -8.78
CA GLY A 36 -3.49 10.92 -8.85
C GLY A 36 -2.12 10.41 -8.44
N HIS A 37 -2.01 9.10 -8.19
CA HIS A 37 -0.74 8.51 -7.81
C HIS A 37 0.12 8.23 -9.03
N THR A 38 1.40 8.57 -8.94
CA THR A 38 2.33 8.36 -10.05
C THR A 38 2.83 6.92 -10.09
N ASP A 39 3.25 6.47 -11.27
CA ASP A 39 3.75 5.11 -11.44
C ASP A 39 4.95 4.85 -10.53
N ALA A 40 5.79 5.86 -10.37
CA ALA A 40 6.98 5.74 -9.53
C ALA A 40 6.59 5.44 -8.08
N GLU A 41 5.62 6.19 -7.57
CA GLU A 41 5.15 6.01 -6.21
C GLU A 41 4.49 4.64 -6.03
N ILE A 42 3.71 4.24 -7.03
CA ILE A 42 3.03 2.96 -6.99
C ILE A 42 4.02 1.81 -7.08
N GLU A 43 5.03 1.97 -7.94
CA GLU A 43 6.04 0.93 -8.13
C GLU A 43 6.89 0.77 -6.87
N ALA A 44 7.13 1.87 -6.17
CA ALA A 44 7.92 1.83 -4.94
C ALA A 44 7.15 1.07 -3.87
N ILE A 45 5.89 1.47 -3.68
CA ILE A 45 5.02 0.83 -2.70
C ILE A 45 4.83 -0.64 -3.04
N PHE A 46 4.54 -0.91 -4.31
CA PHE A 46 4.32 -2.27 -4.77
C PHE A 46 5.59 -3.13 -4.68
N THR A 47 6.72 -2.57 -5.09
CA THR A 47 7.98 -3.31 -5.03
C THR A 47 8.42 -3.55 -3.60
N LYS A 48 8.32 -2.51 -2.79
CA LYS A 48 8.73 -2.57 -1.40
C LYS A 48 7.91 -3.58 -0.60
N TYR A 49 6.60 -3.62 -0.86
CA TYR A 49 5.72 -4.54 -0.16
C TYR A 49 5.67 -5.91 -0.85
N ASP A 50 5.68 -5.91 -2.19
CA ASP A 50 5.63 -7.17 -2.96
C ASP A 50 6.91 -7.97 -2.79
N GLN A 51 7.20 -8.38 -1.55
CA GLN A 51 8.40 -9.16 -1.26
C GLN A 51 8.49 -10.39 -2.17
N ASP A 52 7.37 -11.10 -2.31
CA ASP A 52 7.34 -12.29 -3.15
C ASP A 52 7.45 -11.94 -4.64
N GLY A 53 7.29 -10.65 -4.96
CA GLY A 53 7.37 -10.21 -6.34
C GLY A 53 6.48 -11.00 -7.28
N ASP A 54 5.23 -11.23 -6.86
CA ASP A 54 4.29 -11.98 -7.68
C ASP A 54 3.40 -11.04 -8.49
N GLN A 55 3.87 -9.80 -8.67
CA GLN A 55 3.13 -8.80 -9.43
C GLN A 55 1.69 -8.67 -8.93
N GLU A 56 1.46 -9.02 -7.67
CA GLU A 56 0.13 -8.94 -7.10
C GLU A 56 0.17 -8.56 -5.63
N LEU A 57 -0.71 -7.65 -5.23
CA LEU A 57 -0.81 -7.21 -3.85
C LEU A 57 -2.07 -7.77 -3.22
N THR A 58 -1.92 -8.42 -2.07
CA THR A 58 -3.06 -9.02 -1.39
C THR A 58 -3.32 -8.36 -0.03
N GLU A 59 -4.52 -8.58 0.49
CA GLU A 59 -4.93 -8.03 1.78
C GLU A 59 -3.86 -8.29 2.84
N HIS A 60 -3.12 -9.38 2.67
CA HIS A 60 -2.05 -9.73 3.60
C HIS A 60 -0.92 -8.72 3.53
N GLU A 61 -0.50 -8.42 2.29
CA GLU A 61 0.59 -7.46 2.07
C GLU A 61 0.18 -6.08 2.58
N HIS A 62 -1.08 -5.72 2.37
CA HIS A 62 -1.58 -4.42 2.81
C HIS A 62 -1.64 -4.35 4.33
N GLN A 63 -1.94 -5.49 4.96
CA GLN A 63 -2.03 -5.54 6.42
C GLN A 63 -0.71 -5.09 7.04
N GLN A 64 0.39 -5.33 6.34
CA GLN A 64 1.71 -4.95 6.82
C GLN A 64 1.86 -3.43 6.80
N MET A 65 1.18 -2.79 5.86
CA MET A 65 1.23 -1.33 5.73
C MET A 65 0.82 -0.65 7.04
N ARG A 66 -0.30 -1.08 7.59
CA ARG A 66 -0.82 -0.50 8.83
C ARG A 66 0.11 -0.80 10.00
N ASP A 67 0.59 -2.04 10.09
CA ASP A 67 1.48 -2.44 11.17
C ASP A 67 2.82 -1.73 11.07
N ASP A 68 3.39 -1.72 9.86
CA ASP A 68 4.67 -1.08 9.63
C ASP A 68 4.62 0.41 9.96
N LEU A 69 3.54 1.07 9.56
CA LEU A 69 3.37 2.49 9.82
C LEU A 69 3.45 2.80 11.31
N GLU A 70 2.92 1.90 12.13
CA GLU A 70 2.94 2.08 13.57
C GLU A 70 4.32 1.79 14.14
N LYS A 71 5.05 0.89 13.48
CA LYS A 71 6.39 0.51 13.93
C LYS A 71 7.34 1.70 13.82
N GLU A 72 7.14 2.53 12.81
CA GLU A 72 7.98 3.70 12.59
C GLU A 72 7.61 4.81 13.57
N ARG A 73 6.32 5.01 13.76
CA ARG A 73 5.83 6.04 14.68
C ARG A 73 4.90 5.44 15.73
N GLU A 74 5.45 5.18 16.91
CA GLU A 74 4.67 4.60 18.01
C GLU A 74 3.93 5.69 18.78
N ASP A 75 2.83 5.31 19.42
CA ASP A 75 2.03 6.25 20.19
C ASP A 75 1.23 5.53 21.27
N LEU A 76 1.91 4.76 22.11
CA LEU A 76 1.26 4.00 23.17
C LEU A 76 0.22 3.04 22.61
N ASP A 77 -0.98 3.54 22.36
CA ASP A 77 -2.06 2.72 21.83
C ASP A 77 -3.07 3.58 21.06
N LEU A 78 -2.74 3.88 19.81
CA LEU A 78 -3.61 4.71 18.97
C LEU A 78 -5.00 4.08 18.86
N ASP A 79 -5.05 2.84 18.40
CA ASP A 79 -6.31 2.12 18.23
C ASP A 79 -7.24 2.87 17.28
N GLY A 1 5.78 8.91 9.64
CA GLY A 1 7.03 9.29 10.36
C GLY A 1 8.15 9.62 9.38
N GLY A 2 9.06 8.68 9.18
CA GLY A 2 10.17 8.89 8.27
C GLY A 2 10.43 7.70 7.37
N SER A 3 9.53 6.73 7.36
CA SER A 3 9.68 5.53 6.54
C SER A 3 8.57 5.44 5.51
N LEU A 4 7.33 5.42 5.99
CA LEU A 4 6.17 5.34 5.11
C LEU A 4 5.14 6.40 5.49
N LYS A 5 4.35 6.81 4.51
CA LYS A 5 3.32 7.83 4.73
C LYS A 5 1.95 7.19 4.86
N LYS A 6 1.24 7.52 5.93
CA LYS A 6 -0.09 6.98 6.17
C LYS A 6 -1.04 7.32 5.03
N ASN A 7 -0.75 8.42 4.34
CA ASN A 7 -1.59 8.84 3.22
C ASN A 7 -1.51 7.85 2.06
N THR A 8 -0.40 7.11 1.99
CA THR A 8 -0.23 6.13 0.93
C THR A 8 -1.15 4.94 1.14
N VAL A 9 -1.13 4.40 2.35
CA VAL A 9 -1.96 3.25 2.67
C VAL A 9 -3.44 3.54 2.39
N ASP A 10 -3.84 4.79 2.60
CA ASP A 10 -5.22 5.18 2.37
C ASP A 10 -5.64 5.01 0.91
N ASP A 11 -4.78 5.45 -0.01
CA ASP A 11 -5.09 5.31 -1.44
C ASP A 11 -5.07 3.85 -1.85
N ILE A 12 -4.10 3.10 -1.35
CA ILE A 12 -3.99 1.69 -1.66
C ILE A 12 -5.11 0.91 -0.99
N SER A 13 -5.44 1.31 0.23
CA SER A 13 -6.49 0.65 1.01
C SER A 13 -7.83 0.69 0.29
N GLU A 14 -8.21 1.87 -0.19
CA GLU A 14 -9.49 2.02 -0.88
C GLU A 14 -9.54 1.16 -2.14
N SER A 15 -8.50 1.26 -2.95
CA SER A 15 -8.43 0.50 -4.20
C SER A 15 -8.44 -1.00 -3.93
N LEU A 16 -7.80 -1.41 -2.85
CA LEU A 16 -7.75 -2.82 -2.49
C LEU A 16 -9.12 -3.34 -2.05
N ARG A 17 -9.84 -2.50 -1.31
CA ARG A 17 -11.16 -2.87 -0.82
C ARG A 17 -12.16 -2.97 -1.96
N GLN A 18 -11.96 -2.17 -3.00
CA GLN A 18 -12.85 -2.17 -4.15
C GLN A 18 -12.75 -3.49 -4.92
N GLY A 19 -11.57 -4.10 -4.90
CA GLY A 19 -11.38 -5.35 -5.60
C GLY A 19 -11.53 -6.58 -4.71
N GLY A 20 -11.83 -6.35 -3.43
CA GLY A 20 -12.01 -7.46 -2.51
C GLY A 20 -10.74 -7.76 -1.74
N GLY A 21 -10.10 -6.72 -1.20
CA GLY A 21 -8.88 -6.89 -0.44
C GLY A 21 -7.80 -7.62 -1.20
N LYS A 22 -7.93 -7.70 -2.53
CA LYS A 22 -6.95 -8.38 -3.36
C LYS A 22 -6.96 -7.82 -4.78
N LEU A 23 -5.80 -7.39 -5.25
CA LEU A 23 -5.68 -6.83 -6.59
C LEU A 23 -4.26 -6.98 -7.11
N ASN A 24 -4.11 -6.95 -8.43
CA ASN A 24 -2.81 -7.09 -9.06
C ASN A 24 -2.21 -5.73 -9.40
N PHE A 25 -0.93 -5.74 -9.77
CA PHE A 25 -0.20 -4.52 -10.11
C PHE A 25 -0.98 -3.64 -11.09
N ASP A 26 -1.50 -4.26 -12.14
CA ASP A 26 -2.24 -3.54 -13.17
C ASP A 26 -3.55 -2.93 -12.66
N GLU A 27 -4.31 -3.69 -11.90
CA GLU A 27 -5.60 -3.22 -11.40
C GLU A 27 -5.45 -2.15 -10.32
N LEU A 28 -4.57 -2.38 -9.37
CA LEU A 28 -4.35 -1.41 -8.31
C LEU A 28 -3.77 -0.14 -8.86
N ARG A 29 -2.81 -0.28 -9.78
CA ARG A 29 -2.16 0.85 -10.38
C ARG A 29 -3.16 1.70 -11.16
N GLN A 30 -4.03 1.07 -11.96
CA GLN A 30 -5.03 1.83 -12.71
C GLN A 30 -5.95 2.58 -11.75
N ASP A 31 -6.29 1.91 -10.65
CA ASP A 31 -7.12 2.51 -9.62
C ASP A 31 -6.37 3.64 -8.92
N LEU A 32 -5.05 3.48 -8.84
CA LEU A 32 -4.18 4.47 -8.21
C LEU A 32 -3.97 5.66 -9.14
N LYS A 33 -3.74 5.36 -10.42
CA LYS A 33 -3.50 6.40 -11.41
C LYS A 33 -4.72 7.31 -11.55
N GLY A 34 -5.91 6.72 -11.49
CA GLY A 34 -7.13 7.49 -11.61
C GLY A 34 -7.32 8.49 -10.48
N LYS A 35 -6.49 8.40 -9.46
CA LYS A 35 -6.57 9.31 -8.32
C LYS A 35 -5.47 10.36 -8.36
N GLY A 36 -4.51 10.20 -9.27
CA GLY A 36 -3.42 11.15 -9.38
C GLY A 36 -2.10 10.60 -8.86
N HIS A 37 -2.08 9.33 -8.50
CA HIS A 37 -0.87 8.70 -7.98
C HIS A 37 0.11 8.41 -9.12
N THR A 38 1.37 8.81 -8.92
CA THR A 38 2.40 8.61 -9.93
C THR A 38 2.83 7.15 -9.99
N ASP A 39 3.16 6.68 -11.20
CA ASP A 39 3.58 5.29 -11.39
C ASP A 39 4.81 4.98 -10.54
N ALA A 40 5.73 5.94 -10.45
CA ALA A 40 6.94 5.74 -9.67
C ALA A 40 6.62 5.45 -8.20
N GLU A 41 5.72 6.26 -7.64
CA GLU A 41 5.32 6.10 -6.25
C GLU A 41 4.65 4.75 -6.04
N ILE A 42 3.84 4.35 -7.01
CA ILE A 42 3.13 3.08 -6.94
C ILE A 42 4.10 1.91 -7.04
N GLU A 43 5.10 2.02 -7.91
CA GLU A 43 6.08 0.97 -8.09
C GLU A 43 6.93 0.80 -6.82
N ALA A 44 7.22 1.91 -6.15
CA ALA A 44 8.00 1.85 -4.92
C ALA A 44 7.20 1.13 -3.84
N ILE A 45 5.97 1.57 -3.67
CA ILE A 45 5.06 0.97 -2.69
C ILE A 45 4.85 -0.51 -3.00
N PHE A 46 4.54 -0.79 -4.26
CA PHE A 46 4.29 -2.16 -4.70
C PHE A 46 5.53 -3.04 -4.61
N THR A 47 6.68 -2.52 -5.01
CA THR A 47 7.93 -3.28 -4.96
C THR A 47 8.33 -3.49 -3.50
N LYS A 48 8.23 -2.41 -2.73
CA LYS A 48 8.59 -2.42 -1.33
C LYS A 48 7.80 -3.47 -0.56
N TYR A 49 6.49 -3.53 -0.81
CA TYR A 49 5.63 -4.48 -0.13
C TYR A 49 5.61 -5.84 -0.84
N ASP A 50 5.58 -5.84 -2.17
CA ASP A 50 5.54 -7.10 -2.93
C ASP A 50 6.87 -7.84 -2.83
N GLN A 51 7.22 -8.25 -1.62
CA GLN A 51 8.47 -8.98 -1.38
C GLN A 51 8.46 -10.31 -2.12
N ASP A 52 7.27 -10.79 -2.47
CA ASP A 52 7.14 -12.06 -3.18
C ASP A 52 7.36 -11.88 -4.68
N GLY A 53 7.34 -10.63 -5.14
CA GLY A 53 7.54 -10.36 -6.55
C GLY A 53 6.53 -11.07 -7.44
N ASP A 54 5.32 -11.28 -6.92
CA ASP A 54 4.28 -11.95 -7.68
C ASP A 54 3.42 -10.95 -8.45
N GLN A 55 3.90 -9.70 -8.54
CA GLN A 55 3.18 -8.65 -9.24
C GLN A 55 1.74 -8.53 -8.76
N GLU A 56 1.49 -8.91 -7.51
CA GLU A 56 0.16 -8.84 -6.95
C GLU A 56 0.19 -8.50 -5.47
N LEU A 57 -0.73 -7.63 -5.05
CA LEU A 57 -0.83 -7.22 -3.66
C LEU A 57 -2.10 -7.80 -3.03
N THR A 58 -1.95 -8.47 -1.90
CA THR A 58 -3.09 -9.09 -1.24
C THR A 58 -3.28 -8.56 0.18
N GLU A 59 -4.36 -8.98 0.81
CA GLU A 59 -4.69 -8.57 2.17
C GLU A 59 -3.53 -8.81 3.13
N HIS A 60 -2.72 -9.83 2.83
CA HIS A 60 -1.57 -10.16 3.67
C HIS A 60 -0.52 -9.07 3.60
N GLU A 61 -0.14 -8.69 2.37
CA GLU A 61 0.86 -7.65 2.17
C GLU A 61 0.38 -6.32 2.72
N HIS A 62 -0.92 -6.06 2.57
CA HIS A 62 -1.52 -4.82 3.06
C HIS A 62 -1.54 -4.80 4.59
N GLN A 63 -1.72 -5.96 5.20
CA GLN A 63 -1.77 -6.04 6.65
C GLN A 63 -0.49 -5.49 7.27
N GLN A 64 0.66 -5.90 6.73
CA GLN A 64 1.94 -5.43 7.23
C GLN A 64 2.09 -3.93 7.00
N MET A 65 1.48 -3.43 5.94
CA MET A 65 1.53 -2.01 5.61
C MET A 65 1.02 -1.15 6.77
N ARG A 66 -0.18 -1.48 7.25
CA ARG A 66 -0.78 -0.74 8.35
C ARG A 66 0.06 -0.90 9.62
N ASP A 67 0.52 -2.11 9.88
CA ASP A 67 1.33 -2.40 11.05
C ASP A 67 2.67 -1.70 10.98
N ASP A 68 3.31 -1.77 9.81
CA ASP A 68 4.60 -1.14 9.60
C ASP A 68 4.52 0.37 9.80
N LEU A 69 3.39 0.95 9.39
CA LEU A 69 3.18 2.39 9.53
C LEU A 69 3.11 2.80 11.00
N GLU A 70 2.52 1.95 11.82
CA GLU A 70 2.40 2.22 13.25
C GLU A 70 3.72 2.06 13.97
N LYS A 71 4.60 1.22 13.41
CA LYS A 71 5.91 0.97 14.00
C LYS A 71 6.83 2.17 13.82
N GLU A 72 6.57 2.95 12.76
CA GLU A 72 7.38 4.13 12.46
C GLU A 72 6.77 5.38 13.10
N ARG A 73 5.44 5.41 13.18
CA ARG A 73 4.73 6.55 13.75
C ARG A 73 4.56 6.40 15.26
N GLU A 74 5.42 5.59 15.89
CA GLU A 74 5.34 5.37 17.33
C GLU A 74 6.63 4.75 17.85
N ASP A 75 7.16 3.79 17.10
CA ASP A 75 8.39 3.10 17.50
C ASP A 75 8.22 2.38 18.83
N LEU A 76 6.97 2.13 19.21
CA LEU A 76 6.67 1.44 20.46
C LEU A 76 6.65 -0.07 20.27
N ASP A 77 5.58 -0.56 19.66
CA ASP A 77 5.43 -1.98 19.42
C ASP A 77 5.48 -2.77 20.73
N LEU A 78 4.32 -3.09 21.27
CA LEU A 78 4.23 -3.84 22.52
C LEU A 78 2.97 -4.69 22.56
N ASP A 79 3.05 -5.87 21.93
CA ASP A 79 1.91 -6.78 21.89
C ASP A 79 0.72 -6.14 21.19
N GLY A 1 13.82 9.58 0.04
CA GLY A 1 13.07 9.07 1.22
C GLY A 1 11.87 8.23 0.82
N GLY A 2 11.94 6.94 1.10
CA GLY A 2 10.84 6.04 0.76
C GLY A 2 9.96 5.74 1.95
N SER A 3 9.90 6.67 2.90
CA SER A 3 9.07 6.51 4.09
C SER A 3 7.60 6.29 3.72
N LEU A 4 6.80 5.94 4.71
CA LEU A 4 5.37 5.70 4.49
C LEU A 4 4.54 6.57 5.42
N LYS A 5 3.40 7.04 4.92
CA LYS A 5 2.50 7.88 5.70
C LYS A 5 1.07 7.35 5.67
N LYS A 6 0.29 7.73 6.67
CA LYS A 6 -1.11 7.28 6.74
C LYS A 6 -1.89 7.71 5.50
N ASN A 7 -1.38 8.73 4.81
CA ASN A 7 -2.04 9.23 3.60
C ASN A 7 -1.91 8.24 2.45
N THR A 8 -0.82 7.47 2.46
CA THR A 8 -0.59 6.48 1.40
C THR A 8 -1.50 5.29 1.57
N VAL A 9 -1.54 4.74 2.79
CA VAL A 9 -2.36 3.57 3.09
C VAL A 9 -3.82 3.83 2.72
N ASP A 10 -4.27 5.06 2.92
CA ASP A 10 -5.64 5.42 2.60
C ASP A 10 -5.91 5.28 1.11
N ASP A 11 -4.90 5.63 0.30
CA ASP A 11 -5.01 5.54 -1.14
C ASP A 11 -4.99 4.09 -1.61
N ILE A 12 -4.04 3.31 -1.09
CA ILE A 12 -3.92 1.91 -1.43
C ILE A 12 -5.06 1.09 -0.84
N SER A 13 -5.46 1.45 0.39
CA SER A 13 -6.53 0.75 1.09
C SER A 13 -7.87 0.91 0.37
N GLU A 14 -8.20 2.14 0.01
CA GLU A 14 -9.47 2.40 -0.67
C GLU A 14 -9.56 1.62 -1.98
N SER A 15 -8.52 1.70 -2.78
CA SER A 15 -8.48 0.99 -4.06
C SER A 15 -8.41 -0.52 -3.82
N LEU A 16 -7.74 -0.90 -2.73
CA LEU A 16 -7.60 -2.30 -2.37
C LEU A 16 -8.95 -2.90 -1.96
N ARG A 17 -9.71 -2.11 -1.20
CA ARG A 17 -11.02 -2.54 -0.72
C ARG A 17 -12.00 -2.65 -1.89
N GLN A 18 -11.82 -1.80 -2.89
CA GLN A 18 -12.70 -1.80 -4.06
C GLN A 18 -12.48 -3.04 -4.92
N GLY A 19 -11.25 -3.53 -4.94
CA GLY A 19 -10.93 -4.70 -5.73
C GLY A 19 -11.33 -6.01 -5.06
N GLY A 20 -11.69 -5.94 -3.78
CA GLY A 20 -12.10 -7.14 -3.06
C GLY A 20 -10.98 -7.75 -2.24
N GLY A 21 -10.12 -6.92 -1.68
CA GLY A 21 -9.03 -7.42 -0.86
C GLY A 21 -7.79 -7.78 -1.66
N LYS A 22 -7.97 -8.51 -2.75
CA LYS A 22 -6.84 -8.91 -3.59
C LYS A 22 -6.87 -8.21 -4.94
N LEU A 23 -5.71 -7.68 -5.35
CA LEU A 23 -5.59 -6.99 -6.63
C LEU A 23 -4.18 -7.14 -7.19
N ASN A 24 -4.08 -7.14 -8.52
CA ASN A 24 -2.79 -7.28 -9.19
C ASN A 24 -2.19 -5.92 -9.50
N PHE A 25 -0.91 -5.91 -9.85
CA PHE A 25 -0.19 -4.68 -10.18
C PHE A 25 -0.98 -3.80 -11.14
N ASP A 26 -1.55 -4.43 -12.17
CA ASP A 26 -2.30 -3.70 -13.19
C ASP A 26 -3.60 -3.09 -12.66
N GLU A 27 -4.37 -3.87 -11.91
CA GLU A 27 -5.64 -3.39 -11.39
C GLU A 27 -5.48 -2.34 -10.29
N LEU A 28 -4.59 -2.61 -9.35
CA LEU A 28 -4.35 -1.66 -8.27
C LEU A 28 -3.76 -0.37 -8.82
N ARG A 29 -2.78 -0.51 -9.69
CA ARG A 29 -2.13 0.64 -10.30
C ARG A 29 -3.15 1.49 -11.03
N GLN A 30 -4.04 0.84 -11.79
CA GLN A 30 -5.08 1.57 -12.53
C GLN A 30 -5.92 2.37 -11.56
N ASP A 31 -6.29 1.74 -10.46
CA ASP A 31 -7.09 2.40 -9.42
C ASP A 31 -6.28 3.50 -8.75
N LEU A 32 -4.97 3.30 -8.68
CA LEU A 32 -4.07 4.27 -8.08
C LEU A 32 -3.82 5.43 -9.04
N LYS A 33 -3.66 5.11 -10.31
CA LYS A 33 -3.39 6.13 -11.31
C LYS A 33 -4.58 7.08 -11.42
N GLY A 34 -5.78 6.53 -11.34
CA GLY A 34 -6.98 7.35 -11.42
C GLY A 34 -7.13 8.29 -10.24
N LYS A 35 -6.34 8.04 -9.19
CA LYS A 35 -6.38 8.88 -8.00
C LYS A 35 -5.33 9.99 -8.06
N GLY A 36 -4.39 9.87 -8.99
CA GLY A 36 -3.34 10.87 -9.13
C GLY A 36 -1.98 10.37 -8.71
N HIS A 37 -1.88 9.06 -8.46
CA HIS A 37 -0.60 8.47 -8.05
C HIS A 37 0.28 8.17 -9.26
N THR A 38 1.55 8.51 -9.16
CA THR A 38 2.49 8.29 -10.25
C THR A 38 2.98 6.84 -10.25
N ASP A 39 3.41 6.37 -11.42
CA ASP A 39 3.90 5.01 -11.57
C ASP A 39 5.09 4.75 -10.64
N ALA A 40 5.94 5.76 -10.48
CA ALA A 40 7.12 5.65 -9.63
C ALA A 40 6.72 5.38 -8.18
N GLU A 41 5.74 6.14 -7.70
CA GLU A 41 5.27 5.99 -6.33
C GLU A 41 4.57 4.65 -6.14
N ILE A 42 3.75 4.27 -7.11
CA ILE A 42 3.02 3.01 -7.04
C ILE A 42 3.98 1.83 -7.14
N GLU A 43 4.98 1.96 -8.01
CA GLU A 43 5.96 0.90 -8.20
C GLU A 43 6.82 0.71 -6.97
N ALA A 44 7.13 1.81 -6.29
CA ALA A 44 7.94 1.75 -5.08
C ALA A 44 7.17 1.04 -3.98
N ILE A 45 5.94 1.48 -3.77
CA ILE A 45 5.07 0.88 -2.75
C ILE A 45 4.84 -0.59 -3.06
N PHE A 46 4.55 -0.88 -4.32
CA PHE A 46 4.29 -2.25 -4.75
C PHE A 46 5.54 -3.12 -4.64
N THR A 47 6.69 -2.58 -5.02
CA THR A 47 7.94 -3.32 -4.93
C THR A 47 8.31 -3.55 -3.47
N LYS A 48 8.17 -2.48 -2.70
CA LYS A 48 8.48 -2.51 -1.28
C LYS A 48 7.68 -3.57 -0.54
N TYR A 49 6.38 -3.64 -0.82
CA TYR A 49 5.51 -4.60 -0.17
C TYR A 49 5.51 -5.95 -0.89
N ASP A 50 5.51 -5.93 -2.23
CA ASP A 50 5.50 -7.18 -3.01
C ASP A 50 6.82 -7.92 -2.89
N GLN A 51 7.14 -8.35 -1.67
CA GLN A 51 8.39 -9.07 -1.42
C GLN A 51 8.40 -10.40 -2.17
N ASP A 52 7.23 -10.89 -2.55
CA ASP A 52 7.12 -12.16 -3.27
C ASP A 52 7.37 -11.97 -4.76
N GLY A 53 7.36 -10.72 -5.22
CA GLY A 53 7.59 -10.43 -6.62
C GLY A 53 6.62 -11.15 -7.54
N ASP A 54 5.40 -11.39 -7.05
CA ASP A 54 4.39 -12.08 -7.84
C ASP A 54 3.50 -11.08 -8.59
N GLN A 55 3.97 -9.84 -8.69
CA GLN A 55 3.22 -8.79 -9.37
C GLN A 55 1.78 -8.71 -8.88
N GLU A 56 1.56 -9.07 -7.61
CA GLU A 56 0.22 -9.03 -7.05
C GLU A 56 0.25 -8.65 -5.58
N LEU A 57 -0.66 -7.76 -5.19
CA LEU A 57 -0.77 -7.31 -3.82
C LEU A 57 -2.01 -7.91 -3.17
N THR A 58 -1.83 -8.57 -2.04
CA THR A 58 -2.94 -9.22 -1.35
C THR A 58 -3.16 -8.64 0.05
N GLU A 59 -4.30 -9.01 0.64
CA GLU A 59 -4.66 -8.54 1.97
C GLU A 59 -3.51 -8.72 2.95
N HIS A 60 -2.70 -9.76 2.72
CA HIS A 60 -1.56 -10.03 3.58
C HIS A 60 -0.51 -8.94 3.46
N GLU A 61 -0.16 -8.60 2.22
CA GLU A 61 0.84 -7.56 1.97
C GLU A 61 0.35 -6.22 2.49
N HIS A 62 -0.93 -5.93 2.29
CA HIS A 62 -1.51 -4.67 2.75
C HIS A 62 -1.52 -4.60 4.27
N GLN A 63 -1.72 -5.74 4.91
CA GLN A 63 -1.74 -5.81 6.38
C GLN A 63 -0.43 -5.31 6.96
N GLN A 64 0.69 -5.68 6.32
CA GLN A 64 2.00 -5.26 6.78
C GLN A 64 2.15 -3.75 6.70
N MET A 65 1.47 -3.14 5.74
CA MET A 65 1.52 -1.69 5.56
C MET A 65 1.10 -0.96 6.83
N ARG A 66 0.00 -1.42 7.43
CA ARG A 66 -0.52 -0.81 8.65
C ARG A 66 0.46 -1.00 9.81
N ASP A 67 1.00 -2.20 9.94
CA ASP A 67 1.94 -2.49 11.02
C ASP A 67 3.23 -1.71 10.85
N ASP A 68 3.76 -1.72 9.64
CA ASP A 68 5.01 -1.00 9.33
C ASP A 68 4.84 0.50 9.57
N LEU A 69 3.66 1.02 9.27
CA LEU A 69 3.38 2.44 9.46
C LEU A 69 3.29 2.80 10.93
N GLU A 70 2.74 1.89 11.72
CA GLU A 70 2.59 2.12 13.16
C GLU A 70 3.93 1.95 13.87
N LYS A 71 4.80 1.13 13.30
CA LYS A 71 6.12 0.90 13.89
C LYS A 71 6.95 2.18 13.86
N GLU A 72 6.63 3.06 12.93
CA GLU A 72 7.34 4.33 12.79
C GLU A 72 7.01 5.27 13.95
N ARG A 73 5.74 5.26 14.37
CA ARG A 73 5.30 6.11 15.47
C ARG A 73 4.68 5.27 16.59
N GLU A 74 3.56 4.64 16.29
CA GLU A 74 2.87 3.80 17.26
C GLU A 74 3.69 2.55 17.59
N ASP A 75 3.02 1.53 18.12
CA ASP A 75 3.70 0.28 18.48
C ASP A 75 4.56 0.46 19.72
N LEU A 76 3.92 0.87 20.82
CA LEU A 76 4.62 1.08 22.08
C LEU A 76 4.19 0.06 23.12
N ASP A 77 2.93 -0.38 23.03
CA ASP A 77 2.39 -1.37 23.96
C ASP A 77 2.12 -2.68 23.25
N LEU A 78 3.11 -3.18 22.53
CA LEU A 78 2.98 -4.44 21.80
C LEU A 78 4.11 -5.40 22.15
N ASP A 79 4.01 -6.00 23.34
CA ASP A 79 5.03 -6.94 23.80
C ASP A 79 4.38 -8.16 24.46
#